data_6JGY
# 
_entry.id   6JGY 
# 
_audit_conform.dict_name       mmcif_pdbx.dic 
_audit_conform.dict_version    5.398 
_audit_conform.dict_location   http://mmcif.pdb.org/dictionaries/ascii/mmcif_pdbx.dic 
# 
loop_
_database_2.database_id 
_database_2.database_code 
_database_2.pdbx_database_accession 
_database_2.pdbx_DOI 
PDB   6JGY         pdb_00006jgy 10.2210/pdb6jgy/pdb 
WWPDB D_1300011103 ?            ?                   
# 
loop_
_pdbx_audit_revision_history.ordinal 
_pdbx_audit_revision_history.data_content_type 
_pdbx_audit_revision_history.major_revision 
_pdbx_audit_revision_history.minor_revision 
_pdbx_audit_revision_history.revision_date 
1 'Structure model' 1 0 2019-09-11 
2 'Structure model' 1 1 2023-11-22 
3 'Structure model' 1 2 2024-11-13 
# 
_pdbx_audit_revision_details.ordinal             1 
_pdbx_audit_revision_details.revision_ordinal    1 
_pdbx_audit_revision_details.data_content_type   'Structure model' 
_pdbx_audit_revision_details.provider            repository 
_pdbx_audit_revision_details.type                'Initial release' 
_pdbx_audit_revision_details.description         ? 
_pdbx_audit_revision_details.details             ? 
# 
loop_
_pdbx_audit_revision_group.ordinal 
_pdbx_audit_revision_group.revision_ordinal 
_pdbx_audit_revision_group.data_content_type 
_pdbx_audit_revision_group.group 
1 2 'Structure model' 'Data collection'        
2 2 'Structure model' 'Database references'    
3 2 'Structure model' 'Refinement description' 
4 3 'Structure model' 'Structure summary'      
# 
loop_
_pdbx_audit_revision_category.ordinal 
_pdbx_audit_revision_category.revision_ordinal 
_pdbx_audit_revision_category.data_content_type 
_pdbx_audit_revision_category.category 
1 2 'Structure model' chem_comp_atom                
2 2 'Structure model' chem_comp_bond                
3 2 'Structure model' database_2                    
4 2 'Structure model' pdbx_initial_refinement_model 
5 3 'Structure model' pdbx_entry_details            
6 3 'Structure model' pdbx_modification_feature     
# 
loop_
_pdbx_audit_revision_item.ordinal 
_pdbx_audit_revision_item.revision_ordinal 
_pdbx_audit_revision_item.data_content_type 
_pdbx_audit_revision_item.item 
1 2 'Structure model' '_database_2.pdbx_DOI'                
2 2 'Structure model' '_database_2.pdbx_database_accession' 
# 
_pdbx_database_status.status_code                     REL 
_pdbx_database_status.status_code_sf                  REL 
_pdbx_database_status.status_code_mr                  ? 
_pdbx_database_status.entry_id                        6JGY 
_pdbx_database_status.recvd_initial_deposition_date   2019-02-15 
_pdbx_database_status.SG_entry                        N 
_pdbx_database_status.deposit_site                    PDBJ 
_pdbx_database_status.process_site                    PDBJ 
_pdbx_database_status.status_code_cs                  ? 
_pdbx_database_status.methods_development_category    ? 
_pdbx_database_status.pdb_format_compatible           Y 
_pdbx_database_status.status_code_nmr_data            ? 
# 
loop_
_audit_author.name 
_audit_author.pdbx_ordinal 
_audit_author.identifier_ORCID 
'Zhu, Y.'   1 ? 
'Zhang, X.' 2 ? 
'Chen, B.'  3 ? 
'Ye, S.'    4 ? 
'Zhang, R.' 5 ? 
# 
_citation.abstract                  ? 
_citation.abstract_id_CAS           ? 
_citation.book_id_ISBN              ? 
_citation.book_publisher            ? 
_citation.book_publisher_city       ? 
_citation.book_title                ? 
_citation.coordinate_linkage        ? 
_citation.country                   CH 
_citation.database_id_Medline       ? 
_citation.details                   ? 
_citation.id                        primary 
_citation.journal_abbrev            'Front Microbiol' 
_citation.journal_id_ASTM           ? 
_citation.journal_id_CSD            ? 
_citation.journal_id_ISSN           1664-302X 
_citation.journal_full              ? 
_citation.journal_issue             ? 
_citation.journal_volume            10 
_citation.language                  ? 
_citation.page_first                1829 
_citation.page_last                 1829 
_citation.title                     
'Crystal Structure of Refolding Fusion Core of Lassa Virus GP2 and Design of Lassa Virus Fusion Inhibitors.' 
_citation.year                      2019 
_citation.database_id_CSD           ? 
_citation.pdbx_database_id_DOI      10.3389/fmicb.2019.01829 
_citation.pdbx_database_id_PubMed   31456769 
_citation.unpublished_flag          ? 
# 
loop_
_citation_author.citation_id 
_citation_author.name 
_citation_author.ordinal 
_citation_author.identifier_ORCID 
primary 'Zhang, X.' 1 ? 
primary 'Wang, C.'  2 ? 
primary 'Chen, B.'  3 ? 
primary 'Wang, Q.'  4 ? 
primary 'Xu, W.'    5 ? 
primary 'Ye, S.'    6 ? 
primary 'Jiang, S.' 7 ? 
primary 'Zhu, Y.'   8 ? 
primary 'Zhang, R.' 9 ? 
# 
_entity.id                         1 
_entity.type                       polymer 
_entity.src_method                 man 
_entity.pdbx_description           'Pre-glycoprotein polyprotein GP complex' 
_entity.formula_weight             15109.193 
_entity.pdbx_number_of_molecules   1 
_entity.pdbx_ec                    ? 
_entity.pdbx_mutation              ? 
_entity.pdbx_fragment              ? 
_entity.details                    ? 
# 
_entity_name_com.entity_id   1 
_entity_name_com.name        GP2,Pre-GP-C 
# 
_entity_poly.entity_id                      1 
_entity_poly.type                           'polypeptide(L)' 
_entity_poly.nstd_linkage                   no 
_entity_poly.nstd_monomer                   no 
_entity_poly.pdbx_seq_one_letter_code       
;GPHMDEEFSDMLRLFDFNKQAIQRLKAEAQMSIQLINKAVNALINDQLIMKNHLRDIMGIPYCNYSKYWYLNHTTTTSLP
KCWLVSNGSYLNETHFSDDIEQQADNMITEMLQKEYMERQGKTPLGLVD
;
_entity_poly.pdbx_seq_one_letter_code_can   
;GPHMDEEFSDMLRLFDFNKQAIQRLKAEAQMSIQLINKAVNALINDQLIMKNHLRDIMGIPYCNYSKYWYLNHTTTTSLP
KCWLVSNGSYLNETHFSDDIEQQADNMITEMLQKEYMERQGKTPLGLVD
;
_entity_poly.pdbx_strand_id                 A 
_entity_poly.pdbx_target_identifier         ? 
# 
loop_
_entity_poly_seq.entity_id 
_entity_poly_seq.num 
_entity_poly_seq.mon_id 
_entity_poly_seq.hetero 
1 1   GLY n 
1 2   PRO n 
1 3   HIS n 
1 4   MET n 
1 5   ASP n 
1 6   GLU n 
1 7   GLU n 
1 8   PHE n 
1 9   SER n 
1 10  ASP n 
1 11  MET n 
1 12  LEU n 
1 13  ARG n 
1 14  LEU n 
1 15  PHE n 
1 16  ASP n 
1 17  PHE n 
1 18  ASN n 
1 19  LYS n 
1 20  GLN n 
1 21  ALA n 
1 22  ILE n 
1 23  GLN n 
1 24  ARG n 
1 25  LEU n 
1 26  LYS n 
1 27  ALA n 
1 28  GLU n 
1 29  ALA n 
1 30  GLN n 
1 31  MET n 
1 32  SER n 
1 33  ILE n 
1 34  GLN n 
1 35  LEU n 
1 36  ILE n 
1 37  ASN n 
1 38  LYS n 
1 39  ALA n 
1 40  VAL n 
1 41  ASN n 
1 42  ALA n 
1 43  LEU n 
1 44  ILE n 
1 45  ASN n 
1 46  ASP n 
1 47  GLN n 
1 48  LEU n 
1 49  ILE n 
1 50  MET n 
1 51  LYS n 
1 52  ASN n 
1 53  HIS n 
1 54  LEU n 
1 55  ARG n 
1 56  ASP n 
1 57  ILE n 
1 58  MET n 
1 59  GLY n 
1 60  ILE n 
1 61  PRO n 
1 62  TYR n 
1 63  CYS n 
1 64  ASN n 
1 65  TYR n 
1 66  SER n 
1 67  LYS n 
1 68  TYR n 
1 69  TRP n 
1 70  TYR n 
1 71  LEU n 
1 72  ASN n 
1 73  HIS n 
1 74  THR n 
1 75  THR n 
1 76  THR n 
1 77  THR n 
1 78  SER n 
1 79  LEU n 
1 80  PRO n 
1 81  LYS n 
1 82  CYS n 
1 83  TRP n 
1 84  LEU n 
1 85  VAL n 
1 86  SER n 
1 87  ASN n 
1 88  GLY n 
1 89  SER n 
1 90  TYR n 
1 91  LEU n 
1 92  ASN n 
1 93  GLU n 
1 94  THR n 
1 95  HIS n 
1 96  PHE n 
1 97  SER n 
1 98  ASP n 
1 99  ASP n 
1 100 ILE n 
1 101 GLU n 
1 102 GLN n 
1 103 GLN n 
1 104 ALA n 
1 105 ASP n 
1 106 ASN n 
1 107 MET n 
1 108 ILE n 
1 109 THR n 
1 110 GLU n 
1 111 MET n 
1 112 LEU n 
1 113 GLN n 
1 114 LYS n 
1 115 GLU n 
1 116 TYR n 
1 117 MET n 
1 118 GLU n 
1 119 ARG n 
1 120 GLN n 
1 121 GLY n 
1 122 LYS n 
1 123 THR n 
1 124 PRO n 
1 125 LEU n 
1 126 GLY n 
1 127 LEU n 
1 128 VAL n 
1 129 ASP n 
# 
_entity_src_gen.entity_id                          1 
_entity_src_gen.pdbx_src_id                        1 
_entity_src_gen.pdbx_alt_source_flag               sample 
_entity_src_gen.pdbx_seq_type                      'Biological sequence' 
_entity_src_gen.pdbx_beg_seq_num                   1 
_entity_src_gen.pdbx_end_seq_num                   129 
_entity_src_gen.gene_src_common_name               ? 
_entity_src_gen.gene_src_genus                     ? 
_entity_src_gen.pdbx_gene_src_gene                 'GP, GPC' 
_entity_src_gen.gene_src_species                   ? 
_entity_src_gen.gene_src_strain                    ? 
_entity_src_gen.gene_src_tissue                    ? 
_entity_src_gen.gene_src_tissue_fraction           ? 
_entity_src_gen.gene_src_details                   ? 
_entity_src_gen.pdbx_gene_src_fragment             ? 
_entity_src_gen.pdbx_gene_src_scientific_name      'Lassa mammarenavirus' 
_entity_src_gen.pdbx_gene_src_ncbi_taxonomy_id     11620 
_entity_src_gen.pdbx_gene_src_variant              ? 
_entity_src_gen.pdbx_gene_src_cell_line            ? 
_entity_src_gen.pdbx_gene_src_atcc                 ? 
_entity_src_gen.pdbx_gene_src_organ                ? 
_entity_src_gen.pdbx_gene_src_organelle            ? 
_entity_src_gen.pdbx_gene_src_cell                 ? 
_entity_src_gen.pdbx_gene_src_cellular_location    ? 
_entity_src_gen.host_org_common_name               ? 
_entity_src_gen.pdbx_host_org_scientific_name      'Escherichia coli' 
_entity_src_gen.pdbx_host_org_ncbi_taxonomy_id     562 
_entity_src_gen.host_org_genus                     ? 
_entity_src_gen.pdbx_host_org_gene                 ? 
_entity_src_gen.pdbx_host_org_organ                ? 
_entity_src_gen.host_org_species                   ? 
_entity_src_gen.pdbx_host_org_tissue               ? 
_entity_src_gen.pdbx_host_org_tissue_fraction      ? 
_entity_src_gen.pdbx_host_org_strain               ? 
_entity_src_gen.pdbx_host_org_variant              ? 
_entity_src_gen.pdbx_host_org_cell_line            ? 
_entity_src_gen.pdbx_host_org_atcc                 ? 
_entity_src_gen.pdbx_host_org_culture_collection   ? 
_entity_src_gen.pdbx_host_org_cell                 ? 
_entity_src_gen.pdbx_host_org_organelle            ? 
_entity_src_gen.pdbx_host_org_cellular_location    ? 
_entity_src_gen.pdbx_host_org_vector_type          ? 
_entity_src_gen.pdbx_host_org_vector               ? 
_entity_src_gen.host_org_details                   ? 
_entity_src_gen.expression_system_id               ? 
_entity_src_gen.plasmid_name                       ? 
_entity_src_gen.plasmid_details                    ? 
_entity_src_gen.pdbx_description                   ? 
# 
loop_
_chem_comp.id 
_chem_comp.type 
_chem_comp.mon_nstd_flag 
_chem_comp.name 
_chem_comp.pdbx_synonyms 
_chem_comp.formula 
_chem_comp.formula_weight 
ALA 'L-peptide linking' y ALANINE         ? 'C3 H7 N O2'     89.093  
ARG 'L-peptide linking' y ARGININE        ? 'C6 H15 N4 O2 1' 175.209 
ASN 'L-peptide linking' y ASPARAGINE      ? 'C4 H8 N2 O3'    132.118 
ASP 'L-peptide linking' y 'ASPARTIC ACID' ? 'C4 H7 N O4'     133.103 
CYS 'L-peptide linking' y CYSTEINE        ? 'C3 H7 N O2 S'   121.158 
GLN 'L-peptide linking' y GLUTAMINE       ? 'C5 H10 N2 O3'   146.144 
GLU 'L-peptide linking' y 'GLUTAMIC ACID' ? 'C5 H9 N O4'     147.129 
GLY 'peptide linking'   y GLYCINE         ? 'C2 H5 N O2'     75.067  
HIS 'L-peptide linking' y HISTIDINE       ? 'C6 H10 N3 O2 1' 156.162 
ILE 'L-peptide linking' y ISOLEUCINE      ? 'C6 H13 N O2'    131.173 
LEU 'L-peptide linking' y LEUCINE         ? 'C6 H13 N O2'    131.173 
LYS 'L-peptide linking' y LYSINE          ? 'C6 H15 N2 O2 1' 147.195 
MET 'L-peptide linking' y METHIONINE      ? 'C5 H11 N O2 S'  149.211 
PHE 'L-peptide linking' y PHENYLALANINE   ? 'C9 H11 N O2'    165.189 
PRO 'L-peptide linking' y PROLINE         ? 'C5 H9 N O2'     115.130 
SER 'L-peptide linking' y SERINE          ? 'C3 H7 N O3'     105.093 
THR 'L-peptide linking' y THREONINE       ? 'C4 H9 N O3'     119.119 
TRP 'L-peptide linking' y TRYPTOPHAN      ? 'C11 H12 N2 O2'  204.225 
TYR 'L-peptide linking' y TYROSINE        ? 'C9 H11 N O3'    181.189 
VAL 'L-peptide linking' y VALINE          ? 'C5 H11 N O2'    117.146 
# 
loop_
_pdbx_poly_seq_scheme.asym_id 
_pdbx_poly_seq_scheme.entity_id 
_pdbx_poly_seq_scheme.seq_id 
_pdbx_poly_seq_scheme.mon_id 
_pdbx_poly_seq_scheme.ndb_seq_num 
_pdbx_poly_seq_scheme.pdb_seq_num 
_pdbx_poly_seq_scheme.auth_seq_num 
_pdbx_poly_seq_scheme.pdb_mon_id 
_pdbx_poly_seq_scheme.auth_mon_id 
_pdbx_poly_seq_scheme.pdb_strand_id 
_pdbx_poly_seq_scheme.pdb_ins_code 
_pdbx_poly_seq_scheme.hetero 
A 1 1   GLY 1   302 ?   ?   ?   A . n 
A 1 2   PRO 2   303 ?   ?   ?   A . n 
A 1 3   HIS 3   304 ?   ?   ?   A . n 
A 1 4   MET 4   305 ?   ?   ?   A . n 
A 1 5   ASP 5   306 306 ASP ASP A . n 
A 1 6   GLU 6   307 307 GLU GLU A . n 
A 1 7   GLU 7   308 308 GLU GLU A . n 
A 1 8   PHE 8   309 309 PHE PHE A . n 
A 1 9   SER 9   310 310 SER SER A . n 
A 1 10  ASP 10  311 311 ASP ASP A . n 
A 1 11  MET 11  312 312 MET MET A . n 
A 1 12  LEU 12  313 313 LEU LEU A . n 
A 1 13  ARG 13  314 314 ARG ARG A . n 
A 1 14  LEU 14  315 315 LEU LEU A . n 
A 1 15  PHE 15  316 316 PHE PHE A . n 
A 1 16  ASP 16  317 317 ASP ASP A . n 
A 1 17  PHE 17  318 318 PHE PHE A . n 
A 1 18  ASN 18  319 319 ASN ASN A . n 
A 1 19  LYS 19  320 320 LYS LYS A . n 
A 1 20  GLN 20  321 321 GLN GLN A . n 
A 1 21  ALA 21  322 322 ALA ALA A . n 
A 1 22  ILE 22  323 323 ILE ILE A . n 
A 1 23  GLN 23  324 324 GLN GLN A . n 
A 1 24  ARG 24  325 325 ARG ARG A . n 
A 1 25  LEU 25  326 326 LEU LEU A . n 
A 1 26  LYS 26  327 327 LYS LYS A . n 
A 1 27  ALA 27  328 328 ALA ALA A . n 
A 1 28  GLU 28  329 329 GLU GLU A . n 
A 1 29  ALA 29  330 330 ALA ALA A . n 
A 1 30  GLN 30  331 331 GLN GLN A . n 
A 1 31  MET 31  332 332 MET MET A . n 
A 1 32  SER 32  333 333 SER SER A . n 
A 1 33  ILE 33  334 334 ILE ILE A . n 
A 1 34  GLN 34  335 335 GLN GLN A . n 
A 1 35  LEU 35  336 336 LEU LEU A . n 
A 1 36  ILE 36  337 337 ILE ILE A . n 
A 1 37  ASN 37  338 338 ASN ASN A . n 
A 1 38  LYS 38  339 339 LYS LYS A . n 
A 1 39  ALA 39  340 340 ALA ALA A . n 
A 1 40  VAL 40  341 341 VAL VAL A . n 
A 1 41  ASN 41  342 342 ASN ASN A . n 
A 1 42  ALA 42  343 343 ALA ALA A . n 
A 1 43  LEU 43  344 344 LEU LEU A . n 
A 1 44  ILE 44  345 345 ILE ILE A . n 
A 1 45  ASN 45  346 346 ASN ASN A . n 
A 1 46  ASP 46  347 347 ASP ASP A . n 
A 1 47  GLN 47  348 348 GLN GLN A . n 
A 1 48  LEU 48  349 349 LEU LEU A . n 
A 1 49  ILE 49  350 350 ILE ILE A . n 
A 1 50  MET 50  351 351 MET MET A . n 
A 1 51  LYS 51  352 352 LYS LYS A . n 
A 1 52  ASN 52  353 353 ASN ASN A . n 
A 1 53  HIS 53  354 354 HIS HIS A . n 
A 1 54  LEU 54  355 355 LEU LEU A . n 
A 1 55  ARG 55  356 356 ARG ARG A . n 
A 1 56  ASP 56  357 357 ASP ASP A . n 
A 1 57  ILE 57  358 358 ILE ILE A . n 
A 1 58  MET 58  359 359 MET MET A . n 
A 1 59  GLY 59  360 360 GLY GLY A . n 
A 1 60  ILE 60  361 361 ILE ILE A . n 
A 1 61  PRO 61  362 362 PRO PRO A . n 
A 1 62  TYR 62  363 363 TYR TYR A . n 
A 1 63  CYS 63  364 364 CYS CYS A . n 
A 1 64  ASN 64  365 365 ASN ASN A . n 
A 1 65  TYR 65  366 366 TYR TYR A . n 
A 1 66  SER 66  367 367 SER SER A . n 
A 1 67  LYS 67  368 368 LYS LYS A . n 
A 1 68  TYR 68  369 369 TYR TYR A . n 
A 1 69  TRP 69  370 370 TRP TRP A . n 
A 1 70  TYR 70  371 371 TYR TYR A . n 
A 1 71  LEU 71  372 372 LEU LEU A . n 
A 1 72  ASN 72  373 373 ASN ASN A . n 
A 1 73  HIS 73  374 374 HIS HIS A . n 
A 1 74  THR 74  375 ?   ?   ?   A . n 
A 1 75  THR 75  376 ?   ?   ?   A . n 
A 1 76  THR 76  377 ?   ?   ?   A . n 
A 1 77  THR 77  378 ?   ?   ?   A . n 
A 1 78  SER 78  379 ?   ?   ?   A . n 
A 1 79  LEU 79  380 ?   ?   ?   A . n 
A 1 80  PRO 80  381 381 PRO PRO A . n 
A 1 81  LYS 81  382 382 LYS LYS A . n 
A 1 82  CYS 82  383 383 CYS CYS A . n 
A 1 83  TRP 83  384 384 TRP TRP A . n 
A 1 84  LEU 84  385 385 LEU LEU A . n 
A 1 85  VAL 85  386 386 VAL VAL A . n 
A 1 86  SER 86  387 387 SER SER A . n 
A 1 87  ASN 87  388 388 ASN ASN A . n 
A 1 88  GLY 88  389 389 GLY GLY A . n 
A 1 89  SER 89  390 390 SER SER A . n 
A 1 90  TYR 90  391 391 TYR TYR A . n 
A 1 91  LEU 91  392 392 LEU LEU A . n 
A 1 92  ASN 92  393 393 ASN ASN A . n 
A 1 93  GLU 93  394 394 GLU GLU A . n 
A 1 94  THR 94  395 395 THR THR A . n 
A 1 95  HIS 95  396 396 HIS HIS A . n 
A 1 96  PHE 96  397 397 PHE PHE A . n 
A 1 97  SER 97  398 398 SER SER A . n 
A 1 98  ASP 98  399 399 ASP ASP A . n 
A 1 99  ASP 99  400 400 ASP ASP A . n 
A 1 100 ILE 100 401 401 ILE ILE A . n 
A 1 101 GLU 101 402 402 GLU GLU A . n 
A 1 102 GLN 102 403 403 GLN GLN A . n 
A 1 103 GLN 103 404 404 GLN GLN A . n 
A 1 104 ALA 104 405 405 ALA ALA A . n 
A 1 105 ASP 105 406 406 ASP ASP A . n 
A 1 106 ASN 106 407 407 ASN ASN A . n 
A 1 107 MET 107 408 408 MET MET A . n 
A 1 108 ILE 108 409 409 ILE ILE A . n 
A 1 109 THR 109 410 410 THR THR A . n 
A 1 110 GLU 110 411 411 GLU GLU A . n 
A 1 111 MET 111 412 412 MET MET A . n 
A 1 112 LEU 112 413 413 LEU LEU A . n 
A 1 113 GLN 113 414 414 GLN GLN A . n 
A 1 114 LYS 114 415 415 LYS LYS A . n 
A 1 115 GLU 115 416 416 GLU GLU A . n 
A 1 116 TYR 116 417 ?   ?   ?   A . n 
A 1 117 MET 117 418 ?   ?   ?   A . n 
A 1 118 GLU 118 419 ?   ?   ?   A . n 
A 1 119 ARG 119 420 ?   ?   ?   A . n 
A 1 120 GLN 120 421 ?   ?   ?   A . n 
A 1 121 GLY 121 422 ?   ?   ?   A . n 
A 1 122 LYS 122 423 ?   ?   ?   A . n 
A 1 123 THR 123 424 ?   ?   ?   A . n 
A 1 124 PRO 124 425 ?   ?   ?   A . n 
A 1 125 LEU 125 426 ?   ?   ?   A . n 
A 1 126 GLY 126 427 ?   ?   ?   A . n 
A 1 127 LEU 127 428 ?   ?   ?   A . n 
A 1 128 VAL 128 429 ?   ?   ?   A . n 
A 1 129 ASP 129 430 ?   ?   ?   A . n 
# 
loop_
_software.citation_id 
_software.classification 
_software.compiler_name 
_software.compiler_version 
_software.contact_author 
_software.contact_author_email 
_software.date 
_software.description 
_software.dependencies 
_software.hardware 
_software.language 
_software.location 
_software.mods 
_software.name 
_software.os 
_software.os_version 
_software.type 
_software.version 
_software.pdbx_ordinal 
? refinement       ? ? ? ? ? ? ? ? ? ? ? PHENIX   ? ? ? '(1.11.1_2575: ???)' 1 
? 'data reduction' ? ? ? ? ? ? ? ? ? ? ? HKL-2000 ? ? ? .                    2 
? 'data scaling'   ? ? ? ? ? ? ? ? ? ? ? HKL-2000 ? ? ? .                    3 
? phasing          ? ? ? ? ? ? ? ? ? ? ? PHASER   ? ? ? .                    4 
# 
_cell.angle_alpha                  90.00 
_cell.angle_alpha_esd              ? 
_cell.angle_beta                   90.00 
_cell.angle_beta_esd               ? 
_cell.angle_gamma                  120.00 
_cell.angle_gamma_esd              ? 
_cell.entry_id                     6JGY 
_cell.details                      ? 
_cell.formula_units_Z              ? 
_cell.length_a                     58.713 
_cell.length_a_esd                 ? 
_cell.length_b                     58.713 
_cell.length_b_esd                 ? 
_cell.length_c                     286.580 
_cell.length_c_esd                 ? 
_cell.volume                       ? 
_cell.volume_esd                   ? 
_cell.Z_PDB                        18 
_cell.reciprocal_angle_alpha       ? 
_cell.reciprocal_angle_beta        ? 
_cell.reciprocal_angle_gamma       ? 
_cell.reciprocal_angle_alpha_esd   ? 
_cell.reciprocal_angle_beta_esd    ? 
_cell.reciprocal_angle_gamma_esd   ? 
_cell.reciprocal_length_a          ? 
_cell.reciprocal_length_b          ? 
_cell.reciprocal_length_c          ? 
_cell.reciprocal_length_a_esd      ? 
_cell.reciprocal_length_b_esd      ? 
_cell.reciprocal_length_c_esd      ? 
_cell.pdbx_unique_axis             ? 
# 
_symmetry.entry_id                         6JGY 
_symmetry.cell_setting                     ? 
_symmetry.Int_Tables_number                155 
_symmetry.space_group_name_Hall            ? 
_symmetry.space_group_name_H-M             'H 3 2' 
_symmetry.pdbx_full_space_group_name_H-M   ? 
# 
_exptl.absorpt_coefficient_mu     ? 
_exptl.absorpt_correction_T_max   ? 
_exptl.absorpt_correction_T_min   ? 
_exptl.absorpt_correction_type    ? 
_exptl.absorpt_process_details    ? 
_exptl.entry_id                   6JGY 
_exptl.crystals_number            1 
_exptl.details                    ? 
_exptl.method                     'X-RAY DIFFRACTION' 
_exptl.method_details             ? 
# 
_exptl_crystal.colour                      ? 
_exptl_crystal.density_diffrn              ? 
_exptl_crystal.density_Matthews            3.15 
_exptl_crystal.density_method              ? 
_exptl_crystal.density_percent_sol         60.90 
_exptl_crystal.description                 ? 
_exptl_crystal.F_000                       ? 
_exptl_crystal.id                          1 
_exptl_crystal.preparation                 ? 
_exptl_crystal.size_max                    ? 
_exptl_crystal.size_mid                    ? 
_exptl_crystal.size_min                    ? 
_exptl_crystal.size_rad                    ? 
_exptl_crystal.colour_lustre               ? 
_exptl_crystal.colour_modifier             ? 
_exptl_crystal.colour_primary              ? 
_exptl_crystal.density_meas                ? 
_exptl_crystal.density_meas_esd            ? 
_exptl_crystal.density_meas_gt             ? 
_exptl_crystal.density_meas_lt             ? 
_exptl_crystal.density_meas_temp           ? 
_exptl_crystal.density_meas_temp_esd       ? 
_exptl_crystal.density_meas_temp_gt        ? 
_exptl_crystal.density_meas_temp_lt        ? 
_exptl_crystal.pdbx_crystal_image_url      ? 
_exptl_crystal.pdbx_crystal_image_format   ? 
_exptl_crystal.pdbx_mosaicity              ? 
_exptl_crystal.pdbx_mosaicity_esd          ? 
# 
_exptl_crystal_grow.apparatus       ? 
_exptl_crystal_grow.atmosphere      ? 
_exptl_crystal_grow.crystal_id      1 
_exptl_crystal_grow.details         ? 
_exptl_crystal_grow.method          'VAPOR DIFFUSION, HANGING DROP' 
_exptl_crystal_grow.method_ref      ? 
_exptl_crystal_grow.pH              ? 
_exptl_crystal_grow.pressure        ? 
_exptl_crystal_grow.pressure_esd    ? 
_exptl_crystal_grow.seeding         ? 
_exptl_crystal_grow.seeding_ref     ? 
_exptl_crystal_grow.temp            289 
_exptl_crystal_grow.temp_details    ? 
_exptl_crystal_grow.temp_esd        ? 
_exptl_crystal_grow.time            ? 
_exptl_crystal_grow.pdbx_details    
;0.17 M Ammonium Acetate,
0.085 M Sodium Citrate:HCl, pH 5.6, 
25.5% (w/v) PEG 4000, 15% (v/v) Glycerol
;
_exptl_crystal_grow.pdbx_pH_range   ? 
# 
_diffrn.ambient_environment              ? 
_diffrn.ambient_temp                     100 
_diffrn.ambient_temp_details             ? 
_diffrn.ambient_temp_esd                 ? 
_diffrn.crystal_id                       1 
_diffrn.crystal_support                  ? 
_diffrn.crystal_treatment                ? 
_diffrn.details                          ? 
_diffrn.id                               1 
_diffrn.ambient_pressure                 ? 
_diffrn.ambient_pressure_esd             ? 
_diffrn.ambient_pressure_gt              ? 
_diffrn.ambient_pressure_lt              ? 
_diffrn.ambient_temp_gt                  ? 
_diffrn.ambient_temp_lt                  ? 
_diffrn.pdbx_serial_crystal_experiment   N 
# 
_diffrn_detector.details                      ? 
_diffrn_detector.detector                     PIXEL 
_diffrn_detector.diffrn_id                    1 
_diffrn_detector.type                         'DECTRIS PILATUS 2M' 
_diffrn_detector.area_resol_mean              ? 
_diffrn_detector.dtime                        ? 
_diffrn_detector.pdbx_frames_total            ? 
_diffrn_detector.pdbx_collection_time_total   ? 
_diffrn_detector.pdbx_collection_date         2018-05-27 
_diffrn_detector.pdbx_frequency               ? 
# 
_diffrn_radiation.collimation                      ? 
_diffrn_radiation.diffrn_id                        1 
_diffrn_radiation.filter_edge                      ? 
_diffrn_radiation.inhomogeneity                    ? 
_diffrn_radiation.monochromator                    ? 
_diffrn_radiation.polarisn_norm                    ? 
_diffrn_radiation.polarisn_ratio                   ? 
_diffrn_radiation.probe                            ? 
_diffrn_radiation.type                             ? 
_diffrn_radiation.xray_symbol                      ? 
_diffrn_radiation.wavelength_id                    1 
_diffrn_radiation.pdbx_monochromatic_or_laue_m_l   M 
_diffrn_radiation.pdbx_wavelength_list             ? 
_diffrn_radiation.pdbx_wavelength                  ? 
_diffrn_radiation.pdbx_diffrn_protocol             'SINGLE WAVELENGTH' 
_diffrn_radiation.pdbx_analyzer                    ? 
_diffrn_radiation.pdbx_scattering_type             x-ray 
# 
_diffrn_radiation_wavelength.id           1 
_diffrn_radiation_wavelength.wavelength   0.97930 
_diffrn_radiation_wavelength.wt           1.0 
# 
_diffrn_source.current                     ? 
_diffrn_source.details                     ? 
_diffrn_source.diffrn_id                   1 
_diffrn_source.power                       ? 
_diffrn_source.size                        ? 
_diffrn_source.source                      SYNCHROTRON 
_diffrn_source.target                      ? 
_diffrn_source.type                        'SSRF BEAMLINE BL18U1' 
_diffrn_source.voltage                     ? 
_diffrn_source.take-off_angle              ? 
_diffrn_source.pdbx_wavelength_list        0.97930 
_diffrn_source.pdbx_wavelength             ? 
_diffrn_source.pdbx_synchrotron_beamline   BL18U1 
_diffrn_source.pdbx_synchrotron_site       SSRF 
# 
_reflns.B_iso_Wilson_estimate            ? 
_reflns.entry_id                         6JGY 
_reflns.data_reduction_details           ? 
_reflns.data_reduction_method            ? 
_reflns.d_resolution_high                3.389 
_reflns.d_resolution_low                 38.037 
_reflns.details                          ? 
_reflns.limit_h_max                      ? 
_reflns.limit_h_min                      ? 
_reflns.limit_k_max                      ? 
_reflns.limit_k_min                      ? 
_reflns.limit_l_max                      ? 
_reflns.limit_l_min                      ? 
_reflns.number_all                       ? 
_reflns.number_obs                       2839 
_reflns.observed_criterion               ? 
_reflns.observed_criterion_F_max         ? 
_reflns.observed_criterion_F_min         ? 
_reflns.observed_criterion_I_max         ? 
_reflns.observed_criterion_I_min         ? 
_reflns.observed_criterion_sigma_F       ? 
_reflns.observed_criterion_sigma_I       ? 
_reflns.percent_possible_obs             98.1 
_reflns.R_free_details                   ? 
_reflns.Rmerge_F_all                     ? 
_reflns.Rmerge_F_obs                     ? 
_reflns.Friedel_coverage                 ? 
_reflns.number_gt                        ? 
_reflns.threshold_expression             ? 
_reflns.pdbx_redundancy                  6.3 
_reflns.pdbx_Rmerge_I_obs                ? 
_reflns.pdbx_Rmerge_I_all                ? 
_reflns.pdbx_Rsym_value                  ? 
_reflns.pdbx_netI_over_av_sigmaI         ? 
_reflns.pdbx_netI_over_sigmaI            19.15 
_reflns.pdbx_res_netI_over_av_sigmaI_2   ? 
_reflns.pdbx_res_netI_over_sigmaI_2      ? 
_reflns.pdbx_chi_squared                 ? 
_reflns.pdbx_scaling_rejects             ? 
_reflns.pdbx_d_res_high_opt              ? 
_reflns.pdbx_d_res_low_opt               ? 
_reflns.pdbx_d_res_opt_method            ? 
_reflns.phase_calculation_details        ? 
_reflns.pdbx_Rrim_I_all                  ? 
_reflns.pdbx_Rpim_I_all                  ? 
_reflns.pdbx_d_opt                       ? 
_reflns.pdbx_number_measured_all         ? 
_reflns.pdbx_diffrn_id                   1 
_reflns.pdbx_ordinal                     1 
_reflns.pdbx_CC_half                     ? 
_reflns.pdbx_R_split                     ? 
# 
_reflns_shell.d_res_high                  3.40 
_reflns_shell.d_res_low                   3.48 
_reflns_shell.meanI_over_sigI_all         ? 
_reflns_shell.meanI_over_sigI_obs         ? 
_reflns_shell.number_measured_all         ? 
_reflns_shell.number_measured_obs         ? 
_reflns_shell.number_possible             ? 
_reflns_shell.number_unique_all           ? 
_reflns_shell.number_unique_obs           ? 
_reflns_shell.percent_possible_all        ? 
_reflns_shell.percent_possible_obs        ? 
_reflns_shell.Rmerge_F_all                ? 
_reflns_shell.Rmerge_F_obs                ? 
_reflns_shell.Rmerge_I_all                ? 
_reflns_shell.Rmerge_I_obs                ? 
_reflns_shell.meanI_over_sigI_gt          ? 
_reflns_shell.meanI_over_uI_all           ? 
_reflns_shell.meanI_over_uI_gt            ? 
_reflns_shell.number_measured_gt          ? 
_reflns_shell.number_unique_gt            ? 
_reflns_shell.percent_possible_gt         ? 
_reflns_shell.Rmerge_F_gt                 ? 
_reflns_shell.Rmerge_I_gt                 ? 
_reflns_shell.pdbx_redundancy             ? 
_reflns_shell.pdbx_Rsym_value             ? 
_reflns_shell.pdbx_chi_squared            ? 
_reflns_shell.pdbx_netI_over_sigmaI_all   ? 
_reflns_shell.pdbx_netI_over_sigmaI_obs   ? 
_reflns_shell.pdbx_Rrim_I_all             ? 
_reflns_shell.pdbx_Rpim_I_all             ? 
_reflns_shell.pdbx_rejects                ? 
_reflns_shell.pdbx_ordinal                1 
_reflns_shell.pdbx_diffrn_id              1 
_reflns_shell.pdbx_CC_half                ? 
_reflns_shell.pdbx_R_split                ? 
# 
_refine.aniso_B[1][1]                            ? 
_refine.aniso_B[1][2]                            ? 
_refine.aniso_B[1][3]                            ? 
_refine.aniso_B[2][2]                            ? 
_refine.aniso_B[2][3]                            ? 
_refine.aniso_B[3][3]                            ? 
_refine.B_iso_max                                ? 
_refine.B_iso_mean                               ? 
_refine.B_iso_min                                ? 
_refine.correlation_coeff_Fo_to_Fc               ? 
_refine.correlation_coeff_Fo_to_Fc_free          ? 
_refine.details                                  ? 
_refine.diff_density_max                         ? 
_refine.diff_density_max_esd                     ? 
_refine.diff_density_min                         ? 
_refine.diff_density_min_esd                     ? 
_refine.diff_density_rms                         ? 
_refine.diff_density_rms_esd                     ? 
_refine.entry_id                                 6JGY 
_refine.pdbx_refine_id                           'X-RAY DIFFRACTION' 
_refine.ls_abs_structure_details                 ? 
_refine.ls_abs_structure_Flack                   ? 
_refine.ls_abs_structure_Flack_esd               ? 
_refine.ls_abs_structure_Rogers                  ? 
_refine.ls_abs_structure_Rogers_esd              ? 
_refine.ls_d_res_high                            3.389 
_refine.ls_d_res_low                             38.037 
_refine.ls_extinction_coef                       ? 
_refine.ls_extinction_coef_esd                   ? 
_refine.ls_extinction_expression                 ? 
_refine.ls_extinction_method                     ? 
_refine.ls_goodness_of_fit_all                   ? 
_refine.ls_goodness_of_fit_all_esd               ? 
_refine.ls_goodness_of_fit_obs                   ? 
_refine.ls_goodness_of_fit_obs_esd               ? 
_refine.ls_hydrogen_treatment                    ? 
_refine.ls_matrix_type                           ? 
_refine.ls_number_constraints                    ? 
_refine.ls_number_parameters                     ? 
_refine.ls_number_reflns_all                     ? 
_refine.ls_number_reflns_obs                     2839 
_refine.ls_number_reflns_R_free                  135 
_refine.ls_number_reflns_R_work                  ? 
_refine.ls_number_restraints                     ? 
_refine.ls_percent_reflns_obs                    97.93 
_refine.ls_percent_reflns_R_free                 4.76 
_refine.ls_R_factor_all                          ? 
_refine.ls_R_factor_obs                          0.2346 
_refine.ls_R_factor_R_free                       0.2739 
_refine.ls_R_factor_R_free_error                 ? 
_refine.ls_R_factor_R_free_error_details         ? 
_refine.ls_R_factor_R_work                       0.2327 
_refine.ls_R_Fsqd_factor_obs                     ? 
_refine.ls_R_I_factor_obs                        ? 
_refine.ls_redundancy_reflns_all                 ? 
_refine.ls_redundancy_reflns_obs                 ? 
_refine.ls_restrained_S_all                      ? 
_refine.ls_restrained_S_obs                      ? 
_refine.ls_shift_over_esd_max                    ? 
_refine.ls_shift_over_esd_mean                   ? 
_refine.ls_structure_factor_coef                 ? 
_refine.ls_weighting_details                     ? 
_refine.ls_weighting_scheme                      ? 
_refine.ls_wR_factor_all                         ? 
_refine.ls_wR_factor_obs                         ? 
_refine.ls_wR_factor_R_free                      ? 
_refine.ls_wR_factor_R_work                      ? 
_refine.occupancy_max                            ? 
_refine.occupancy_min                            ? 
_refine.solvent_model_details                    ? 
_refine.solvent_model_param_bsol                 ? 
_refine.solvent_model_param_ksol                 ? 
_refine.ls_R_factor_gt                           ? 
_refine.ls_goodness_of_fit_gt                    ? 
_refine.ls_goodness_of_fit_ref                   ? 
_refine.ls_shift_over_su_max                     ? 
_refine.ls_shift_over_su_max_lt                  ? 
_refine.ls_shift_over_su_mean                    ? 
_refine.ls_shift_over_su_mean_lt                 ? 
_refine.pdbx_ls_sigma_I                          ? 
_refine.pdbx_ls_sigma_F                          1.38 
_refine.pdbx_ls_sigma_Fsqd                       ? 
_refine.pdbx_data_cutoff_high_absF               ? 
_refine.pdbx_data_cutoff_high_rms_absF           ? 
_refine.pdbx_data_cutoff_low_absF                ? 
_refine.pdbx_isotropic_thermal_model             ? 
_refine.pdbx_ls_cross_valid_method               'FREE R-VALUE' 
_refine.pdbx_method_to_determine_struct          'MOLECULAR REPLACEMENT' 
_refine.pdbx_starting_model                      5OMI 
_refine.pdbx_stereochemistry_target_values       ? 
_refine.pdbx_R_Free_selection_details            ? 
_refine.pdbx_stereochem_target_val_spec_case     ? 
_refine.pdbx_overall_ESU_R                       ? 
_refine.pdbx_overall_ESU_R_Free                  ? 
_refine.pdbx_solvent_vdw_probe_radii             1.11 
_refine.pdbx_solvent_ion_probe_radii             ? 
_refine.pdbx_solvent_shrinkage_radii             0.90 
_refine.pdbx_real_space_R                        ? 
_refine.pdbx_density_correlation                 ? 
_refine.pdbx_pd_number_of_powder_patterns        ? 
_refine.pdbx_pd_number_of_points                 ? 
_refine.pdbx_pd_meas_number_of_points            ? 
_refine.pdbx_pd_proc_ls_prof_R_factor            ? 
_refine.pdbx_pd_proc_ls_prof_wR_factor           ? 
_refine.pdbx_pd_Marquardt_correlation_coeff      ? 
_refine.pdbx_pd_Fsqrd_R_factor                   ? 
_refine.pdbx_pd_ls_matrix_band_width             ? 
_refine.pdbx_overall_phase_error                 19.80 
_refine.pdbx_overall_SU_R_free_Cruickshank_DPI   ? 
_refine.pdbx_overall_SU_R_free_Blow_DPI          ? 
_refine.pdbx_overall_SU_R_Blow_DPI               ? 
_refine.pdbx_TLS_residual_ADP_flag               ? 
_refine.pdbx_diffrn_id                           1 
_refine.overall_SU_B                             ? 
_refine.overall_SU_ML                            0.19 
_refine.overall_SU_R_Cruickshank_DPI             ? 
_refine.overall_SU_R_free                        ? 
_refine.overall_FOM_free_R_set                   ? 
_refine.overall_FOM_work_R_set                   ? 
_refine.pdbx_average_fsc_overall                 ? 
_refine.pdbx_average_fsc_work                    ? 
_refine.pdbx_average_fsc_free                    ? 
# 
_refine_hist.pdbx_refine_id                   'X-RAY DIFFRACTION' 
_refine_hist.cycle_id                         LAST 
_refine_hist.pdbx_number_atoms_protein        873 
_refine_hist.pdbx_number_atoms_nucleic_acid   0 
_refine_hist.pdbx_number_atoms_ligand         0 
_refine_hist.number_atoms_solvent             0 
_refine_hist.number_atoms_total               873 
_refine_hist.d_res_high                       3.389 
_refine_hist.d_res_low                        38.037 
# 
loop_
_refine_ls_restr.pdbx_refine_id 
_refine_ls_restr.criterion 
_refine_ls_restr.dev_ideal 
_refine_ls_restr.dev_ideal_target 
_refine_ls_restr.number 
_refine_ls_restr.rejects 
_refine_ls_restr.type 
_refine_ls_restr.weight 
_refine_ls_restr.pdbx_restraint_function 
'X-RAY DIFFRACTION' ? 0.010 ? 890  ? f_bond_d           ? ? 
'X-RAY DIFFRACTION' ? 1.214 ? 1197 ? f_angle_d          ? ? 
'X-RAY DIFFRACTION' ? 2.712 ? 542  ? f_dihedral_angle_d ? ? 
'X-RAY DIFFRACTION' ? 0.063 ? 127  ? f_chiral_restr     ? ? 
'X-RAY DIFFRACTION' ? 0.006 ? 154  ? f_plane_restr      ? ? 
# 
_refine_ls_shell.pdbx_refine_id                   'X-RAY DIFFRACTION' 
_refine_ls_shell.d_res_high                       3.389 
_refine_ls_shell.d_res_low                        ? 
_refine_ls_shell.number_reflns_all                ? 
_refine_ls_shell.number_reflns_obs                ? 
_refine_ls_shell.number_reflns_R_free             135 
_refine_ls_shell.number_reflns_R_work             2704 
_refine_ls_shell.percent_reflns_obs               98.00 
_refine_ls_shell.percent_reflns_R_free            ? 
_refine_ls_shell.R_factor_all                     ? 
_refine_ls_shell.R_factor_obs                     ? 
_refine_ls_shell.R_factor_R_free                  0.2739 
_refine_ls_shell.R_factor_R_free_error            ? 
_refine_ls_shell.R_factor_R_work                  0.2327 
_refine_ls_shell.redundancy_reflns_all            ? 
_refine_ls_shell.redundancy_reflns_obs            ? 
_refine_ls_shell.wR_factor_all                    ? 
_refine_ls_shell.wR_factor_obs                    ? 
_refine_ls_shell.wR_factor_R_free                 ? 
_refine_ls_shell.wR_factor_R_work                 ? 
_refine_ls_shell.pdbx_total_number_of_bins_used   ? 
_refine_ls_shell.pdbx_phase_error                 ? 
_refine_ls_shell.pdbx_fsc_work                    ? 
_refine_ls_shell.pdbx_fsc_free                    ? 
# 
_struct.entry_id                     6JGY 
_struct.title                        'Crystal structure of LASV-GP2 in a post fusion conformation' 
_struct.pdbx_model_details           ? 
_struct.pdbx_formula_weight          ? 
_struct.pdbx_formula_weight_method   ? 
_struct.pdbx_model_type_details      ? 
_struct.pdbx_CASP_flag               N 
# 
_struct_keywords.entry_id        6JGY 
_struct_keywords.text            'LASV, GP2, VIRAL PROTEIN' 
_struct_keywords.pdbx_keywords   'VIRAL PROTEIN' 
# 
_struct_asym.id                            A 
_struct_asym.pdbx_blank_PDB_chainid_flag   N 
_struct_asym.pdbx_modified                 N 
_struct_asym.entity_id                     1 
_struct_asym.details                       ? 
# 
_struct_ref.id                         1 
_struct_ref.db_name                    UNP 
_struct_ref.db_code                    Q6GWS0_9VIRU 
_struct_ref.pdbx_db_accession          Q6GWS0 
_struct_ref.pdbx_db_isoform            ? 
_struct_ref.entity_id                  1 
_struct_ref.pdbx_seq_one_letter_code   
;DEEFCDMLRLFDFNKQAIQRLKAEAQMSIQLINKAVNALINDQLIMKNHLRDIMGIPYCNYSKYWYLNHTTTGRTSLPKC
WLVSNGSYLNETHFSDDIEQQADNMITEMLQKEYMERQGKTPLGLVD
;
_struct_ref.pdbx_align_begin           306 
# 
_struct_ref_seq.align_id                      1 
_struct_ref_seq.ref_id                        1 
_struct_ref_seq.pdbx_PDB_id_code              6JGY 
_struct_ref_seq.pdbx_strand_id                A 
_struct_ref_seq.seq_align_beg                 5 
_struct_ref_seq.pdbx_seq_align_beg_ins_code   ? 
_struct_ref_seq.seq_align_end                 129 
_struct_ref_seq.pdbx_seq_align_end_ins_code   ? 
_struct_ref_seq.pdbx_db_accession             Q6GWS0 
_struct_ref_seq.db_align_beg                  306 
_struct_ref_seq.pdbx_db_align_beg_ins_code    ? 
_struct_ref_seq.db_align_end                  432 
_struct_ref_seq.pdbx_db_align_end_ins_code    ? 
_struct_ref_seq.pdbx_auth_seq_align_beg       306 
_struct_ref_seq.pdbx_auth_seq_align_end       430 
# 
loop_
_struct_ref_seq_dif.align_id 
_struct_ref_seq_dif.pdbx_pdb_id_code 
_struct_ref_seq_dif.mon_id 
_struct_ref_seq_dif.pdbx_pdb_strand_id 
_struct_ref_seq_dif.seq_num 
_struct_ref_seq_dif.pdbx_pdb_ins_code 
_struct_ref_seq_dif.pdbx_seq_db_name 
_struct_ref_seq_dif.pdbx_seq_db_accession_code 
_struct_ref_seq_dif.db_mon_id 
_struct_ref_seq_dif.pdbx_seq_db_seq_num 
_struct_ref_seq_dif.details 
_struct_ref_seq_dif.pdbx_auth_seq_num 
_struct_ref_seq_dif.pdbx_ordinal 
1 6JGY GLY A 1 ? UNP Q6GWS0 ?   ?   'expression tag' 302 1 
1 6JGY PRO A 2 ? UNP Q6GWS0 ?   ?   'expression tag' 303 2 
1 6JGY HIS A 3 ? UNP Q6GWS0 ?   ?   'expression tag' 304 3 
1 6JGY MET A 4 ? UNP Q6GWS0 ?   ?   'expression tag' 305 4 
1 6JGY SER A 9 ? UNP Q6GWS0 CYS 310 conflict         310 5 
1 6JGY ?   A ? ? UNP Q6GWS0 GLY 378 deletion         ?   6 
1 6JGY ?   A ? ? UNP Q6GWS0 ARG 379 deletion         ?   7 
# 
_pdbx_struct_assembly.id                   1 
_pdbx_struct_assembly.details              author_and_software_defined_assembly 
_pdbx_struct_assembly.method_details       PISA 
_pdbx_struct_assembly.oligomeric_details   trimeric 
_pdbx_struct_assembly.oligomeric_count     3 
# 
loop_
_pdbx_struct_assembly_prop.biol_id 
_pdbx_struct_assembly_prop.type 
_pdbx_struct_assembly_prop.value 
_pdbx_struct_assembly_prop.details 
1 'ABSA (A^2)' 9350  ? 
1 MORE         -95   ? 
1 'SSA (A^2)'  17970 ? 
# 
_pdbx_struct_assembly_gen.assembly_id       1 
_pdbx_struct_assembly_gen.oper_expression   1,2,3 
_pdbx_struct_assembly_gen.asym_id_list      A 
# 
_pdbx_struct_assembly_auth_evidence.id                     1 
_pdbx_struct_assembly_auth_evidence.assembly_id            1 
_pdbx_struct_assembly_auth_evidence.experimental_support   'gel filtration' 
_pdbx_struct_assembly_auth_evidence.details                ? 
# 
loop_
_pdbx_struct_oper_list.id 
_pdbx_struct_oper_list.type 
_pdbx_struct_oper_list.name 
_pdbx_struct_oper_list.symmetry_operation 
_pdbx_struct_oper_list.matrix[1][1] 
_pdbx_struct_oper_list.matrix[1][2] 
_pdbx_struct_oper_list.matrix[1][3] 
_pdbx_struct_oper_list.vector[1] 
_pdbx_struct_oper_list.matrix[2][1] 
_pdbx_struct_oper_list.matrix[2][2] 
_pdbx_struct_oper_list.matrix[2][3] 
_pdbx_struct_oper_list.vector[2] 
_pdbx_struct_oper_list.matrix[3][1] 
_pdbx_struct_oper_list.matrix[3][2] 
_pdbx_struct_oper_list.matrix[3][3] 
_pdbx_struct_oper_list.vector[3] 
1 'identity operation'         1_555 x,y,z         1.0000000000 0.0000000000  0.0000000000  0.0000000000 0.0000000000  1.0000000000  0.0000000000  0.0000000000 0.0000000000  0.0000000000  1.0000000000  0.0000000000  
2 'crystal symmetry operation' 2_645 -y+1,x-y-1,z  0.7689750888 -0.6321807327 0.0949991263  4.5699183713 -0.3603633694 -0.3059174283 0.8812223153  9.5996002088 -0.5280298805 -0.7118722135 -0.4630576605 4.7807195054  
3 'crystal symmetry operation' 3_765 -x+y+2,-x+1,z 0.7689750888 -0.3603633694 -0.5280298805 2.4695536401 -0.6321807327 -0.3059174283 -0.7118722135 9.2289607306 0.0949991263  0.8812223153  -0.4630576605 -6.6797713858 
# 
loop_
_struct_conf.conf_type_id 
_struct_conf.id 
_struct_conf.pdbx_PDB_helix_id 
_struct_conf.beg_label_comp_id 
_struct_conf.beg_label_asym_id 
_struct_conf.beg_label_seq_id 
_struct_conf.pdbx_beg_PDB_ins_code 
_struct_conf.end_label_comp_id 
_struct_conf.end_label_asym_id 
_struct_conf.end_label_seq_id 
_struct_conf.pdbx_end_PDB_ins_code 
_struct_conf.beg_auth_comp_id 
_struct_conf.beg_auth_asym_id 
_struct_conf.beg_auth_seq_id 
_struct_conf.end_auth_comp_id 
_struct_conf.end_auth_asym_id 
_struct_conf.end_auth_seq_id 
_struct_conf.pdbx_PDB_helix_class 
_struct_conf.details 
_struct_conf.pdbx_PDB_helix_length 
HELX_P HELX_P1 AA1 GLU A 6  ? LEU A 54  ? GLU A 307 LEU A 355 1 ? 49 
HELX_P HELX_P2 AA2 ARG A 55 ? MET A 58  ? ARG A 356 MET A 359 5 ? 4  
HELX_P HELX_P3 AA3 TYR A 65 ? TYR A 70  ? TYR A 366 TYR A 371 5 ? 6  
HELX_P HELX_P4 AA4 ASP A 99 ? GLN A 113 ? ASP A 400 GLN A 414 1 ? 15 
# 
_struct_conf_type.id          HELX_P 
_struct_conf_type.criteria    ? 
_struct_conf_type.reference   ? 
# 
_struct_conn.id                            disulf1 
_struct_conn.conn_type_id                  disulf 
_struct_conn.pdbx_leaving_atom_flag        ? 
_struct_conn.pdbx_PDB_id                   ? 
_struct_conn.ptnr1_label_asym_id           A 
_struct_conn.ptnr1_label_comp_id           CYS 
_struct_conn.ptnr1_label_seq_id            63 
_struct_conn.ptnr1_label_atom_id           SG 
_struct_conn.pdbx_ptnr1_label_alt_id       ? 
_struct_conn.pdbx_ptnr1_PDB_ins_code       ? 
_struct_conn.pdbx_ptnr1_standard_comp_id   ? 
_struct_conn.ptnr1_symmetry                1_555 
_struct_conn.ptnr2_label_asym_id           A 
_struct_conn.ptnr2_label_comp_id           CYS 
_struct_conn.ptnr2_label_seq_id            82 
_struct_conn.ptnr2_label_atom_id           SG 
_struct_conn.pdbx_ptnr2_label_alt_id       ? 
_struct_conn.pdbx_ptnr2_PDB_ins_code       ? 
_struct_conn.ptnr1_auth_asym_id            A 
_struct_conn.ptnr1_auth_comp_id            CYS 
_struct_conn.ptnr1_auth_seq_id             364 
_struct_conn.ptnr2_auth_asym_id            A 
_struct_conn.ptnr2_auth_comp_id            CYS 
_struct_conn.ptnr2_auth_seq_id             383 
_struct_conn.ptnr2_symmetry                1_555 
_struct_conn.pdbx_ptnr3_label_atom_id      ? 
_struct_conn.pdbx_ptnr3_label_seq_id       ? 
_struct_conn.pdbx_ptnr3_label_comp_id      ? 
_struct_conn.pdbx_ptnr3_label_asym_id      ? 
_struct_conn.pdbx_ptnr3_label_alt_id       ? 
_struct_conn.pdbx_ptnr3_PDB_ins_code       ? 
_struct_conn.details                       ? 
_struct_conn.pdbx_dist_value               2.043 
_struct_conn.pdbx_value_order              ? 
_struct_conn.pdbx_role                     ? 
# 
_struct_conn_type.id          disulf 
_struct_conn_type.criteria    ? 
_struct_conn_type.reference   ? 
# 
_pdbx_modification_feature.ordinal                            1 
_pdbx_modification_feature.label_comp_id                      CYS 
_pdbx_modification_feature.label_asym_id                      A 
_pdbx_modification_feature.label_seq_id                       63 
_pdbx_modification_feature.label_alt_id                       ? 
_pdbx_modification_feature.modified_residue_label_comp_id     CYS 
_pdbx_modification_feature.modified_residue_label_asym_id     A 
_pdbx_modification_feature.modified_residue_label_seq_id      82 
_pdbx_modification_feature.modified_residue_label_alt_id      ? 
_pdbx_modification_feature.auth_comp_id                       CYS 
_pdbx_modification_feature.auth_asym_id                       A 
_pdbx_modification_feature.auth_seq_id                        364 
_pdbx_modification_feature.PDB_ins_code                       ? 
_pdbx_modification_feature.symmetry                           1_555 
_pdbx_modification_feature.modified_residue_auth_comp_id      CYS 
_pdbx_modification_feature.modified_residue_auth_asym_id      A 
_pdbx_modification_feature.modified_residue_auth_seq_id       383 
_pdbx_modification_feature.modified_residue_PDB_ins_code      ? 
_pdbx_modification_feature.modified_residue_symmetry          1_555 
_pdbx_modification_feature.comp_id_linking_atom               SG 
_pdbx_modification_feature.modified_residue_id_linking_atom   SG 
_pdbx_modification_feature.modified_residue_id                . 
_pdbx_modification_feature.ref_pcm_id                         . 
_pdbx_modification_feature.ref_comp_id                        . 
_pdbx_modification_feature.type                               None 
_pdbx_modification_feature.category                           'Disulfide bridge' 
# 
_pdbx_entry_details.entry_id                   6JGY 
_pdbx_entry_details.compound_details           ? 
_pdbx_entry_details.source_details             ? 
_pdbx_entry_details.nonpolymer_details         ? 
_pdbx_entry_details.sequence_details           ? 
_pdbx_entry_details.has_ligand_of_interest     ? 
_pdbx_entry_details.has_protein_modification   Y 
# 
_pdbx_validate_close_contact.id               1 
_pdbx_validate_close_contact.PDB_model_num    1 
_pdbx_validate_close_contact.auth_atom_id_1   O 
_pdbx_validate_close_contact.auth_asym_id_1   A 
_pdbx_validate_close_contact.auth_comp_id_1   ASN 
_pdbx_validate_close_contact.auth_seq_id_1    365 
_pdbx_validate_close_contact.PDB_ins_code_1   ? 
_pdbx_validate_close_contact.label_alt_id_1   ? 
_pdbx_validate_close_contact.auth_atom_id_2   N 
_pdbx_validate_close_contact.auth_asym_id_2   A 
_pdbx_validate_close_contact.auth_comp_id_2   SER 
_pdbx_validate_close_contact.auth_seq_id_2    367 
_pdbx_validate_close_contact.PDB_ins_code_2   ? 
_pdbx_validate_close_contact.label_alt_id_2   ? 
_pdbx_validate_close_contact.dist             2.17 
# 
loop_
_pdbx_validate_torsion.id 
_pdbx_validate_torsion.PDB_model_num 
_pdbx_validate_torsion.auth_comp_id 
_pdbx_validate_torsion.auth_asym_id 
_pdbx_validate_torsion.auth_seq_id 
_pdbx_validate_torsion.PDB_ins_code 
_pdbx_validate_torsion.label_alt_id 
_pdbx_validate_torsion.phi 
_pdbx_validate_torsion.psi 
1 1 TYR A 366 ? ? 35.96   -35.09  
2 1 SER A 367 ? ? -56.35  -2.69   
3 1 ASN A 373 ? ? -81.97  30.47   
4 1 LYS A 382 ? ? -100.11 79.20   
5 1 SER A 387 ? ? -124.33 -161.73 
6 1 GLU A 402 ? ? -63.85  0.68    
7 1 GLN A 403 ? ? -104.02 -68.13  
# 
loop_
_pdbx_unobs_or_zero_occ_residues.id 
_pdbx_unobs_or_zero_occ_residues.PDB_model_num 
_pdbx_unobs_or_zero_occ_residues.polymer_flag 
_pdbx_unobs_or_zero_occ_residues.occupancy_flag 
_pdbx_unobs_or_zero_occ_residues.auth_asym_id 
_pdbx_unobs_or_zero_occ_residues.auth_comp_id 
_pdbx_unobs_or_zero_occ_residues.auth_seq_id 
_pdbx_unobs_or_zero_occ_residues.PDB_ins_code 
_pdbx_unobs_or_zero_occ_residues.label_asym_id 
_pdbx_unobs_or_zero_occ_residues.label_comp_id 
_pdbx_unobs_or_zero_occ_residues.label_seq_id 
1  1 Y 1 A GLY 302 ? A GLY 1   
2  1 Y 1 A PRO 303 ? A PRO 2   
3  1 Y 1 A HIS 304 ? A HIS 3   
4  1 Y 1 A MET 305 ? A MET 4   
5  1 Y 1 A THR 375 ? A THR 74  
6  1 Y 1 A THR 376 ? A THR 75  
7  1 Y 1 A THR 377 ? A THR 76  
8  1 Y 1 A THR 378 ? A THR 77  
9  1 Y 1 A SER 379 ? A SER 78  
10 1 Y 1 A LEU 380 ? A LEU 79  
11 1 Y 1 A TYR 417 ? A TYR 116 
12 1 Y 1 A MET 418 ? A MET 117 
13 1 Y 1 A GLU 419 ? A GLU 118 
14 1 Y 1 A ARG 420 ? A ARG 119 
15 1 Y 1 A GLN 421 ? A GLN 120 
16 1 Y 1 A GLY 422 ? A GLY 121 
17 1 Y 1 A LYS 423 ? A LYS 122 
18 1 Y 1 A THR 424 ? A THR 123 
19 1 Y 1 A PRO 425 ? A PRO 124 
20 1 Y 1 A LEU 426 ? A LEU 125 
21 1 Y 1 A GLY 427 ? A GLY 126 
22 1 Y 1 A LEU 428 ? A LEU 127 
23 1 Y 1 A VAL 429 ? A VAL 128 
24 1 Y 1 A ASP 430 ? A ASP 129 
# 
loop_
_chem_comp_atom.comp_id 
_chem_comp_atom.atom_id 
_chem_comp_atom.type_symbol 
_chem_comp_atom.pdbx_aromatic_flag 
_chem_comp_atom.pdbx_stereo_config 
_chem_comp_atom.pdbx_ordinal 
ALA N    N N N 1   
ALA CA   C N S 2   
ALA C    C N N 3   
ALA O    O N N 4   
ALA CB   C N N 5   
ALA OXT  O N N 6   
ALA H    H N N 7   
ALA H2   H N N 8   
ALA HA   H N N 9   
ALA HB1  H N N 10  
ALA HB2  H N N 11  
ALA HB3  H N N 12  
ALA HXT  H N N 13  
ARG N    N N N 14  
ARG CA   C N S 15  
ARG C    C N N 16  
ARG O    O N N 17  
ARG CB   C N N 18  
ARG CG   C N N 19  
ARG CD   C N N 20  
ARG NE   N N N 21  
ARG CZ   C N N 22  
ARG NH1  N N N 23  
ARG NH2  N N N 24  
ARG OXT  O N N 25  
ARG H    H N N 26  
ARG H2   H N N 27  
ARG HA   H N N 28  
ARG HB2  H N N 29  
ARG HB3  H N N 30  
ARG HG2  H N N 31  
ARG HG3  H N N 32  
ARG HD2  H N N 33  
ARG HD3  H N N 34  
ARG HE   H N N 35  
ARG HH11 H N N 36  
ARG HH12 H N N 37  
ARG HH21 H N N 38  
ARG HH22 H N N 39  
ARG HXT  H N N 40  
ASN N    N N N 41  
ASN CA   C N S 42  
ASN C    C N N 43  
ASN O    O N N 44  
ASN CB   C N N 45  
ASN CG   C N N 46  
ASN OD1  O N N 47  
ASN ND2  N N N 48  
ASN OXT  O N N 49  
ASN H    H N N 50  
ASN H2   H N N 51  
ASN HA   H N N 52  
ASN HB2  H N N 53  
ASN HB3  H N N 54  
ASN HD21 H N N 55  
ASN HD22 H N N 56  
ASN HXT  H N N 57  
ASP N    N N N 58  
ASP CA   C N S 59  
ASP C    C N N 60  
ASP O    O N N 61  
ASP CB   C N N 62  
ASP CG   C N N 63  
ASP OD1  O N N 64  
ASP OD2  O N N 65  
ASP OXT  O N N 66  
ASP H    H N N 67  
ASP H2   H N N 68  
ASP HA   H N N 69  
ASP HB2  H N N 70  
ASP HB3  H N N 71  
ASP HD2  H N N 72  
ASP HXT  H N N 73  
CYS N    N N N 74  
CYS CA   C N R 75  
CYS C    C N N 76  
CYS O    O N N 77  
CYS CB   C N N 78  
CYS SG   S N N 79  
CYS OXT  O N N 80  
CYS H    H N N 81  
CYS H2   H N N 82  
CYS HA   H N N 83  
CYS HB2  H N N 84  
CYS HB3  H N N 85  
CYS HG   H N N 86  
CYS HXT  H N N 87  
GLN N    N N N 88  
GLN CA   C N S 89  
GLN C    C N N 90  
GLN O    O N N 91  
GLN CB   C N N 92  
GLN CG   C N N 93  
GLN CD   C N N 94  
GLN OE1  O N N 95  
GLN NE2  N N N 96  
GLN OXT  O N N 97  
GLN H    H N N 98  
GLN H2   H N N 99  
GLN HA   H N N 100 
GLN HB2  H N N 101 
GLN HB3  H N N 102 
GLN HG2  H N N 103 
GLN HG3  H N N 104 
GLN HE21 H N N 105 
GLN HE22 H N N 106 
GLN HXT  H N N 107 
GLU N    N N N 108 
GLU CA   C N S 109 
GLU C    C N N 110 
GLU O    O N N 111 
GLU CB   C N N 112 
GLU CG   C N N 113 
GLU CD   C N N 114 
GLU OE1  O N N 115 
GLU OE2  O N N 116 
GLU OXT  O N N 117 
GLU H    H N N 118 
GLU H2   H N N 119 
GLU HA   H N N 120 
GLU HB2  H N N 121 
GLU HB3  H N N 122 
GLU HG2  H N N 123 
GLU HG3  H N N 124 
GLU HE2  H N N 125 
GLU HXT  H N N 126 
GLY N    N N N 127 
GLY CA   C N N 128 
GLY C    C N N 129 
GLY O    O N N 130 
GLY OXT  O N N 131 
GLY H    H N N 132 
GLY H2   H N N 133 
GLY HA2  H N N 134 
GLY HA3  H N N 135 
GLY HXT  H N N 136 
HIS N    N N N 137 
HIS CA   C N S 138 
HIS C    C N N 139 
HIS O    O N N 140 
HIS CB   C N N 141 
HIS CG   C Y N 142 
HIS ND1  N Y N 143 
HIS CD2  C Y N 144 
HIS CE1  C Y N 145 
HIS NE2  N Y N 146 
HIS OXT  O N N 147 
HIS H    H N N 148 
HIS H2   H N N 149 
HIS HA   H N N 150 
HIS HB2  H N N 151 
HIS HB3  H N N 152 
HIS HD1  H N N 153 
HIS HD2  H N N 154 
HIS HE1  H N N 155 
HIS HE2  H N N 156 
HIS HXT  H N N 157 
ILE N    N N N 158 
ILE CA   C N S 159 
ILE C    C N N 160 
ILE O    O N N 161 
ILE CB   C N S 162 
ILE CG1  C N N 163 
ILE CG2  C N N 164 
ILE CD1  C N N 165 
ILE OXT  O N N 166 
ILE H    H N N 167 
ILE H2   H N N 168 
ILE HA   H N N 169 
ILE HB   H N N 170 
ILE HG12 H N N 171 
ILE HG13 H N N 172 
ILE HG21 H N N 173 
ILE HG22 H N N 174 
ILE HG23 H N N 175 
ILE HD11 H N N 176 
ILE HD12 H N N 177 
ILE HD13 H N N 178 
ILE HXT  H N N 179 
LEU N    N N N 180 
LEU CA   C N S 181 
LEU C    C N N 182 
LEU O    O N N 183 
LEU CB   C N N 184 
LEU CG   C N N 185 
LEU CD1  C N N 186 
LEU CD2  C N N 187 
LEU OXT  O N N 188 
LEU H    H N N 189 
LEU H2   H N N 190 
LEU HA   H N N 191 
LEU HB2  H N N 192 
LEU HB3  H N N 193 
LEU HG   H N N 194 
LEU HD11 H N N 195 
LEU HD12 H N N 196 
LEU HD13 H N N 197 
LEU HD21 H N N 198 
LEU HD22 H N N 199 
LEU HD23 H N N 200 
LEU HXT  H N N 201 
LYS N    N N N 202 
LYS CA   C N S 203 
LYS C    C N N 204 
LYS O    O N N 205 
LYS CB   C N N 206 
LYS CG   C N N 207 
LYS CD   C N N 208 
LYS CE   C N N 209 
LYS NZ   N N N 210 
LYS OXT  O N N 211 
LYS H    H N N 212 
LYS H2   H N N 213 
LYS HA   H N N 214 
LYS HB2  H N N 215 
LYS HB3  H N N 216 
LYS HG2  H N N 217 
LYS HG3  H N N 218 
LYS HD2  H N N 219 
LYS HD3  H N N 220 
LYS HE2  H N N 221 
LYS HE3  H N N 222 
LYS HZ1  H N N 223 
LYS HZ2  H N N 224 
LYS HZ3  H N N 225 
LYS HXT  H N N 226 
MET N    N N N 227 
MET CA   C N S 228 
MET C    C N N 229 
MET O    O N N 230 
MET CB   C N N 231 
MET CG   C N N 232 
MET SD   S N N 233 
MET CE   C N N 234 
MET OXT  O N N 235 
MET H    H N N 236 
MET H2   H N N 237 
MET HA   H N N 238 
MET HB2  H N N 239 
MET HB3  H N N 240 
MET HG2  H N N 241 
MET HG3  H N N 242 
MET HE1  H N N 243 
MET HE2  H N N 244 
MET HE3  H N N 245 
MET HXT  H N N 246 
PHE N    N N N 247 
PHE CA   C N S 248 
PHE C    C N N 249 
PHE O    O N N 250 
PHE CB   C N N 251 
PHE CG   C Y N 252 
PHE CD1  C Y N 253 
PHE CD2  C Y N 254 
PHE CE1  C Y N 255 
PHE CE2  C Y N 256 
PHE CZ   C Y N 257 
PHE OXT  O N N 258 
PHE H    H N N 259 
PHE H2   H N N 260 
PHE HA   H N N 261 
PHE HB2  H N N 262 
PHE HB3  H N N 263 
PHE HD1  H N N 264 
PHE HD2  H N N 265 
PHE HE1  H N N 266 
PHE HE2  H N N 267 
PHE HZ   H N N 268 
PHE HXT  H N N 269 
PRO N    N N N 270 
PRO CA   C N S 271 
PRO C    C N N 272 
PRO O    O N N 273 
PRO CB   C N N 274 
PRO CG   C N N 275 
PRO CD   C N N 276 
PRO OXT  O N N 277 
PRO H    H N N 278 
PRO HA   H N N 279 
PRO HB2  H N N 280 
PRO HB3  H N N 281 
PRO HG2  H N N 282 
PRO HG3  H N N 283 
PRO HD2  H N N 284 
PRO HD3  H N N 285 
PRO HXT  H N N 286 
SER N    N N N 287 
SER CA   C N S 288 
SER C    C N N 289 
SER O    O N N 290 
SER CB   C N N 291 
SER OG   O N N 292 
SER OXT  O N N 293 
SER H    H N N 294 
SER H2   H N N 295 
SER HA   H N N 296 
SER HB2  H N N 297 
SER HB3  H N N 298 
SER HG   H N N 299 
SER HXT  H N N 300 
THR N    N N N 301 
THR CA   C N S 302 
THR C    C N N 303 
THR O    O N N 304 
THR CB   C N R 305 
THR OG1  O N N 306 
THR CG2  C N N 307 
THR OXT  O N N 308 
THR H    H N N 309 
THR H2   H N N 310 
THR HA   H N N 311 
THR HB   H N N 312 
THR HG1  H N N 313 
THR HG21 H N N 314 
THR HG22 H N N 315 
THR HG23 H N N 316 
THR HXT  H N N 317 
TRP N    N N N 318 
TRP CA   C N S 319 
TRP C    C N N 320 
TRP O    O N N 321 
TRP CB   C N N 322 
TRP CG   C Y N 323 
TRP CD1  C Y N 324 
TRP CD2  C Y N 325 
TRP NE1  N Y N 326 
TRP CE2  C Y N 327 
TRP CE3  C Y N 328 
TRP CZ2  C Y N 329 
TRP CZ3  C Y N 330 
TRP CH2  C Y N 331 
TRP OXT  O N N 332 
TRP H    H N N 333 
TRP H2   H N N 334 
TRP HA   H N N 335 
TRP HB2  H N N 336 
TRP HB3  H N N 337 
TRP HD1  H N N 338 
TRP HE1  H N N 339 
TRP HE3  H N N 340 
TRP HZ2  H N N 341 
TRP HZ3  H N N 342 
TRP HH2  H N N 343 
TRP HXT  H N N 344 
TYR N    N N N 345 
TYR CA   C N S 346 
TYR C    C N N 347 
TYR O    O N N 348 
TYR CB   C N N 349 
TYR CG   C Y N 350 
TYR CD1  C Y N 351 
TYR CD2  C Y N 352 
TYR CE1  C Y N 353 
TYR CE2  C Y N 354 
TYR CZ   C Y N 355 
TYR OH   O N N 356 
TYR OXT  O N N 357 
TYR H    H N N 358 
TYR H2   H N N 359 
TYR HA   H N N 360 
TYR HB2  H N N 361 
TYR HB3  H N N 362 
TYR HD1  H N N 363 
TYR HD2  H N N 364 
TYR HE1  H N N 365 
TYR HE2  H N N 366 
TYR HH   H N N 367 
TYR HXT  H N N 368 
VAL N    N N N 369 
VAL CA   C N S 370 
VAL C    C N N 371 
VAL O    O N N 372 
VAL CB   C N N 373 
VAL CG1  C N N 374 
VAL CG2  C N N 375 
VAL OXT  O N N 376 
VAL H    H N N 377 
VAL H2   H N N 378 
VAL HA   H N N 379 
VAL HB   H N N 380 
VAL HG11 H N N 381 
VAL HG12 H N N 382 
VAL HG13 H N N 383 
VAL HG21 H N N 384 
VAL HG22 H N N 385 
VAL HG23 H N N 386 
VAL HXT  H N N 387 
# 
loop_
_chem_comp_bond.comp_id 
_chem_comp_bond.atom_id_1 
_chem_comp_bond.atom_id_2 
_chem_comp_bond.value_order 
_chem_comp_bond.pdbx_aromatic_flag 
_chem_comp_bond.pdbx_stereo_config 
_chem_comp_bond.pdbx_ordinal 
ALA N   CA   sing N N 1   
ALA N   H    sing N N 2   
ALA N   H2   sing N N 3   
ALA CA  C    sing N N 4   
ALA CA  CB   sing N N 5   
ALA CA  HA   sing N N 6   
ALA C   O    doub N N 7   
ALA C   OXT  sing N N 8   
ALA CB  HB1  sing N N 9   
ALA CB  HB2  sing N N 10  
ALA CB  HB3  sing N N 11  
ALA OXT HXT  sing N N 12  
ARG N   CA   sing N N 13  
ARG N   H    sing N N 14  
ARG N   H2   sing N N 15  
ARG CA  C    sing N N 16  
ARG CA  CB   sing N N 17  
ARG CA  HA   sing N N 18  
ARG C   O    doub N N 19  
ARG C   OXT  sing N N 20  
ARG CB  CG   sing N N 21  
ARG CB  HB2  sing N N 22  
ARG CB  HB3  sing N N 23  
ARG CG  CD   sing N N 24  
ARG CG  HG2  sing N N 25  
ARG CG  HG3  sing N N 26  
ARG CD  NE   sing N N 27  
ARG CD  HD2  sing N N 28  
ARG CD  HD3  sing N N 29  
ARG NE  CZ   sing N N 30  
ARG NE  HE   sing N N 31  
ARG CZ  NH1  sing N N 32  
ARG CZ  NH2  doub N N 33  
ARG NH1 HH11 sing N N 34  
ARG NH1 HH12 sing N N 35  
ARG NH2 HH21 sing N N 36  
ARG NH2 HH22 sing N N 37  
ARG OXT HXT  sing N N 38  
ASN N   CA   sing N N 39  
ASN N   H    sing N N 40  
ASN N   H2   sing N N 41  
ASN CA  C    sing N N 42  
ASN CA  CB   sing N N 43  
ASN CA  HA   sing N N 44  
ASN C   O    doub N N 45  
ASN C   OXT  sing N N 46  
ASN CB  CG   sing N N 47  
ASN CB  HB2  sing N N 48  
ASN CB  HB3  sing N N 49  
ASN CG  OD1  doub N N 50  
ASN CG  ND2  sing N N 51  
ASN ND2 HD21 sing N N 52  
ASN ND2 HD22 sing N N 53  
ASN OXT HXT  sing N N 54  
ASP N   CA   sing N N 55  
ASP N   H    sing N N 56  
ASP N   H2   sing N N 57  
ASP CA  C    sing N N 58  
ASP CA  CB   sing N N 59  
ASP CA  HA   sing N N 60  
ASP C   O    doub N N 61  
ASP C   OXT  sing N N 62  
ASP CB  CG   sing N N 63  
ASP CB  HB2  sing N N 64  
ASP CB  HB3  sing N N 65  
ASP CG  OD1  doub N N 66  
ASP CG  OD2  sing N N 67  
ASP OD2 HD2  sing N N 68  
ASP OXT HXT  sing N N 69  
CYS N   CA   sing N N 70  
CYS N   H    sing N N 71  
CYS N   H2   sing N N 72  
CYS CA  C    sing N N 73  
CYS CA  CB   sing N N 74  
CYS CA  HA   sing N N 75  
CYS C   O    doub N N 76  
CYS C   OXT  sing N N 77  
CYS CB  SG   sing N N 78  
CYS CB  HB2  sing N N 79  
CYS CB  HB3  sing N N 80  
CYS SG  HG   sing N N 81  
CYS OXT HXT  sing N N 82  
GLN N   CA   sing N N 83  
GLN N   H    sing N N 84  
GLN N   H2   sing N N 85  
GLN CA  C    sing N N 86  
GLN CA  CB   sing N N 87  
GLN CA  HA   sing N N 88  
GLN C   O    doub N N 89  
GLN C   OXT  sing N N 90  
GLN CB  CG   sing N N 91  
GLN CB  HB2  sing N N 92  
GLN CB  HB3  sing N N 93  
GLN CG  CD   sing N N 94  
GLN CG  HG2  sing N N 95  
GLN CG  HG3  sing N N 96  
GLN CD  OE1  doub N N 97  
GLN CD  NE2  sing N N 98  
GLN NE2 HE21 sing N N 99  
GLN NE2 HE22 sing N N 100 
GLN OXT HXT  sing N N 101 
GLU N   CA   sing N N 102 
GLU N   H    sing N N 103 
GLU N   H2   sing N N 104 
GLU CA  C    sing N N 105 
GLU CA  CB   sing N N 106 
GLU CA  HA   sing N N 107 
GLU C   O    doub N N 108 
GLU C   OXT  sing N N 109 
GLU CB  CG   sing N N 110 
GLU CB  HB2  sing N N 111 
GLU CB  HB3  sing N N 112 
GLU CG  CD   sing N N 113 
GLU CG  HG2  sing N N 114 
GLU CG  HG3  sing N N 115 
GLU CD  OE1  doub N N 116 
GLU CD  OE2  sing N N 117 
GLU OE2 HE2  sing N N 118 
GLU OXT HXT  sing N N 119 
GLY N   CA   sing N N 120 
GLY N   H    sing N N 121 
GLY N   H2   sing N N 122 
GLY CA  C    sing N N 123 
GLY CA  HA2  sing N N 124 
GLY CA  HA3  sing N N 125 
GLY C   O    doub N N 126 
GLY C   OXT  sing N N 127 
GLY OXT HXT  sing N N 128 
HIS N   CA   sing N N 129 
HIS N   H    sing N N 130 
HIS N   H2   sing N N 131 
HIS CA  C    sing N N 132 
HIS CA  CB   sing N N 133 
HIS CA  HA   sing N N 134 
HIS C   O    doub N N 135 
HIS C   OXT  sing N N 136 
HIS CB  CG   sing N N 137 
HIS CB  HB2  sing N N 138 
HIS CB  HB3  sing N N 139 
HIS CG  ND1  sing Y N 140 
HIS CG  CD2  doub Y N 141 
HIS ND1 CE1  doub Y N 142 
HIS ND1 HD1  sing N N 143 
HIS CD2 NE2  sing Y N 144 
HIS CD2 HD2  sing N N 145 
HIS CE1 NE2  sing Y N 146 
HIS CE1 HE1  sing N N 147 
HIS NE2 HE2  sing N N 148 
HIS OXT HXT  sing N N 149 
ILE N   CA   sing N N 150 
ILE N   H    sing N N 151 
ILE N   H2   sing N N 152 
ILE CA  C    sing N N 153 
ILE CA  CB   sing N N 154 
ILE CA  HA   sing N N 155 
ILE C   O    doub N N 156 
ILE C   OXT  sing N N 157 
ILE CB  CG1  sing N N 158 
ILE CB  CG2  sing N N 159 
ILE CB  HB   sing N N 160 
ILE CG1 CD1  sing N N 161 
ILE CG1 HG12 sing N N 162 
ILE CG1 HG13 sing N N 163 
ILE CG2 HG21 sing N N 164 
ILE CG2 HG22 sing N N 165 
ILE CG2 HG23 sing N N 166 
ILE CD1 HD11 sing N N 167 
ILE CD1 HD12 sing N N 168 
ILE CD1 HD13 sing N N 169 
ILE OXT HXT  sing N N 170 
LEU N   CA   sing N N 171 
LEU N   H    sing N N 172 
LEU N   H2   sing N N 173 
LEU CA  C    sing N N 174 
LEU CA  CB   sing N N 175 
LEU CA  HA   sing N N 176 
LEU C   O    doub N N 177 
LEU C   OXT  sing N N 178 
LEU CB  CG   sing N N 179 
LEU CB  HB2  sing N N 180 
LEU CB  HB3  sing N N 181 
LEU CG  CD1  sing N N 182 
LEU CG  CD2  sing N N 183 
LEU CG  HG   sing N N 184 
LEU CD1 HD11 sing N N 185 
LEU CD1 HD12 sing N N 186 
LEU CD1 HD13 sing N N 187 
LEU CD2 HD21 sing N N 188 
LEU CD2 HD22 sing N N 189 
LEU CD2 HD23 sing N N 190 
LEU OXT HXT  sing N N 191 
LYS N   CA   sing N N 192 
LYS N   H    sing N N 193 
LYS N   H2   sing N N 194 
LYS CA  C    sing N N 195 
LYS CA  CB   sing N N 196 
LYS CA  HA   sing N N 197 
LYS C   O    doub N N 198 
LYS C   OXT  sing N N 199 
LYS CB  CG   sing N N 200 
LYS CB  HB2  sing N N 201 
LYS CB  HB3  sing N N 202 
LYS CG  CD   sing N N 203 
LYS CG  HG2  sing N N 204 
LYS CG  HG3  sing N N 205 
LYS CD  CE   sing N N 206 
LYS CD  HD2  sing N N 207 
LYS CD  HD3  sing N N 208 
LYS CE  NZ   sing N N 209 
LYS CE  HE2  sing N N 210 
LYS CE  HE3  sing N N 211 
LYS NZ  HZ1  sing N N 212 
LYS NZ  HZ2  sing N N 213 
LYS NZ  HZ3  sing N N 214 
LYS OXT HXT  sing N N 215 
MET N   CA   sing N N 216 
MET N   H    sing N N 217 
MET N   H2   sing N N 218 
MET CA  C    sing N N 219 
MET CA  CB   sing N N 220 
MET CA  HA   sing N N 221 
MET C   O    doub N N 222 
MET C   OXT  sing N N 223 
MET CB  CG   sing N N 224 
MET CB  HB2  sing N N 225 
MET CB  HB3  sing N N 226 
MET CG  SD   sing N N 227 
MET CG  HG2  sing N N 228 
MET CG  HG3  sing N N 229 
MET SD  CE   sing N N 230 
MET CE  HE1  sing N N 231 
MET CE  HE2  sing N N 232 
MET CE  HE3  sing N N 233 
MET OXT HXT  sing N N 234 
PHE N   CA   sing N N 235 
PHE N   H    sing N N 236 
PHE N   H2   sing N N 237 
PHE CA  C    sing N N 238 
PHE CA  CB   sing N N 239 
PHE CA  HA   sing N N 240 
PHE C   O    doub N N 241 
PHE C   OXT  sing N N 242 
PHE CB  CG   sing N N 243 
PHE CB  HB2  sing N N 244 
PHE CB  HB3  sing N N 245 
PHE CG  CD1  doub Y N 246 
PHE CG  CD2  sing Y N 247 
PHE CD1 CE1  sing Y N 248 
PHE CD1 HD1  sing N N 249 
PHE CD2 CE2  doub Y N 250 
PHE CD2 HD2  sing N N 251 
PHE CE1 CZ   doub Y N 252 
PHE CE1 HE1  sing N N 253 
PHE CE2 CZ   sing Y N 254 
PHE CE2 HE2  sing N N 255 
PHE CZ  HZ   sing N N 256 
PHE OXT HXT  sing N N 257 
PRO N   CA   sing N N 258 
PRO N   CD   sing N N 259 
PRO N   H    sing N N 260 
PRO CA  C    sing N N 261 
PRO CA  CB   sing N N 262 
PRO CA  HA   sing N N 263 
PRO C   O    doub N N 264 
PRO C   OXT  sing N N 265 
PRO CB  CG   sing N N 266 
PRO CB  HB2  sing N N 267 
PRO CB  HB3  sing N N 268 
PRO CG  CD   sing N N 269 
PRO CG  HG2  sing N N 270 
PRO CG  HG3  sing N N 271 
PRO CD  HD2  sing N N 272 
PRO CD  HD3  sing N N 273 
PRO OXT HXT  sing N N 274 
SER N   CA   sing N N 275 
SER N   H    sing N N 276 
SER N   H2   sing N N 277 
SER CA  C    sing N N 278 
SER CA  CB   sing N N 279 
SER CA  HA   sing N N 280 
SER C   O    doub N N 281 
SER C   OXT  sing N N 282 
SER CB  OG   sing N N 283 
SER CB  HB2  sing N N 284 
SER CB  HB3  sing N N 285 
SER OG  HG   sing N N 286 
SER OXT HXT  sing N N 287 
THR N   CA   sing N N 288 
THR N   H    sing N N 289 
THR N   H2   sing N N 290 
THR CA  C    sing N N 291 
THR CA  CB   sing N N 292 
THR CA  HA   sing N N 293 
THR C   O    doub N N 294 
THR C   OXT  sing N N 295 
THR CB  OG1  sing N N 296 
THR CB  CG2  sing N N 297 
THR CB  HB   sing N N 298 
THR OG1 HG1  sing N N 299 
THR CG2 HG21 sing N N 300 
THR CG2 HG22 sing N N 301 
THR CG2 HG23 sing N N 302 
THR OXT HXT  sing N N 303 
TRP N   CA   sing N N 304 
TRP N   H    sing N N 305 
TRP N   H2   sing N N 306 
TRP CA  C    sing N N 307 
TRP CA  CB   sing N N 308 
TRP CA  HA   sing N N 309 
TRP C   O    doub N N 310 
TRP C   OXT  sing N N 311 
TRP CB  CG   sing N N 312 
TRP CB  HB2  sing N N 313 
TRP CB  HB3  sing N N 314 
TRP CG  CD1  doub Y N 315 
TRP CG  CD2  sing Y N 316 
TRP CD1 NE1  sing Y N 317 
TRP CD1 HD1  sing N N 318 
TRP CD2 CE2  doub Y N 319 
TRP CD2 CE3  sing Y N 320 
TRP NE1 CE2  sing Y N 321 
TRP NE1 HE1  sing N N 322 
TRP CE2 CZ2  sing Y N 323 
TRP CE3 CZ3  doub Y N 324 
TRP CE3 HE3  sing N N 325 
TRP CZ2 CH2  doub Y N 326 
TRP CZ2 HZ2  sing N N 327 
TRP CZ3 CH2  sing Y N 328 
TRP CZ3 HZ3  sing N N 329 
TRP CH2 HH2  sing N N 330 
TRP OXT HXT  sing N N 331 
TYR N   CA   sing N N 332 
TYR N   H    sing N N 333 
TYR N   H2   sing N N 334 
TYR CA  C    sing N N 335 
TYR CA  CB   sing N N 336 
TYR CA  HA   sing N N 337 
TYR C   O    doub N N 338 
TYR C   OXT  sing N N 339 
TYR CB  CG   sing N N 340 
TYR CB  HB2  sing N N 341 
TYR CB  HB3  sing N N 342 
TYR CG  CD1  doub Y N 343 
TYR CG  CD2  sing Y N 344 
TYR CD1 CE1  sing Y N 345 
TYR CD1 HD1  sing N N 346 
TYR CD2 CE2  doub Y N 347 
TYR CD2 HD2  sing N N 348 
TYR CE1 CZ   doub Y N 349 
TYR CE1 HE1  sing N N 350 
TYR CE2 CZ   sing Y N 351 
TYR CE2 HE2  sing N N 352 
TYR CZ  OH   sing N N 353 
TYR OH  HH   sing N N 354 
TYR OXT HXT  sing N N 355 
VAL N   CA   sing N N 356 
VAL N   H    sing N N 357 
VAL N   H2   sing N N 358 
VAL CA  C    sing N N 359 
VAL CA  CB   sing N N 360 
VAL CA  HA   sing N N 361 
VAL C   O    doub N N 362 
VAL C   OXT  sing N N 363 
VAL CB  CG1  sing N N 364 
VAL CB  CG2  sing N N 365 
VAL CB  HB   sing N N 366 
VAL CG1 HG11 sing N N 367 
VAL CG1 HG12 sing N N 368 
VAL CG1 HG13 sing N N 369 
VAL CG2 HG21 sing N N 370 
VAL CG2 HG22 sing N N 371 
VAL CG2 HG23 sing N N 372 
VAL OXT HXT  sing N N 373 
# 
_pdbx_initial_refinement_model.id               1 
_pdbx_initial_refinement_model.entity_id_list   ? 
_pdbx_initial_refinement_model.type             'experimental model' 
_pdbx_initial_refinement_model.source_name      PDB 
_pdbx_initial_refinement_model.accession_code   5OMI 
_pdbx_initial_refinement_model.details          ? 
# 
_atom_sites.entry_id                    6JGY 
_atom_sites.fract_transf_matrix[1][1]   -0.00560386 
_atom_sites.fract_transf_matrix[1][2]   -0.00663007 
_atom_sites.fract_transf_matrix[1][3]   -0.01764698 
_atom_sites.fract_transf_matrix[2][1]   -0.00739823 
_atom_sites.fract_transf_matrix[2][2]   -0.01813368 
_atom_sites.fract_transf_matrix[2][3]   -0.00179631 
_atom_sites.fract_transf_matrix[3][1]   -0.00320909 
_atom_sites.fract_transf_matrix[3][2]   0.00125501 
_atom_sites.fract_transf_matrix[3][3]   0.00054754 
_atom_sites.fract_transf_vector[1]      1.043590 
_atom_sites.fract_transf_vector[2]      0.130033 
_atom_sites.fract_transf_vector[3]      0.140074 
# 
loop_
_atom_type.symbol 
C 
N 
O 
S 
# 
loop_
_atom_site.group_PDB 
_atom_site.id 
_atom_site.type_symbol 
_atom_site.label_atom_id 
_atom_site.label_alt_id 
_atom_site.label_comp_id 
_atom_site.label_asym_id 
_atom_site.label_entity_id 
_atom_site.label_seq_id 
_atom_site.pdbx_PDB_ins_code 
_atom_site.Cartn_x 
_atom_site.Cartn_y 
_atom_site.Cartn_z 
_atom_site.occupancy 
_atom_site.B_iso_or_equiv 
_atom_site.pdbx_formal_charge 
_atom_site.auth_seq_id 
_atom_site.auth_comp_id 
_atom_site.auth_asym_id 
_atom_site.auth_atom_id 
_atom_site.pdbx_PDB_model_num 
ATOM 1   N N   . ASP A 1 5   ? -37.901 15.651  0.299   1.00 135.12 ? 306 ASP A N   1 
ATOM 2   C CA  . ASP A 1 5   ? -36.981 14.801  -0.438  1.00 115.29 ? 306 ASP A CA  1 
ATOM 3   C C   . ASP A 1 5   ? -36.133 15.680  -1.353  1.00 108.87 ? 306 ASP A C   1 
ATOM 4   O O   . ASP A 1 5   ? -35.242 15.190  -2.021  1.00 133.35 ? 306 ASP A O   1 
ATOM 5   C CB  . ASP A 1 5   ? -37.742 13.755  -1.263  1.00 118.70 ? 306 ASP A CB  1 
ATOM 6   C CG  . ASP A 1 5   ? -36.897 12.517  -1.582  1.00 133.32 ? 306 ASP A CG  1 
ATOM 7   O OD1 . ASP A 1 5   ? -36.067 12.568  -2.522  1.00 116.52 ? 306 ASP A OD1 1 
ATOM 8   O OD2 . ASP A 1 5   ? -37.120 11.466  -0.935  1.00 129.16 ? 306 ASP A OD2 1 
ATOM 9   N N   . GLU A 1 6   ? -36.427 16.982  -1.397  1.00 120.38 ? 307 GLU A N   1 
ATOM 10  C CA  . GLU A 1 6   ? -35.678 17.906  -2.251  1.00 109.05 ? 307 GLU A CA  1 
ATOM 11  C C   . GLU A 1 6   ? -34.429 18.425  -1.559  1.00 110.04 ? 307 GLU A C   1 
ATOM 12  O O   . GLU A 1 6   ? -33.439 18.744  -2.224  1.00 113.17 ? 307 GLU A O   1 
ATOM 13  C CB  . GLU A 1 6   ? -36.568 19.079  -2.667  1.00 119.86 ? 307 GLU A CB  1 
ATOM 14  C CG  . GLU A 1 6   ? -37.455 19.587  -1.530  1.00 137.07 ? 307 GLU A CG  1 
ATOM 15  C CD  . GLU A 1 6   ? -38.396 20.703  -1.952  1.00 146.67 ? 307 GLU A CD  1 
ATOM 16  O OE1 . GLU A 1 6   ? -38.244 21.229  -3.080  1.00 140.94 ? 307 GLU A OE1 1 
ATOM 17  O OE2 . GLU A 1 6   ? -39.317 21.021  -1.165  1.00 145.09 ? 307 GLU A OE2 1 
ATOM 18  N N   . GLU A 1 7   ? -34.476 18.550  -0.230  1.00 133.07 ? 308 GLU A N   1 
ATOM 19  C CA  . GLU A 1 7   ? -33.298 18.952  0.531   1.00 122.97 ? 308 GLU A CA  1 
ATOM 20  C C   . GLU A 1 7   ? -32.322 17.791  0.663   1.00 108.13 ? 308 GLU A C   1 
ATOM 21  O O   . GLU A 1 7   ? -31.107 18.003  0.750   1.00 105.24 ? 308 GLU A O   1 
ATOM 22  C CB  . GLU A 1 7   ? -33.730 19.476  1.904   1.00 118.60 ? 308 GLU A CB  1 
ATOM 23  C CG  . GLU A 1 7   ? -34.418 18.439  2.816   1.00 126.82 ? 308 GLU A CG  1 
ATOM 24  C CD  . GLU A 1 7   ? -35.882 18.130  2.421   1.00 147.70 ? 308 GLU A CD  1 
ATOM 25  O OE1 . GLU A 1 7   ? -36.819 18.713  3.014   1.00 160.01 ? 308 GLU A OE1 1 
ATOM 26  O OE2 . GLU A 1 7   ? -36.099 17.249  1.554   1.00 134.75 ? 308 GLU A OE2 1 
ATOM 27  N N   . PHE A 1 8   ? -32.835 16.559  0.639   1.00 113.75 ? 309 PHE A N   1 
ATOM 28  C CA  . PHE A 1 8   ? -31.970 15.394  0.718   1.00 104.64 ? 309 PHE A CA  1 
ATOM 29  C C   . PHE A 1 8   ? -31.219 15.153  -0.581  1.00 104.33 ? 309 PHE A C   1 
ATOM 30  O O   . PHE A 1 8   ? -30.188 14.476  -0.562  1.00 103.66 ? 309 PHE A O   1 
ATOM 31  C CB  . PHE A 1 8   ? -32.775 14.147  1.090   1.00 100.75 ? 309 PHE A CB  1 
ATOM 32  C CG  . PHE A 1 8   ? -31.961 12.885  1.117   1.00 99.88  ? 309 PHE A CG  1 
ATOM 33  C CD1 . PHE A 1 8   ? -30.927 12.732  2.039   1.00 109.13 ? 309 PHE A CD1 1 
ATOM 34  C CD2 . PHE A 1 8   ? -32.226 11.844  0.245   1.00 104.76 ? 309 PHE A CD2 1 
ATOM 35  C CE1 . PHE A 1 8   ? -30.172 11.573  2.089   1.00 96.43  ? 309 PHE A CE1 1 
ATOM 36  C CE2 . PHE A 1 8   ? -31.468 10.673  0.293   1.00 104.98 ? 309 PHE A CE2 1 
ATOM 37  C CZ  . PHE A 1 8   ? -30.443 10.541  1.210   1.00 98.23  ? 309 PHE A CZ  1 
ATOM 38  N N   . SER A 1 9   ? -31.697 15.683  -1.710  1.00 103.32 ? 310 SER A N   1 
ATOM 39  C CA  . SER A 1 9   ? -30.952 15.465  -2.943  1.00 107.97 ? 310 SER A CA  1 
ATOM 40  C C   . SER A 1 9   ? -29.709 16.353  -2.977  1.00 110.47 ? 310 SER A C   1 
ATOM 41  O O   . SER A 1 9   ? -28.640 15.911  -3.409  1.00 101.26 ? 310 SER A O   1 
ATOM 42  C CB  . SER A 1 9   ? -31.843 15.681  -4.173  1.00 102.49 ? 310 SER A CB  1 
ATOM 43  O OG  . SER A 1 9   ? -31.665 16.952  -4.765  1.00 106.93 ? 310 SER A OG  1 
ATOM 44  N N   . ASP A 1 10  ? -29.815 17.590  -2.477  1.00 110.63 ? 311 ASP A N   1 
ATOM 45  C CA  . ASP A 1 10  ? -28.642 18.451  -2.323  1.00 103.31 ? 311 ASP A CA  1 
ATOM 46  C C   . ASP A 1 10  ? -27.648 17.876  -1.327  1.00 103.67 ? 311 ASP A C   1 
ATOM 47  O O   . ASP A 1 10  ? -26.431 18.011  -1.508  1.00 93.75  ? 311 ASP A O   1 
ATOM 48  C CB  . ASP A 1 10  ? -29.081 19.832  -1.857  1.00 104.81 ? 311 ASP A CB  1 
ATOM 49  C CG  . ASP A 1 10  ? -30.107 20.433  -2.759  1.00 109.78 ? 311 ASP A CG  1 
ATOM 50  O OD1 . ASP A 1 10  ? -29.773 20.618  -3.947  1.00 125.87 ? 311 ASP A OD1 1 
ATOM 51  O OD2 . ASP A 1 10  ? -31.244 20.673  -2.294  1.00 105.88 ? 311 ASP A OD2 1 
ATOM 52  N N   . MET A 1 11  ? -28.154 17.281  -0.247  1.00 101.68 ? 312 MET A N   1 
ATOM 53  C CA  . MET A 1 11  ? -27.306 16.575  0.707   1.00 110.18 ? 312 MET A CA  1 
ATOM 54  C C   . MET A 1 11  ? -26.471 15.517  -0.012  1.00 106.52 ? 312 MET A C   1 
ATOM 55  O O   . MET A 1 11  ? -25.234 15.559  0.008   1.00 91.11  ? 312 MET A O   1 
ATOM 56  C CB  . MET A 1 11  ? -28.213 15.956  1.778   1.00 111.27 ? 312 MET A CB  1 
ATOM 57  C CG  . MET A 1 11  ? -27.651 15.784  3.176   1.00 124.23 ? 312 MET A CG  1 
ATOM 58  S SD  . MET A 1 11  ? -28.889 16.308  4.438   1.00 128.83 ? 312 MET A SD  1 
ATOM 59  C CE  . MET A 1 11  ? -30.383 15.482  3.916   1.00 118.96 ? 312 MET A CE  1 
ATOM 60  N N   . LEU A 1 12  ? -27.150 14.603  -0.719  1.00 100.19 ? 313 LEU A N   1 
ATOM 61  C CA  . LEU A 1 12  ? -26.499 13.561  -1.505  1.00 92.63  ? 313 LEU A CA  1 
ATOM 62  C C   . LEU A 1 12  ? -25.504 14.127  -2.508  1.00 92.27  ? 313 LEU A C   1 
ATOM 63  O O   . LEU A 1 12  ? -24.456 13.522  -2.744  1.00 99.48  ? 313 LEU A O   1 
ATOM 64  C CB  . LEU A 1 12  ? -27.555 12.724  -2.223  1.00 95.23  ? 313 LEU A CB  1 
ATOM 65  C CG  . LEU A 1 12  ? -28.192 11.592  -1.422  1.00 94.82  ? 313 LEU A CG  1 
ATOM 66  C CD1 . LEU A 1 12  ? -29.267 10.908  -2.231  1.00 95.82  ? 313 LEU A CD1 1 
ATOM 67  C CD2 . LEU A 1 12  ? -27.106 10.614  -1.055  1.00 97.23  ? 313 LEU A CD2 1 
ATOM 68  N N   . ARG A 1 13  ? -25.810 15.263  -3.136  1.00 95.71  ? 314 ARG A N   1 
ATOM 69  C CA  . ARG A 1 13  ? -24.871 15.779  -4.130  1.00 93.45  ? 314 ARG A CA  1 
ATOM 70  C C   . ARG A 1 13  ? -23.592 16.260  -3.461  1.00 92.98  ? 314 ARG A C   1 
ATOM 71  O O   . ARG A 1 13  ? -22.494 16.063  -3.991  1.00 85.02  ? 314 ARG A O   1 
ATOM 72  C CB  . ARG A 1 13  ? -25.512 16.897  -4.957  1.00 95.85  ? 314 ARG A CB  1 
ATOM 73  C CG  . ARG A 1 13  ? -24.752 17.308  -6.227  1.00 101.42 ? 314 ARG A CG  1 
ATOM 74  C CD  . ARG A 1 13  ? -25.424 18.526  -6.880  1.00 108.00 ? 314 ARG A CD  1 
ATOM 75  N NE  . ARG A 1 13  ? -24.541 19.309  -7.752  1.00 106.31 ? 314 ARG A NE  1 
ATOM 76  C CZ  . ARG A 1 13  ? -24.587 19.326  -9.080  1.00 101.19 ? 314 ARG A CZ  1 
ATOM 77  N NH1 . ARG A 1 13  ? -25.504 18.620  -9.728  1.00 101.96 ? 314 ARG A NH1 1 
ATOM 78  N NH2 . ARG A 1 13  ? -23.724 20.070  -9.761  1.00 108.67 ? 314 ARG A NH2 1 
ATOM 79  N N   . LEU A 1 14  ? -23.707 16.884  -2.289  1.00 96.93  ? 315 LEU A N   1 
ATOM 80  C CA  . LEU A 1 14  ? -22.496 17.223  -1.562  1.00 86.99  ? 315 LEU A CA  1 
ATOM 81  C C   . LEU A 1 14  ? -21.753 15.957  -1.182  1.00 94.38  ? 315 LEU A C   1 
ATOM 82  O O   . LEU A 1 14  ? -20.556 15.824  -1.473  1.00 82.85  ? 315 LEU A O   1 
ATOM 83  C CB  . LEU A 1 14  ? -22.820 18.047  -0.320  1.00 78.39  ? 315 LEU A CB  1 
ATOM 84  C CG  . LEU A 1 14  ? -23.207 19.506  -0.572  1.00 77.91  ? 315 LEU A CG  1 
ATOM 85  C CD1 . LEU A 1 14  ? -23.330 20.224  0.736   1.00 85.43  ? 315 LEU A CD1 1 
ATOM 86  C CD2 . LEU A 1 14  ? -22.271 20.217  -1.497  1.00 81.31  ? 315 LEU A CD2 1 
ATOM 87  N N   . PHE A 1 15  ? -22.480 14.992  -0.591  1.00 86.14  ? 316 PHE A N   1 
ATOM 88  C CA  . PHE A 1 15  ? -21.906 13.726  -0.129  1.00 85.38  ? 316 PHE A CA  1 
ATOM 89  C C   . PHE A 1 15  ? -21.175 13.015  -1.260  1.00 87.60  ? 316 PHE A C   1 
ATOM 90  O O   . PHE A 1 15  ? -20.129 12.382  -1.054  1.00 78.59  ? 316 PHE A O   1 
ATOM 91  C CB  . PHE A 1 15  ? -23.027 12.838  0.424   1.00 75.29  ? 316 PHE A CB  1 
ATOM 92  C CG  . PHE A 1 15  ? -22.707 11.363  0.452   1.00 77.07  ? 316 PHE A CG  1 
ATOM 93  C CD1 . PHE A 1 15  ? -22.029 10.824  1.531   1.00 87.79  ? 316 PHE A CD1 1 
ATOM 94  C CD2 . PHE A 1 15  ? -23.037 10.521  -0.602  1.00 86.71  ? 316 PHE A CD2 1 
ATOM 95  C CE1 . PHE A 1 15  ? -21.739 9.475   1.587   1.00 79.88  ? 316 PHE A CE1 1 
ATOM 96  C CE2 . PHE A 1 15  ? -22.731 9.172   -0.563  1.00 78.74  ? 316 PHE A CE2 1 
ATOM 97  C CZ  . PHE A 1 15  ? -22.086 8.646   0.535   1.00 78.44  ? 316 PHE A CZ  1 
ATOM 98  N N   . ASP A 1 16  ? -21.718 13.119  -2.469  1.00 97.34  ? 317 ASP A N   1 
ATOM 99  C CA  . ASP A 1 16  ? -21.247 12.283  -3.556  1.00 82.96  ? 317 ASP A CA  1 
ATOM 100 C C   . ASP A 1 16  ? -19.977 12.857  -4.141  1.00 83.43  ? 317 ASP A C   1 
ATOM 101 O O   . ASP A 1 16  ? -19.077 12.106  -4.515  1.00 98.87  ? 317 ASP A O   1 
ATOM 102 C CB  . ASP A 1 16  ? -22.321 12.163  -4.624  1.00 87.49  ? 317 ASP A CB  1 
ATOM 103 C CG  . ASP A 1 16  ? -22.423 10.765  -5.167  1.00 116.51 ? 317 ASP A CG  1 
ATOM 104 O OD1 . ASP A 1 16  ? -22.010 9.867   -4.413  1.00 117.69 ? 317 ASP A OD1 1 
ATOM 105 O OD2 . ASP A 1 16  ? -22.933 10.553  -6.294  1.00 122.24 ? 317 ASP A OD2 1 
ATOM 106 N N   . PHE A 1 17  ? -19.880 14.193  -4.195  1.00 84.00  ? 318 PHE A N   1 
ATOM 107 C CA  . PHE A 1 17  ? -18.654 14.863  -4.624  1.00 82.48  ? 318 PHE A CA  1 
ATOM 108 C C   . PHE A 1 17  ? -17.484 14.449  -3.755  1.00 85.11  ? 318 PHE A C   1 
ATOM 109 O O   . PHE A 1 17  ? -16.428 14.065  -4.266  1.00 87.98  ? 318 PHE A O   1 
ATOM 110 C CB  . PHE A 1 17  ? -18.827 16.376  -4.540  1.00 94.44  ? 318 PHE A CB  1 
ATOM 111 C CG  . PHE A 1 17  ? -17.567 17.182  -4.840  1.00 86.42  ? 318 PHE A CG  1 
ATOM 112 C CD1 . PHE A 1 17  ? -17.251 17.511  -6.146  1.00 90.35  ? 318 PHE A CD1 1 
ATOM 113 C CD2 . PHE A 1 17  ? -16.723 17.622  -3.830  1.00 88.99  ? 318 PHE A CD2 1 
ATOM 114 C CE1 . PHE A 1 17  ? -16.151 18.262  -6.436  1.00 92.06  ? 318 PHE A CE1 1 
ATOM 115 C CE2 . PHE A 1 17  ? -15.609 18.366  -4.124  1.00 85.49  ? 318 PHE A CE2 1 
ATOM 116 C CZ  . PHE A 1 17  ? -15.324 18.683  -5.429  1.00 104.21 ? 318 PHE A CZ  1 
ATOM 117 N N   . ASN A 1 18  ? -17.650 14.535  -2.433  1.00 94.03  ? 319 ASN A N   1 
ATOM 118 C CA  . ASN A 1 18  ? -16.575 14.108  -1.547  1.00 87.55  ? 319 ASN A CA  1 
ATOM 119 C C   . ASN A 1 18  ? -16.288 12.626  -1.722  1.00 80.06  ? 319 ASN A C   1 
ATOM 120 O O   . ASN A 1 18  ? -15.125 12.230  -1.831  1.00 81.01  ? 319 ASN A O   1 
ATOM 121 C CB  . ASN A 1 18  ? -16.908 14.423  -0.090  1.00 88.42  ? 319 ASN A CB  1 
ATOM 122 C CG  . ASN A 1 18  ? -16.598 15.852  0.287   1.00 84.48  ? 319 ASN A CG  1 
ATOM 123 O OD1 . ASN A 1 18  ? -16.125 16.644  -0.524  1.00 76.48  ? 319 ASN A OD1 1 
ATOM 124 N ND2 . ASN A 1 18  ? -16.834 16.177  1.549   1.00 100.40 ? 319 ASN A ND2 1 
ATOM 125 N N   . LYS A 1 19  ? -17.328 11.791  -1.783  1.00 89.59  ? 320 LYS A N   1 
ATOM 126 C CA  . LYS A 1 19  ? -17.083 10.372  -2.027  1.00 89.92  ? 320 LYS A CA  1 
ATOM 127 C C   . LYS A 1 19  ? -16.221 10.166  -3.271  1.00 89.78  ? 320 LYS A C   1 
ATOM 128 O O   . LYS A 1 19  ? -15.309 9.330   -3.263  1.00 79.80  ? 320 LYS A O   1 
ATOM 129 C CB  . LYS A 1 19  ? -18.397 9.584   -2.140  1.00 80.65  ? 320 LYS A CB  1 
ATOM 130 C CG  . LYS A 1 19  ? -18.142 8.103   -2.452  1.00 86.74  ? 320 LYS A CG  1 
ATOM 131 C CD  . LYS A 1 19  ? -19.361 7.209   -2.381  1.00 87.72  ? 320 LYS A CD  1 
ATOM 132 C CE  . LYS A 1 19  ? -20.261 7.296   -3.619  1.00 120.75 ? 320 LYS A CE  1 
ATOM 133 N NZ  . LYS A 1 19  ? -19.633 6.983   -4.934  1.00 102.91 ? 320 LYS A NZ  1 
ATOM 134 N N   . GLN A 1 20  ? -16.469 10.943  -4.335  1.00 85.61  ? 321 GLN A N   1 
ATOM 135 C CA  . GLN A 1 20  ? -15.663 10.827  -5.550  1.00 83.38  ? 321 GLN A CA  1 
ATOM 136 C C   . GLN A 1 20  ? -14.231 11.284  -5.314  1.00 90.65  ? 321 GLN A C   1 
ATOM 137 O O   . GLN A 1 20  ? -13.288 10.672  -5.831  1.00 80.67  ? 321 GLN A O   1 
ATOM 138 C CB  . GLN A 1 20  ? -16.279 11.628  -6.696  1.00 91.71  ? 321 GLN A CB  1 
ATOM 139 C CG  . GLN A 1 20  ? -17.635 11.117  -7.184  1.00 114.20 ? 321 GLN A CG  1 
ATOM 140 C CD  . GLN A 1 20  ? -17.510 9.929   -8.127  1.00 128.45 ? 321 GLN A CD  1 
ATOM 141 O OE1 . GLN A 1 20  ? -18.162 8.891   -7.935  1.00 134.00 ? 321 GLN A OE1 1 
ATOM 142 N NE2 . GLN A 1 20  ? -16.672 10.077  -9.160  1.00 116.55 ? 321 GLN A NE2 1 
ATOM 143 N N   . ALA A 1 21  ? -14.048 12.369  -4.555  1.00 77.62  ? 322 ALA A N   1 
ATOM 144 C CA  . ALA A 1 21  ? -12.698 12.786  -4.203  1.00 76.04  ? 322 ALA A CA  1 
ATOM 145 C C   . ALA A 1 21  ? -11.957 11.660  -3.506  1.00 77.79  ? 322 ALA A C   1 
ATOM 146 O O   . ALA A 1 21  ? -10.852 11.294  -3.913  1.00 94.05  ? 322 ALA A O   1 
ATOM 147 C CB  . ALA A 1 21  ? -12.735 14.023  -3.313  1.00 80.66  ? 322 ALA A CB  1 
ATOM 148 N N   . ILE A 1 22  ? -12.561 11.087  -2.469  1.00 75.88  ? 323 ILE A N   1 
ATOM 149 C CA  . ILE A 1 22  ? -11.969 9.950   -1.776  1.00 72.43  ? 323 ILE A CA  1 
ATOM 150 C C   . ILE A 1 22  ? -11.615 8.839   -2.757  1.00 87.72  ? 323 ILE A C   1 
ATOM 151 O O   . ILE A 1 22  ? -10.498 8.308   -2.725  1.00 82.40  ? 323 ILE A O   1 
ATOM 152 C CB  . ILE A 1 22  ? -12.926 9.459   -0.680  1.00 72.52  ? 323 ILE A CB  1 
ATOM 153 C CG1 . ILE A 1 22  ? -13.006 10.505  0.425   1.00 72.28  ? 323 ILE A CG1 1 
ATOM 154 C CG2 . ILE A 1 22  ? -12.487 8.097   -0.134  1.00 75.57  ? 323 ILE A CG2 1 
ATOM 155 C CD1 . ILE A 1 22  ? -14.211 10.332  1.285   1.00 80.06  ? 323 ILE A CD1 1 
ATOM 156 N N   . GLN A 1 23  ? -12.551 8.467   -3.644  1.00 85.90  ? 324 GLN A N   1 
ATOM 157 C CA  . GLN A 1 23  ? -12.278 7.393   -4.599  1.00 75.08  ? 324 GLN A CA  1 
ATOM 158 C C   . GLN A 1 23  ? -11.084 7.718   -5.495  1.00 90.66  ? 324 GLN A C   1 
ATOM 159 O O   . GLN A 1 23  ? -10.199 6.868   -5.688  1.00 88.27  ? 324 GLN A O   1 
ATOM 160 C CB  . GLN A 1 23  ? -13.512 7.090   -5.445  1.00 83.23  ? 324 GLN A CB  1 
ATOM 161 C CG  . GLN A 1 23  ? -14.670 6.459   -4.681  1.00 88.93  ? 324 GLN A CG  1 
ATOM 162 C CD  . GLN A 1 23  ? -16.014 6.506   -5.431  1.00 110.05 ? 324 GLN A CD  1 
ATOM 163 O OE1 . GLN A 1 23  ? -17.024 6.050   -4.905  1.00 124.10 ? 324 GLN A OE1 1 
ATOM 164 N NE2 . GLN A 1 23  ? -16.034 7.076   -6.640  1.00 99.95  ? 324 GLN A NE2 1 
ATOM 165 N N   . ARG A 1 24  ? -11.028 8.941   -6.040  1.00 76.39  ? 325 ARG A N   1 
ATOM 166 C CA  . ARG A 1 24  ? -9.906  9.308   -6.900  1.00 73.05  ? 325 ARG A CA  1 
ATOM 167 C C   . ARG A 1 24  ? -8.591  9.322   -6.128  1.00 71.52  ? 325 ARG A C   1 
ATOM 168 O O   . ARG A 1 24  ? -7.577  8.840   -6.630  1.00 77.30  ? 325 ARG A O   1 
ATOM 169 C CB  . ARG A 1 24  ? -10.151 10.664  -7.544  1.00 77.34  ? 325 ARG A CB  1 
ATOM 170 C CG  . ARG A 1 24  ? -8.965  11.221  -8.277  1.00 78.44  ? 325 ARG A CG  1 
ATOM 171 C CD  . ARG A 1 24  ? -8.985  12.736  -8.244  1.00 94.15  ? 325 ARG A CD  1 
ATOM 172 N NE  . ARG A 1 24  ? -9.892  13.336  -9.220  1.00 106.30 ? 325 ARG A NE  1 
ATOM 173 C CZ  . ARG A 1 24  ? -10.212 14.632  -9.235  1.00 122.65 ? 325 ARG A CZ  1 
ATOM 174 N NH1 . ARG A 1 24  ? -9.736  15.453  -8.297  1.00 101.10 ? 325 ARG A NH1 1 
ATOM 175 N NH2 . ARG A 1 24  ? -11.033 15.110  -10.166 1.00 137.64 ? 325 ARG A NH2 1 
ATOM 176 N N   . LEU A 1 25  ? -8.582  9.857   -4.903  1.00 69.18  ? 326 LEU A N   1 
ATOM 177 C CA  . LEU A 1 25  ? -7.322  9.940   -4.167  1.00 66.92  ? 326 LEU A CA  1 
ATOM 178 C C   . LEU A 1 25  ? -6.760  8.554   -3.885  1.00 68.43  ? 326 LEU A C   1 
ATOM 179 O O   . LEU A 1 25  ? -5.560  8.307   -4.063  1.00 67.70  ? 326 LEU A O   1 
ATOM 180 C CB  . LEU A 1 25  ? -7.507  10.683  -2.854  1.00 64.26  ? 326 LEU A CB  1 
ATOM 181 C CG  . LEU A 1 25  ? -6.166  10.834  -2.125  1.00 57.56  ? 326 LEU A CG  1 
ATOM 182 C CD1 . LEU A 1 25  ? -5.292  11.769  -2.912  1.00 62.81  ? 326 LEU A CD1 1 
ATOM 183 C CD2 . LEU A 1 25  ? -6.227  11.244  -0.676  1.00 60.63  ? 326 LEU A CD2 1 
ATOM 184 N N   . LYS A 1 26  ? -7.617  7.637   -3.441  1.00 72.72  ? 327 LYS A N   1 
ATOM 185 C CA  . LYS A 1 26  ? -7.211  6.244   -3.301  1.00 70.03  ? 327 LYS A CA  1 
ATOM 186 C C   . LYS A 1 26  ? -6.608  5.706   -4.598  1.00 70.31  ? 327 LYS A C   1 
ATOM 187 O O   . LYS A 1 26  ? -5.517  5.120   -4.596  1.00 65.97  ? 327 LYS A O   1 
ATOM 188 C CB  . LYS A 1 26  ? -8.409  5.405   -2.864  1.00 67.49  ? 327 LYS A CB  1 
ATOM 189 C CG  . LYS A 1 26  ? -8.125  3.952   -2.914  1.00 74.02  ? 327 LYS A CG  1 
ATOM 190 C CD  . LYS A 1 26  ? -9.362  3.163   -2.651  1.00 77.39  ? 327 LYS A CD  1 
ATOM 191 C CE  . LYS A 1 26  ? -10.067 3.725   -1.466  1.00 81.76  ? 327 LYS A CE  1 
ATOM 192 N NZ  . LYS A 1 26  ? -11.262 2.918   -1.155  1.00 105.76 ? 327 LYS A NZ  1 
ATOM 193 N N   . ALA A 1 27  ? -7.318  5.888   -5.716  1.00 73.56  ? 328 ALA A N   1 
ATOM 194 C CA  . ALA A 1 27  ? -6.842  5.359   -6.989  1.00 69.93  ? 328 ALA A CA  1 
ATOM 195 C C   . ALA A 1 27  ? -5.465  5.895   -7.331  1.00 69.75  ? 328 ALA A C   1 
ATOM 196 O O   . ALA A 1 27  ? -4.575  5.125   -7.693  1.00 77.10  ? 328 ALA A O   1 
ATOM 197 C CB  . ALA A 1 27  ? -7.829  5.688   -8.096  1.00 76.09  ? 328 ALA A CB  1 
ATOM 198 N N   . GLU A 1 28  ? -5.255  7.201   -7.187  1.00 69.17  ? 329 GLU A N   1 
ATOM 199 C CA  . GLU A 1 28  ? -3.959  7.785   -7.535  1.00 72.54  ? 329 GLU A CA  1 
ATOM 200 C C   . GLU A 1 28  ? -2.856  7.364   -6.557  1.00 73.62  ? 329 GLU A C   1 
ATOM 201 O O   . GLU A 1 28  ? -1.786  6.895   -6.971  1.00 72.56  ? 329 GLU A O   1 
ATOM 202 C CB  . GLU A 1 28  ? -4.085  9.308   -7.600  1.00 81.20  ? 329 GLU A CB  1 
ATOM 203 C CG  . GLU A 1 28  ? -5.142  9.785   -8.603  1.00 91.90  ? 329 GLU A CG  1 
ATOM 204 C CD  . GLU A 1 28  ? -5.234  11.312  -8.731  1.00 101.94 ? 329 GLU A CD  1 
ATOM 205 O OE1 . GLU A 1 28  ? -4.600  12.024  -7.913  1.00 90.28  ? 329 GLU A OE1 1 
ATOM 206 O OE2 . GLU A 1 28  ? -5.939  11.787  -9.662  1.00 86.82  ? 329 GLU A OE2 1 
ATOM 207 N N   . ALA A 1 29  ? -3.092  7.527   -5.257  1.00 79.18  ? 330 ALA A N   1 
ATOM 208 C CA  . ALA A 1 29  ? -2.094  7.109   -4.277  1.00 82.10  ? 330 ALA A CA  1 
ATOM 209 C C   . ALA A 1 29  ? -1.689  5.653   -4.478  1.00 81.55  ? 330 ALA A C   1 
ATOM 210 O O   . ALA A 1 29  ? -0.505  5.321   -4.395  1.00 86.66  ? 330 ALA A O   1 
ATOM 211 C CB  . ALA A 1 29  ? -2.623  7.327   -2.861  1.00 64.80  ? 330 ALA A CB  1 
ATOM 212 N N   . GLN A 1 30  ? -2.660  4.770   -4.733  1.00 77.51  ? 331 GLN A N   1 
ATOM 213 C CA  . GLN A 1 30  ? -2.354  3.368   -4.977  1.00 74.33  ? 331 GLN A CA  1 
ATOM 214 C C   . GLN A 1 30  ? -1.477  3.184   -6.206  1.00 83.69  ? 331 GLN A C   1 
ATOM 215 O O   . GLN A 1 30  ? -0.453  2.478   -6.148  1.00 76.94  ? 331 GLN A O   1 
ATOM 216 C CB  . GLN A 1 30  ? -3.644  2.574   -5.115  1.00 74.28  ? 331 GLN A CB  1 
ATOM 217 C CG  . GLN A 1 30  ? -3.394  1.131   -5.585  1.00 92.81  ? 331 GLN A CG  1 
ATOM 218 C CD  . GLN A 1 30  ? -4.581  0.198   -5.358  1.00 107.72 ? 331 GLN A CD  1 
ATOM 219 O OE1 . GLN A 1 30  ? -5.451  0.448   -4.497  1.00 105.26 ? 331 GLN A OE1 1 
ATOM 220 N NE2 . GLN A 1 30  ? -4.631  -0.881  -6.142  1.00 108.04 ? 331 GLN A NE2 1 
ATOM 221 N N   . MET A 1 31  ? -1.867  3.798   -7.332  1.00 74.52  ? 332 MET A N   1 
ATOM 222 C CA  . MET A 1 31  ? -1.015  3.760   -8.518  1.00 81.49  ? 332 MET A CA  1 
ATOM 223 C C   . MET A 1 31  ? 0.399   4.193   -8.174  1.00 82.93  ? 332 MET A C   1 
ATOM 224 O O   . MET A 1 31  ? 1.378   3.545   -8.557  1.00 73.83  ? 332 MET A O   1 
ATOM 225 C CB  . MET A 1 31  ? -1.587  4.665   -9.611  1.00 85.80  ? 332 MET A CB  1 
ATOM 226 C CG  . MET A 1 31  ? -0.609  4.948   -10.757 1.00 87.10  ? 332 MET A CG  1 
ATOM 227 S SD  . MET A 1 31  ? -0.583  3.564   -11.928 1.00 109.23 ? 332 MET A SD  1 
ATOM 228 C CE  . MET A 1 31  ? -2.296  3.660   -12.538 1.00 98.95  ? 332 MET A CE  1 
ATOM 229 N N   . SER A 1 32  ? 0.507   5.289   -7.427  1.00 99.33  ? 333 SER A N   1 
ATOM 230 C CA  . SER A 1 32  ? 1.788   5.862   -7.052  1.00 85.83  ? 333 SER A CA  1 
ATOM 231 C C   . SER A 1 32  ? 2.592   4.900   -6.185  1.00 83.21  ? 333 SER A C   1 
ATOM 232 O O   . SER A 1 32  ? 3.802   4.737   -6.387  1.00 87.42  ? 333 SER A O   1 
ATOM 233 C CB  . SER A 1 32  ? 1.520   7.185   -6.337  1.00 72.64  ? 333 SER A CB  1 
ATOM 234 O OG  . SER A 1 32  ? 2.725   7.864   -6.082  1.00 100.62 ? 333 SER A OG  1 
ATOM 235 N N   . ILE A 1 33  ? 1.933   4.242   -5.226  1.00 88.53  ? 334 ILE A N   1 
ATOM 236 C CA  . ILE A 1 33  ? 2.620   3.291   -4.363  1.00 75.71  ? 334 ILE A CA  1 
ATOM 237 C C   . ILE A 1 33  ? 3.012   2.047   -5.140  1.00 94.77  ? 334 ILE A C   1 
ATOM 238 O O   . ILE A 1 33  ? 4.144   1.554   -5.016  1.00 97.43  ? 334 ILE A O   1 
ATOM 239 C CB  . ILE A 1 33  ? 1.751   2.939   -3.152  1.00 68.68  ? 334 ILE A CB  1 
ATOM 240 C CG1 . ILE A 1 33  ? 1.672   4.151   -2.235  1.00 72.73  ? 334 ILE A CG1 1 
ATOM 241 C CG2 . ILE A 1 33  ? 2.336   1.764   -2.446  1.00 71.71  ? 334 ILE A CG2 1 
ATOM 242 C CD1 . ILE A 1 33  ? 1.006   3.896   -0.930  1.00 73.20  ? 334 ILE A CD1 1 
ATOM 243 N N   . GLN A 1 34  ? 2.105   1.523   -5.972  1.00 87.51  ? 335 GLN A N   1 
ATOM 244 C CA  . GLN A 1 34  ? 2.441   0.310   -6.721  1.00 92.41  ? 335 GLN A CA  1 
ATOM 245 C C   . GLN A 1 34  ? 3.663   0.521   -7.613  1.00 89.01  ? 335 GLN A C   1 
ATOM 246 O O   . GLN A 1 34  ? 4.496   -0.382  -7.739  1.00 81.24  ? 335 GLN A O   1 
ATOM 247 C CB  . GLN A 1 34  ? 1.240   -0.153  -7.544  1.00 97.89  ? 335 GLN A CB  1 
ATOM 248 C CG  . GLN A 1 34  ? 0.140   -0.765  -6.699  1.00 100.95 ? 335 GLN A CG  1 
ATOM 249 C CD  . GLN A 1 34  ? -1.103  -1.076  -7.497  1.00 96.22  ? 335 GLN A CD  1 
ATOM 250 O OE1 . GLN A 1 34  ? -2.129  -1.410  -6.935  1.00 94.77  ? 335 GLN A OE1 1 
ATOM 251 N NE2 . GLN A 1 34  ? -1.006  -0.986  -8.826  1.00 93.50  ? 335 GLN A NE2 1 
ATOM 252 N N   . LEU A 1 35  ? 3.792   1.716   -8.211  1.00 90.85  ? 336 LEU A N   1 
ATOM 253 C CA  . LEU A 1 35  ? 5.001   2.069   -8.948  1.00 78.36  ? 336 LEU A CA  1 
ATOM 254 C C   . LEU A 1 35  ? 6.213   2.067   -8.025  1.00 87.52  ? 336 LEU A C   1 
ATOM 255 O O   . LEU A 1 35  ? 7.306   1.627   -8.423  1.00 85.10  ? 336 LEU A O   1 
ATOM 256 C CB  . LEU A 1 35  ? 4.847   3.444   -9.625  1.00 73.29  ? 336 LEU A CB  1 
ATOM 257 C CG  . LEU A 1 35  ? 3.777   3.700   -10.707 1.00 61.54  ? 336 LEU A CG  1 
ATOM 258 C CD1 . LEU A 1 35  ? 4.072   4.923   -11.532 1.00 56.34  ? 336 LEU A CD1 1 
ATOM 259 C CD2 . LEU A 1 35  ? 3.569   2.493   -11.587 1.00 77.85  ? 336 LEU A CD2 1 
ATOM 260 N N   . ILE A 1 36  ? 6.039   2.537   -6.784  1.00 79.11  ? 337 ILE A N   1 
ATOM 261 C CA  . ILE A 1 36  ? 7.160   2.517   -5.850  1.00 90.58  ? 337 ILE A CA  1 
ATOM 262 C C   . ILE A 1 36  ? 7.556   1.082   -5.541  1.00 79.58  ? 337 ILE A C   1 
ATOM 263 O O   . ILE A 1 36  ? 8.732   0.710   -5.670  1.00 65.40  ? 337 ILE A O   1 
ATOM 264 C CB  . ILE A 1 36  ? 6.816   3.328   -4.587  1.00 74.19  ? 337 ILE A CB  1 
ATOM 265 C CG1 . ILE A 1 36  ? 6.713   4.808   -4.979  1.00 73.19  ? 337 ILE A CG1 1 
ATOM 266 C CG2 . ILE A 1 36  ? 7.875   3.142   -3.494  1.00 61.72  ? 337 ILE A CG2 1 
ATOM 267 C CD1 . ILE A 1 36  ? 6.308   5.708   -3.880  1.00 76.12  ? 337 ILE A CD1 1 
ATOM 268 N N   . ASN A 1 37  ? 6.567   0.243   -5.206  1.00 81.25  ? 338 ASN A N   1 
ATOM 269 C CA  . ASN A 1 37  ? 6.843   -1.146  -4.875  1.00 74.10  ? 338 ASN A CA  1 
ATOM 270 C C   . ASN A 1 37  ? 7.576   -1.847  -5.994  1.00 76.29  ? 338 ASN A C   1 
ATOM 271 O O   . ASN A 1 37  ? 8.438   -2.685  -5.723  1.00 81.11  ? 338 ASN A O   1 
ATOM 272 C CB  . ASN A 1 37  ? 5.557   -1.896  -4.560  1.00 80.94  ? 338 ASN A CB  1 
ATOM 273 C CG  . ASN A 1 37  ? 4.829   -1.337  -3.358  1.00 90.75  ? 338 ASN A CG  1 
ATOM 274 O OD1 . ASN A 1 37  ? 5.422   -0.700  -2.498  1.00 105.52 ? 338 ASN A OD1 1 
ATOM 275 N ND2 . ASN A 1 37  ? 3.525   -1.551  -3.310  1.00 92.59  ? 338 ASN A ND2 1 
ATOM 276 N N   . LYS A 1 38  ? 7.262   -1.518  -7.259  1.00 72.01  ? 339 LYS A N   1 
ATOM 277 C CA  . LYS A 1 38  ? 7.991   -2.150  -8.359  1.00 89.55  ? 339 LYS A CA  1 
ATOM 278 C C   . LYS A 1 38  ? 9.477   -1.767  -8.345  1.00 91.43  ? 339 LYS A C   1 
ATOM 279 O O   . LYS A 1 38  ? 10.349  -2.643  -8.453  1.00 73.19  ? 339 LYS A O   1 
ATOM 280 C CB  . LYS A 1 38  ? 7.322   -1.853  -9.713  1.00 75.40  ? 339 LYS A CB  1 
ATOM 281 C CG  . LYS A 1 38  ? 5.927   -2.524  -9.860  1.00 94.48  ? 339 LYS A CG  1 
ATOM 282 C CD  . LYS A 1 38  ? 5.361   -2.478  -11.307 1.00 115.80 ? 339 LYS A CD  1 
ATOM 283 C CE  . LYS A 1 38  ? 3.892   -2.973  -11.426 1.00 87.56  ? 339 LYS A CE  1 
ATOM 284 N NZ  . LYS A 1 38  ? 3.663   -4.360  -10.958 1.00 90.10  ? 339 LYS A NZ  1 
ATOM 285 N N   . ALA A 1 39  ? 9.802   -0.476  -8.180  1.00 88.95  ? 340 ALA A N   1 
ATOM 286 C CA  . ALA A 1 39  ? 11.217  -0.111  -8.141  1.00 71.88  ? 340 ALA A CA  1 
ATOM 287 C C   . ALA A 1 39  ? 11.892  -0.659  -6.892  1.00 71.33  ? 340 ALA A C   1 
ATOM 288 O O   . ALA A 1 39  ? 13.002  -1.179  -6.975  1.00 85.15  ? 340 ALA A O   1 
ATOM 289 C CB  . ALA A 1 39  ? 11.393  1.404   -8.228  1.00 73.20  ? 340 ALA A CB  1 
ATOM 290 N N   . VAL A 1 40  ? 11.248  -0.559  -5.725  1.00 79.03  ? 341 VAL A N   1 
ATOM 291 C CA  . VAL A 1 40  ? 11.882  -1.090  -4.521  1.00 70.96  ? 341 VAL A CA  1 
ATOM 292 C C   . VAL A 1 40  ? 12.076  -2.596  -4.633  1.00 86.15  ? 341 VAL A C   1 
ATOM 293 O O   . VAL A 1 40  ? 13.108  -3.123  -4.200  1.00 84.44  ? 341 VAL A O   1 
ATOM 294 C CB  . VAL A 1 40  ? 11.109  -0.693  -3.247  1.00 63.79  ? 341 VAL A CB  1 
ATOM 295 C CG1 . VAL A 1 40  ? 11.736  -1.325  -2.038  1.00 78.39  ? 341 VAL A CG1 1 
ATOM 296 C CG2 . VAL A 1 40  ? 11.257  0.776   -3.033  1.00 64.59  ? 341 VAL A CG2 1 
ATOM 297 N N   . ASN A 1 41  ? 11.124  -3.315  -5.245  1.00 78.39  ? 342 ASN A N   1 
ATOM 298 C CA  . ASN A 1 41  ? 11.309  -4.758  -5.399  1.00 73.40  ? 342 ASN A CA  1 
ATOM 299 C C   . ASN A 1 41  ? 12.495  -5.086  -6.303  1.00 77.32  ? 342 ASN A C   1 
ATOM 300 O O   . ASN A 1 41  ? 13.289  -5.986  -6.001  1.00 69.93  ? 342 ASN A O   1 
ATOM 301 C CB  . ASN A 1 41  ? 10.032  -5.407  -5.923  1.00 68.15  ? 342 ASN A CB  1 
ATOM 302 C CG  . ASN A 1 41  ? 9.068   -5.731  -4.819  1.00 78.59  ? 342 ASN A CG  1 
ATOM 303 O OD1 . ASN A 1 41  ? 9.465   -5.884  -3.664  1.00 83.94  ? 342 ASN A OD1 1 
ATOM 304 N ND2 . ASN A 1 41  ? 7.799   -5.847  -5.154  1.00 84.70  ? 342 ASN A ND2 1 
ATOM 305 N N   . ALA A 1 42  ? 12.648  -4.347  -7.403  1.00 83.60  ? 343 ALA A N   1 
ATOM 306 C CA  . ALA A 1 42  ? 13.711  -4.645  -8.357  1.00 82.13  ? 343 ALA A CA  1 
ATOM 307 C C   . ALA A 1 42  ? 15.083  -4.223  -7.835  1.00 82.63  ? 343 ALA A C   1 
ATOM 308 O O   . ALA A 1 42  ? 16.082  -4.891  -8.124  1.00 85.25  ? 343 ALA A O   1 
ATOM 309 C CB  . ALA A 1 42  ? 13.403  -3.977  -9.698  1.00 84.50  ? 343 ALA A CB  1 
ATOM 310 N N   . LEU A 1 43  ? 15.162  -3.113  -7.102  1.00 71.54  ? 344 LEU A N   1 
ATOM 311 C CA  . LEU A 1 43  ? 16.373  -2.840  -6.350  1.00 66.69  ? 344 LEU A CA  1 
ATOM 312 C C   . LEU A 1 43  ? 16.755  -4.040  -5.507  1.00 68.90  ? 344 LEU A C   1 
ATOM 313 O O   . LEU A 1 43  ? 17.860  -4.572  -5.655  1.00 73.96  ? 344 LEU A O   1 
ATOM 314 C CB  . LEU A 1 43  ? 16.177  -1.614  -5.479  1.00 67.95  ? 344 LEU A CB  1 
ATOM 315 C CG  . LEU A 1 43  ? 16.335  -0.337  -6.290  1.00 70.09  ? 344 LEU A CG  1 
ATOM 316 C CD1 . LEU A 1 43  ? 16.113  0.897   -5.421  1.00 64.73  ? 344 LEU A CD1 1 
ATOM 317 C CD2 . LEU A 1 43  ? 17.712  -0.326  -6.992  1.00 69.87  ? 344 LEU A CD2 1 
ATOM 318 N N   . ILE A 1 44  ? 15.842  -4.493  -4.640  1.00 69.28  ? 345 ILE A N   1 
ATOM 319 C CA  . ILE A 1 44  ? 16.075  -5.693  -3.838  1.00 69.89  ? 345 ILE A CA  1 
ATOM 320 C C   . ILE A 1 44  ? 16.608  -6.828  -4.696  1.00 88.42  ? 345 ILE A C   1 
ATOM 321 O O   . ILE A 1 44  ? 17.650  -7.415  -4.376  1.00 88.28  ? 345 ILE A O   1 
ATOM 322 C CB  . ILE A 1 44  ? 14.794  -6.121  -3.115  1.00 70.59  ? 345 ILE A CB  1 
ATOM 323 C CG1 . ILE A 1 44  ? 14.394  -5.089  -2.065  1.00 79.32  ? 345 ILE A CG1 1 
ATOM 324 C CG2 . ILE A 1 44  ? 14.965  -7.498  -2.529  1.00 73.75  ? 345 ILE A CG2 1 
ATOM 325 C CD1 . ILE A 1 44  ? 13.062  -5.388  -1.404  1.00 72.22  ? 345 ILE A CD1 1 
ATOM 326 N N   . ASN A 1 45  ? 15.902  -7.168  -5.789  1.00 74.60  ? 346 ASN A N   1 
ATOM 327 C CA  . ASN A 1 45  ? 16.378  -8.238  -6.675  1.00 83.51  ? 346 ASN A CA  1 
ATOM 328 C C   . ASN A 1 45  ? 17.857  -8.068  -7.013  1.00 86.47  ? 346 ASN A C   1 
ATOM 329 O O   . ASN A 1 45  ? 18.686  -8.939  -6.708  1.00 73.67  ? 346 ASN A O   1 
ATOM 330 C CB  . ASN A 1 45  ? 15.541  -8.277  -7.954  1.00 73.96  ? 346 ASN A CB  1 
ATOM 331 C CG  . ASN A 1 45  ? 16.130  -9.202  -9.022  1.00 91.13  ? 346 ASN A CG  1 
ATOM 332 O OD1 . ASN A 1 45  ? 15.874  -10.416 -9.013  1.00 107.52 ? 346 ASN A OD1 1 
ATOM 333 N ND2 . ASN A 1 45  ? 16.881  -8.629  -9.971  1.00 70.17  ? 346 ASN A ND2 1 
ATOM 334 N N   . ASP A 1 46  ? 18.203  -6.930  -7.627  1.00 97.78  ? 347 ASP A N   1 
ATOM 335 C CA  . ASP A 1 46  ? 19.570  -6.694  -8.055  1.00 77.42  ? 347 ASP A CA  1 
ATOM 336 C C   . ASP A 1 46  ? 20.516  -6.638  -6.881  1.00 84.11  ? 347 ASP A C   1 
ATOM 337 O O   . ASP A 1 46  ? 21.659  -7.076  -7.010  1.00 102.49 ? 347 ASP A O   1 
ATOM 338 C CB  . ASP A 1 46  ? 19.688  -5.404  -8.864  1.00 87.13  ? 347 ASP A CB  1 
ATOM 339 C CG  . ASP A 1 46  ? 19.133  -5.544  -10.271 1.00 85.29  ? 347 ASP A CG  1 
ATOM 340 O OD1 . ASP A 1 46  ? 18.491  -6.585  -10.558 1.00 72.12  ? 347 ASP A OD1 1 
ATOM 341 O OD2 . ASP A 1 46  ? 19.397  -4.638  -11.096 1.00 87.54  ? 347 ASP A OD2 1 
ATOM 342 N N   . GLN A 1 47  ? 20.078  -6.121  -5.729  1.00 71.56  ? 348 GLN A N   1 
ATOM 343 C CA  . GLN A 1 47  ? 21.017  -6.008  -4.619  1.00 72.82  ? 348 GLN A CA  1 
ATOM 344 C C   . GLN A 1 47  ? 21.375  -7.385  -4.075  1.00 80.53  ? 348 GLN A C   1 
ATOM 345 O O   . GLN A 1 47  ? 22.501  -7.611  -3.614  1.00 74.15  ? 348 GLN A O   1 
ATOM 346 C CB  . GLN A 1 47  ? 20.456  -5.141  -3.502  1.00 75.92  ? 348 GLN A CB  1 
ATOM 347 C CG  . GLN A 1 47  ? 21.497  -4.956  -2.452  1.00 83.29  ? 348 GLN A CG  1 
ATOM 348 C CD  . GLN A 1 47  ? 21.595  -3.521  -2.031  1.00 96.74  ? 348 GLN A CD  1 
ATOM 349 O OE1 . GLN A 1 47  ? 20.912  -3.127  -1.081  1.00 75.01  ? 348 GLN A OE1 1 
ATOM 350 N NE2 . GLN A 1 47  ? 22.350  -2.692  -2.807  1.00 71.33  ? 348 GLN A NE2 1 
ATOM 351 N N   . LEU A 1 48  ? 20.430  -8.323  -4.142  1.00 91.32  ? 349 LEU A N   1 
ATOM 352 C CA  . LEU A 1 48  ? 20.685  -9.704  -3.743  1.00 80.63  ? 349 LEU A CA  1 
ATOM 353 C C   . LEU A 1 48  ? 21.564  -10.433 -4.761  1.00 84.55  ? 349 LEU A C   1 
ATOM 354 O O   . LEU A 1 48  ? 22.206  -11.424 -4.404  1.00 89.86  ? 349 LEU A O   1 
ATOM 355 C CB  . LEU A 1 48  ? 19.352  -10.448 -3.596  1.00 74.55  ? 349 LEU A CB  1 
ATOM 356 C CG  . LEU A 1 48  ? 18.212  -10.185 -2.607  1.00 73.58  ? 349 LEU A CG  1 
ATOM 357 C CD1 . LEU A 1 48  ? 17.086  -11.152 -2.950  1.00 76.62  ? 349 LEU A CD1 1 
ATOM 358 C CD2 . LEU A 1 48  ? 18.641  -10.343 -1.160  1.00 84.48  ? 349 LEU A CD2 1 
ATOM 359 N N   . ILE A 1 49  ? 21.549  -10.013 -6.039  1.00 81.84  ? 350 ILE A N   1 
ATOM 360 C CA  . ILE A 1 49  ? 22.478  -10.567 -7.024  1.00 76.40  ? 350 ILE A CA  1 
ATOM 361 C C   . ILE A 1 49  ? 23.898  -10.125 -6.729  1.00 90.44  ? 350 ILE A C   1 
ATOM 362 O O   . ILE A 1 49  ? 24.845  -10.915 -6.823  1.00 92.04  ? 350 ILE A O   1 
ATOM 363 C CB  . ILE A 1 49  ? 22.092  -10.188 -8.466  1.00 75.95  ? 350 ILE A CB  1 
ATOM 364 C CG1 . ILE A 1 49  ? 20.844  -10.914 -8.952  1.00 86.89  ? 350 ILE A CG1 1 
ATOM 365 C CG2 . ILE A 1 49  ? 23.256  -10.394 -9.388  1.00 79.16  ? 350 ILE A CG2 1 
ATOM 366 C CD1 . ILE A 1 49  ? 20.589  -10.689 -10.449 1.00 81.99  ? 350 ILE A CD1 1 
ATOM 367 N N   . MET A 1 50  ? 24.078  -8.848  -6.412  1.00 84.72  ? 351 MET A N   1 
ATOM 368 C CA  . MET A 1 50  ? 25.425  -8.376  -6.123  1.00 92.55  ? 351 MET A CA  1 
ATOM 369 C C   . MET A 1 50  ? 25.968  -9.012  -4.852  1.00 89.87  ? 351 MET A C   1 
ATOM 370 O O   . MET A 1 50  ? 27.174  -9.272  -4.745  1.00 88.61  ? 351 MET A O   1 
ATOM 371 C CB  . MET A 1 50  ? 25.429  -6.855  -6.030  1.00 89.12  ? 351 MET A CB  1 
ATOM 372 C CG  . MET A 1 50  ? 24.873  -6.204  -7.268  1.00 85.00  ? 351 MET A CG  1 
ATOM 373 S SD  . MET A 1 50  ? 24.520  -4.488  -6.995  1.00 86.72  ? 351 MET A SD  1 
ATOM 374 C CE  . MET A 1 50  ? 26.170  -3.823  -6.770  1.00 88.29  ? 351 MET A CE  1 
ATOM 375 N N   . LYS A 1 51  ? 25.082  -9.301  -3.895  1.00 83.84  ? 352 LYS A N   1 
ATOM 376 C CA  . LYS A 1 51  ? 25.478  -9.928  -2.642  1.00 89.32  ? 352 LYS A CA  1 
ATOM 377 C C   . LYS A 1 51  ? 25.922  -11.375 -2.850  1.00 90.69  ? 352 LYS A C   1 
ATOM 378 O O   . LYS A 1 51  ? 26.668  -11.906 -2.017  1.00 104.19 ? 352 LYS A O   1 
ATOM 379 C CB  . LYS A 1 51  ? 24.309  -9.841  -1.640  1.00 92.55  ? 352 LYS A CB  1 
ATOM 380 C CG  . LYS A 1 51  ? 24.059  -8.446  -1.015  1.00 77.58  ? 352 LYS A CG  1 
ATOM 381 C CD  . LYS A 1 51  ? 22.627  -8.306  -0.477  1.00 76.15  ? 352 LYS A CD  1 
ATOM 382 C CE  . LYS A 1 51  ? 22.433  -6.997  0.285   1.00 88.52  ? 352 LYS A CE  1 
ATOM 383 N NZ  . LYS A 1 51  ? 21.011  -6.581  0.536   1.00 72.51  ? 352 LYS A NZ  1 
ATOM 384 N N   . ASN A 1 52  ? 25.506  -12.014 -3.951  1.00 84.21  ? 353 ASN A N   1 
ATOM 385 C CA  . ASN A 1 52  ? 25.896  -13.383 -4.274  1.00 95.05  ? 353 ASN A CA  1 
ATOM 386 C C   . ASN A 1 52  ? 27.068  -13.474 -5.245  1.00 92.89  ? 353 ASN A C   1 
ATOM 387 O O   . ASN A 1 52  ? 27.545  -14.580 -5.512  1.00 93.91  ? 353 ASN A O   1 
ATOM 388 C CB  . ASN A 1 52  ? 24.709  -14.159 -4.867  1.00 91.25  ? 353 ASN A CB  1 
ATOM 389 C CG  . ASN A 1 52  ? 23.662  -14.521 -3.833  1.00 92.02  ? 353 ASN A CG  1 
ATOM 390 O OD1 . ASN A 1 52  ? 23.940  -14.587 -2.637  1.00 91.23  ? 353 ASN A OD1 1 
ATOM 391 N ND2 . ASN A 1 52  ? 22.451  -14.791 -4.301  1.00 103.11 ? 353 ASN A ND2 1 
ATOM 392 N N   . HIS A 1 53  ? 27.531  -12.362 -5.781  1.00 85.04  ? 354 HIS A N   1 
ATOM 393 C CA  . HIS A 1 53  ? 28.596  -12.366 -6.773  1.00 87.56  ? 354 HIS A CA  1 
ATOM 394 C C   . HIS A 1 53  ? 29.840  -11.620 -6.337  1.00 91.04  ? 354 HIS A C   1 
ATOM 395 O O   . HIS A 1 53  ? 30.949  -12.112 -6.561  1.00 111.93 ? 354 HIS A O   1 
ATOM 396 C CB  . HIS A 1 53  ? 28.078  -11.782 -8.092  1.00 94.45  ? 354 HIS A CB  1 
ATOM 397 C CG  . HIS A 1 53  ? 27.235  -12.735 -8.883  1.00 91.89  ? 354 HIS A CG  1 
ATOM 398 N ND1 . HIS A 1 53  ? 26.284  -13.548 -8.306  1.00 93.53  ? 354 HIS A ND1 1 
ATOM 399 C CD2 . HIS A 1 53  ? 27.179  -12.975 -10.214 1.00 79.61  ? 354 HIS A CD2 1 
ATOM 400 C CE1 . HIS A 1 53  ? 25.697  -14.268 -9.245  1.00 89.41  ? 354 HIS A CE1 1 
ATOM 401 N NE2 . HIS A 1 53  ? 26.213  -13.930 -10.413 1.00 78.76  ? 354 HIS A NE2 1 
ATOM 402 N N   . LEU A 1 54  ? 29.688  -10.454 -5.720  1.00 94.48  ? 355 LEU A N   1 
ATOM 403 C CA  . LEU A 1 54  ? 30.837  -9.670  -5.287  1.00 108.11 ? 355 LEU A CA  1 
ATOM 404 C C   . LEU A 1 54  ? 31.595  -10.438 -4.208  1.00 114.52 ? 355 LEU A C   1 
ATOM 405 O O   . LEU A 1 54  ? 31.033  -10.752 -3.154  1.00 114.18 ? 355 LEU A O   1 
ATOM 406 C CB  . LEU A 1 54  ? 30.371  -8.315  -4.764  1.00 93.20  ? 355 LEU A CB  1 
ATOM 407 C CG  . LEU A 1 54  ? 29.600  -7.495  -5.803  1.00 97.25  ? 355 LEU A CG  1 
ATOM 408 C CD1 . LEU A 1 54  ? 28.874  -6.379  -5.123  1.00 96.59  ? 355 LEU A CD1 1 
ATOM 409 C CD2 . LEU A 1 54  ? 30.486  -6.960  -6.901  1.00 105.20 ? 355 LEU A CD2 1 
ATOM 410 N N   . ARG A 1 55  ? 32.871  -10.746 -4.466  1.00 106.20 ? 356 ARG A N   1 
ATOM 411 C CA  . ARG A 1 55  ? 33.620  -11.574 -3.522  1.00 114.62 ? 356 ARG A CA  1 
ATOM 412 C C   . ARG A 1 55  ? 34.036  -10.806 -2.267  1.00 105.90 ? 356 ARG A C   1 
ATOM 413 O O   . ARG A 1 55  ? 34.082  -11.401 -1.182  1.00 107.94 ? 356 ARG A O   1 
ATOM 414 C CB  . ARG A 1 55  ? 34.837  -12.211 -4.211  1.00 130.68 ? 356 ARG A CB  1 
ATOM 415 C CG  . ARG A 1 55  ? 34.505  -13.427 -5.116  1.00 131.37 ? 356 ARG A CG  1 
ATOM 416 C CD  . ARG A 1 55  ? 35.763  -14.293 -5.373  1.00 126.61 ? 356 ARG A CD  1 
ATOM 417 N NE  . ARG A 1 55  ? 36.803  -13.488 -6.010  1.00 129.94 ? 356 ARG A NE  1 
ATOM 418 C CZ  . ARG A 1 55  ? 36.943  -13.361 -7.330  1.00 132.43 ? 356 ARG A CZ  1 
ATOM 419 N NH1 . ARG A 1 55  ? 36.156  -14.055 -8.149  1.00 121.53 ? 356 ARG A NH1 1 
ATOM 420 N NH2 . ARG A 1 55  ? 37.894  -12.576 -7.833  1.00 125.27 ? 356 ARG A NH2 1 
ATOM 421 N N   . ASP A 1 56  ? 34.312  -9.497  -2.376  1.00 97.01  ? 357 ASP A N   1 
ATOM 422 C CA  . ASP A 1 56  ? 34.706  -8.716  -1.198  1.00 97.10  ? 357 ASP A CA  1 
ATOM 423 C C   . ASP A 1 56  ? 33.694  -8.836  -0.054  1.00 111.91 ? 357 ASP A C   1 
ATOM 424 O O   . ASP A 1 56  ? 34.078  -8.750  1.122   1.00 126.78 ? 357 ASP A O   1 
ATOM 425 C CB  . ASP A 1 56  ? 34.884  -7.226  -1.545  1.00 98.82  ? 357 ASP A CB  1 
ATOM 426 C CG  . ASP A 1 56  ? 36.124  -6.944  -2.416  1.00 126.13 ? 357 ASP A CG  1 
ATOM 427 O OD1 . ASP A 1 56  ? 37.027  -7.806  -2.467  1.00 139.08 ? 357 ASP A OD1 1 
ATOM 428 O OD2 . ASP A 1 56  ? 36.210  -5.846  -3.030  1.00 114.11 ? 357 ASP A OD2 1 
ATOM 429 N N   . ILE A 1 57  ? 32.407  -9.037  -0.367  1.00 102.88 ? 358 ILE A N   1 
ATOM 430 C CA  . ILE A 1 57  ? 31.319  -8.971  0.599   1.00 90.59  ? 358 ILE A CA  1 
ATOM 431 C C   . ILE A 1 57  ? 30.561  -10.285 0.702   1.00 112.00 ? 358 ILE A C   1 
ATOM 432 O O   . ILE A 1 57  ? 29.431  -10.309 1.210   1.00 112.58 ? 358 ILE A O   1 
ATOM 433 C CB  . ILE A 1 57  ? 30.335  -7.842  0.255   1.00 89.15  ? 358 ILE A CB  1 
ATOM 434 C CG1 . ILE A 1 57  ? 29.635  -8.170  -1.072  1.00 93.77  ? 358 ILE A CG1 1 
ATOM 435 C CG2 . ILE A 1 57  ? 31.064  -6.533  0.184   1.00 88.27  ? 358 ILE A CG2 1 
ATOM 436 C CD1 . ILE A 1 57  ? 28.532  -7.240  -1.443  1.00 86.87  ? 358 ILE A CD1 1 
ATOM 437 N N   . MET A 1 58  ? 31.130  -11.382 0.197   1.00 109.31 ? 359 MET A N   1 
ATOM 438 C CA  . MET A 1 58  ? 30.483  -12.665 0.436   1.00 103.02 ? 359 MET A CA  1 
ATOM 439 C C   . MET A 1 58  ? 30.675  -13.101 1.875   1.00 90.36  ? 359 MET A C   1 
ATOM 440 O O   . MET A 1 58  ? 29.906  -13.929 2.369   1.00 91.27  ? 359 MET A O   1 
ATOM 441 C CB  . MET A 1 58  ? 30.992  -13.729 -0.548  1.00 94.49  ? 359 MET A CB  1 
ATOM 442 C CG  . MET A 1 58  ? 30.487  -13.484 -1.983  1.00 113.25 ? 359 MET A CG  1 
ATOM 443 S SD  . MET A 1 58  ? 30.779  -14.735 -3.269  1.00 118.08 ? 359 MET A SD  1 
ATOM 444 C CE  . MET A 1 58  ? 29.468  -15.918 -2.923  1.00 109.93 ? 359 MET A CE  1 
ATOM 445 N N   . GLY A 1 59  ? 31.642  -12.507 2.573   1.00 89.03  ? 360 GLY A N   1 
ATOM 446 C CA  . GLY A 1 59  ? 31.879  -12.892 3.942   1.00 93.15  ? 360 GLY A CA  1 
ATOM 447 C C   . GLY A 1 59  ? 30.889  -12.333 4.917   1.00 91.01  ? 360 GLY A C   1 
ATOM 448 O O   . GLY A 1 59  ? 30.782  -12.854 6.028   1.00 94.53  ? 360 GLY A O   1 
ATOM 449 N N   . ILE A 1 60  ? 30.165  -11.288 4.524   1.00 120.34 ? 361 ILE A N   1 
ATOM 450 C CA  . ILE A 1 60  ? 29.191  -10.590 5.391   1.00 112.19 ? 361 ILE A CA  1 
ATOM 451 C C   . ILE A 1 60  ? 27.887  -11.380 5.439   1.00 89.73  ? 361 ILE A C   1 
ATOM 452 O O   . ILE A 1 60  ? 27.368  -11.779 4.383   1.00 93.99  ? 361 ILE A O   1 
ATOM 453 C CB  . ILE A 1 60  ? 28.938  -9.181  4.878   1.00 83.10  ? 361 ILE A CB  1 
ATOM 454 C CG1 . ILE A 1 60  ? 30.229  -8.388  4.848   1.00 78.46  ? 361 ILE A CG1 1 
ATOM 455 C CG2 . ILE A 1 60  ? 27.936  -8.498  5.751   1.00 84.83  ? 361 ILE A CG2 1 
ATOM 456 C CD1 . ILE A 1 60  ? 30.042  -7.077  4.257   1.00 82.93  ? 361 ILE A CD1 1 
ATOM 457 N N   . PRO A 1 61  ? 27.329  -11.616 6.597   1.00 87.65  ? 362 PRO A N   1 
ATOM 458 C CA  . PRO A 1 61  ? 26.147  -12.467 6.668   1.00 86.73  ? 362 PRO A CA  1 
ATOM 459 C C   . PRO A 1 61  ? 24.874  -11.629 6.693   1.00 110.52 ? 362 PRO A C   1 
ATOM 460 O O   . PRO A 1 61  ? 24.909  -10.395 6.802   1.00 109.33 ? 362 PRO A O   1 
ATOM 461 C CB  . PRO A 1 61  ? 26.356  -13.215 7.981   1.00 90.02  ? 362 PRO A CB  1 
ATOM 462 C CG  . PRO A 1 61  ? 27.047  -12.171 8.835   1.00 86.53  ? 362 PRO A CG  1 
ATOM 463 C CD  . PRO A 1 61  ? 27.900  -11.350 7.924   1.00 89.79  ? 362 PRO A CD  1 
ATOM 464 N N   . TYR A 1 62  ? 23.733  -12.297 6.572   1.00 94.16  ? 363 TYR A N   1 
ATOM 465 C CA  . TYR A 1 62  ? 22.428  -11.668 6.701   1.00 84.14  ? 363 TYR A CA  1 
ATOM 466 C C   . TYR A 1 62  ? 22.018  -11.661 8.167   1.00 90.68  ? 363 TYR A C   1 
ATOM 467 O O   . TYR A 1 62  ? 22.202  -12.655 8.870   1.00 99.99  ? 363 TYR A O   1 
ATOM 468 C CB  . TYR A 1 62  ? 21.412  -12.444 5.865   1.00 82.24  ? 363 TYR A CB  1 
ATOM 469 C CG  . TYR A 1 62  ? 21.617  -12.367 4.367   1.00 79.89  ? 363 TYR A CG  1 
ATOM 470 C CD1 . TYR A 1 62  ? 22.727  -12.906 3.761   1.00 83.50  ? 363 TYR A CD1 1 
ATOM 471 C CD2 . TYR A 1 62  ? 20.639  -11.830 3.555   1.00 89.13  ? 363 TYR A CD2 1 
ATOM 472 C CE1 . TYR A 1 62  ? 22.879  -12.853 2.388   1.00 86.27  ? 363 TYR A CE1 1 
ATOM 473 C CE2 . TYR A 1 62  ? 20.772  -11.777 2.190   1.00 82.12  ? 363 TYR A CE2 1 
ATOM 474 C CZ  . TYR A 1 62  ? 21.887  -12.291 1.607   1.00 92.16  ? 363 TYR A CZ  1 
ATOM 475 O OH  . TYR A 1 62  ? 22.003  -12.237 0.226   1.00 118.65 ? 363 TYR A OH  1 
ATOM 476 N N   . CYS A 1 63  ? 21.475  -10.540 8.636   1.00 90.57  ? 364 CYS A N   1 
ATOM 477 C CA  . CYS A 1 63  ? 20.988  -10.506 10.008  1.00 95.39  ? 364 CYS A CA  1 
ATOM 478 C C   . CYS A 1 63  ? 19.864  -11.514 10.168  1.00 106.38 ? 364 CYS A C   1 
ATOM 479 O O   . CYS A 1 63  ? 19.102  -11.760 9.234   1.00 117.89 ? 364 CYS A O   1 
ATOM 480 C CB  . CYS A 1 63  ? 20.492  -9.116  10.390  1.00 99.16  ? 364 CYS A CB  1 
ATOM 481 S SG  . CYS A 1 63  ? 21.460  -7.731  9.750   1.00 100.57 ? 364 CYS A SG  1 
ATOM 482 N N   . ASN A 1 64  ? 19.768  -12.111 11.350  1.00 108.49 ? 365 ASN A N   1 
ATOM 483 C CA  . ASN A 1 64  ? 18.767  -13.134 11.618  1.00 125.68 ? 365 ASN A CA  1 
ATOM 484 C C   . ASN A 1 64  ? 17.869  -12.681 12.754  1.00 129.08 ? 365 ASN A C   1 
ATOM 485 O O   . ASN A 1 64  ? 18.340  -12.494 13.881  1.00 140.91 ? 365 ASN A O   1 
ATOM 486 C CB  . ASN A 1 64  ? 19.422  -14.482 11.913  1.00 120.52 ? 365 ASN A CB  1 
ATOM 487 C CG  . ASN A 1 64  ? 19.449  -15.386 10.679  1.00 147.14 ? 365 ASN A CG  1 
ATOM 488 O OD1 . ASN A 1 64  ? 18.505  -15.382 9.871   1.00 126.15 ? 365 ASN A OD1 1 
ATOM 489 N ND2 . ASN A 1 64  ? 20.539  -16.132 10.505  1.00 159.80 ? 365 ASN A ND2 1 
ATOM 490 N N   . TYR A 1 65  ? 16.577  -12.521 12.446  1.00 118.91 ? 366 TYR A N   1 
ATOM 491 C CA  . TYR A 1 65  ? 15.508  -12.013 13.307  1.00 123.78 ? 366 TYR A CA  1 
ATOM 492 C C   . TYR A 1 65  ? 15.917  -10.907 14.263  1.00 125.74 ? 366 TYR A C   1 
ATOM 493 O O   . TYR A 1 65  ? 15.105  -10.020 14.548  1.00 143.16 ? 366 TYR A O   1 
ATOM 494 C CB  . TYR A 1 65  ? 14.857  -13.078 14.184  1.00 127.40 ? 366 TYR A CB  1 
ATOM 495 C CG  . TYR A 1 65  ? 13.481  -12.595 14.622  1.00 111.48 ? 366 TYR A CG  1 
ATOM 496 C CD1 . TYR A 1 65  ? 12.366  -12.803 13.814  1.00 110.81 ? 366 TYR A CD1 1 
ATOM 497 C CD2 . TYR A 1 65  ? 13.326  -11.796 15.756  1.00 108.81 ? 366 TYR A CD2 1 
ATOM 498 C CE1 . TYR A 1 65  ? 11.140  -12.346 14.183  1.00 110.98 ? 366 TYR A CE1 1 
ATOM 499 C CE2 . TYR A 1 65  ? 12.110  -11.303 16.113  1.00 105.24 ? 366 TYR A CE2 1 
ATOM 500 C CZ  . TYR A 1 65  ? 11.020  -11.587 15.324  1.00 117.26 ? 366 TYR A CZ  1 
ATOM 501 O OH  . TYR A 1 65  ? 9.783   -11.109 15.674  1.00 140.74 ? 366 TYR A OH  1 
ATOM 502 N N   . SER A 1 66  ? 17.136  -10.935 14.794  1.00 136.70 ? 367 SER A N   1 
ATOM 503 C CA  . SER A 1 66  ? 17.598  -9.772  15.540  1.00 152.22 ? 367 SER A CA  1 
ATOM 504 C C   . SER A 1 66  ? 17.508  -8.531  14.634  1.00 162.09 ? 367 SER A C   1 
ATOM 505 O O   . SER A 1 66  ? 17.757  -7.410  15.091  1.00 156.16 ? 367 SER A O   1 
ATOM 506 C CB  . SER A 1 66  ? 19.015  -10.006 16.087  1.00 124.29 ? 367 SER A CB  1 
ATOM 507 O OG  . SER A 1 66  ? 19.059  -11.070 17.035  1.00 103.34 ? 367 SER A OG  1 
ATOM 508 N N   . LYS A 1 67  ? 17.097  -8.726  13.358  1.00 151.39 ? 368 LYS A N   1 
ATOM 509 C CA  . LYS A 1 67  ? 16.925  -7.639  12.388  1.00 135.47 ? 368 LYS A CA  1 
ATOM 510 C C   . LYS A 1 67  ? 15.691  -6.797  12.682  1.00 147.65 ? 368 LYS A C   1 
ATOM 511 O O   . LYS A 1 67  ? 15.728  -5.576  12.493  1.00 167.79 ? 368 LYS A O   1 
ATOM 512 C CB  . LYS A 1 67  ? 16.829  -8.175  10.948  1.00 123.97 ? 368 LYS A CB  1 
ATOM 513 C CG  . LYS A 1 67  ? 15.482  -8.690  10.484  1.00 110.78 ? 368 LYS A CG  1 
ATOM 514 C CD  . LYS A 1 67  ? 15.435  -8.670  8.961   1.00 112.26 ? 368 LYS A CD  1 
ATOM 515 C CE  . LYS A 1 67  ? 16.575  -9.546  8.394   1.00 123.05 ? 368 LYS A CE  1 
ATOM 516 N NZ  . LYS A 1 67  ? 16.775  -9.542  6.903   1.00 98.47  ? 368 LYS A NZ  1 
ATOM 517 N N   . TYR A 1 68  ? 14.589  -7.415  13.146  1.00 152.63 ? 369 TYR A N   1 
ATOM 518 C CA  . TYR A 1 68  ? 13.378  -6.657  13.461  1.00 133.83 ? 369 TYR A CA  1 
ATOM 519 C C   . TYR A 1 68  ? 13.535  -5.808  14.731  1.00 146.40 ? 369 TYR A C   1 
ATOM 520 O O   . TYR A 1 68  ? 12.540  -5.237  15.176  1.00 145.64 ? 369 TYR A O   1 
ATOM 521 C CB  . TYR A 1 68  ? 12.190  -7.612  13.585  1.00 131.64 ? 369 TYR A CB  1 
ATOM 522 C CG  . TYR A 1 68  ? 11.899  -8.364  12.301  1.00 127.46 ? 369 TYR A CG  1 
ATOM 523 C CD1 . TYR A 1 68  ? 12.056  -7.751  11.065  1.00 138.82 ? 369 TYR A CD1 1 
ATOM 524 C CD2 . TYR A 1 68  ? 11.496  -9.694  12.323  1.00 122.99 ? 369 TYR A CD2 1 
ATOM 525 C CE1 . TYR A 1 68  ? 11.805  -8.439  9.883   1.00 141.77 ? 369 TYR A CE1 1 
ATOM 526 C CE2 . TYR A 1 68  ? 11.244  -10.396 11.147  1.00 121.76 ? 369 TYR A CE2 1 
ATOM 527 C CZ  . TYR A 1 68  ? 11.401  -9.760  9.930   1.00 134.38 ? 369 TYR A CZ  1 
ATOM 528 O OH  . TYR A 1 68  ? 11.153  -10.441 8.759   1.00 126.21 ? 369 TYR A OH  1 
ATOM 529 N N   . TRP A 1 69  ? 14.762  -5.763  15.284  1.00 151.29 ? 370 TRP A N   1 
ATOM 530 C CA  . TRP A 1 69  ? 15.069  -4.877  16.403  1.00 151.21 ? 370 TRP A CA  1 
ATOM 531 C C   . TRP A 1 69  ? 16.437  -4.210  16.248  1.00 156.93 ? 370 TRP A C   1 
ATOM 532 O O   . TRP A 1 69  ? 17.053  -3.845  17.264  1.00 145.89 ? 370 TRP A O   1 
ATOM 533 C CB  . TRP A 1 69  ? 14.955  -5.657  17.725  1.00 135.61 ? 370 TRP A CB  1 
ATOM 534 C CG  . TRP A 1 69  ? 13.563  -5.558  18.377  1.00 145.77 ? 370 TRP A CG  1 
ATOM 535 C CD1 . TRP A 1 69  ? 12.988  -4.433  18.925  1.00 142.40 ? 370 TRP A CD1 1 
ATOM 536 C CD2 . TRP A 1 69  ? 12.577  -6.613  18.512  1.00 142.86 ? 370 TRP A CD2 1 
ATOM 537 N NE1 . TRP A 1 69  ? 11.730  -4.735  19.413  1.00 140.02 ? 370 TRP A NE1 1 
ATOM 538 C CE2 . TRP A 1 69  ? 11.455  -6.058  19.178  1.00 135.50 ? 370 TRP A CE2 1 
ATOM 539 C CE3 . TRP A 1 69  ? 12.546  -7.972  18.161  1.00 142.02 ? 370 TRP A CE3 1 
ATOM 540 C CZ2 . TRP A 1 69  ? 10.311  -6.812  19.486  1.00 119.72 ? 370 TRP A CZ2 1 
ATOM 541 C CZ3 . TRP A 1 69  ? 11.408  -8.717  18.476  1.00 136.35 ? 370 TRP A CZ3 1 
ATOM 542 C CH2 . TRP A 1 69  ? 10.315  -8.129  19.134  1.00 118.79 ? 370 TRP A CH2 1 
ATOM 543 N N   . TYR A 1 70  ? 16.947  -4.088  15.013  1.00 152.82 ? 371 TYR A N   1 
ATOM 544 C CA  . TYR A 1 70  ? 17.876  -3.030  14.635  1.00 154.10 ? 371 TYR A CA  1 
ATOM 545 C C   . TYR A 1 70  ? 17.152  -1.866  13.943  1.00 161.44 ? 371 TYR A C   1 
ATOM 546 O O   . TYR A 1 70  ? 17.777  -0.832  13.668  1.00 152.22 ? 371 TYR A O   1 
ATOM 547 C CB  . TYR A 1 70  ? 18.970  -3.546  13.687  1.00 142.37 ? 371 TYR A CB  1 
ATOM 548 C CG  . TYR A 1 70  ? 19.679  -4.854  14.025  1.00 145.09 ? 371 TYR A CG  1 
ATOM 549 C CD1 . TYR A 1 70  ? 20.190  -5.142  15.289  1.00 131.30 ? 371 TYR A CD1 1 
ATOM 550 C CD2 . TYR A 1 70  ? 19.787  -5.833  13.050  1.00 153.76 ? 371 TYR A CD2 1 
ATOM 551 C CE1 . TYR A 1 70  ? 20.827  -6.384  15.530  1.00 136.78 ? 371 TYR A CE1 1 
ATOM 552 C CE2 . TYR A 1 70  ? 20.399  -7.059  13.282  1.00 139.51 ? 371 TYR A CE2 1 
ATOM 553 C CZ  . TYR A 1 70  ? 20.917  -7.339  14.509  1.00 128.58 ? 371 TYR A CZ  1 
ATOM 554 O OH  . TYR A 1 70  ? 21.514  -8.581  14.660  1.00 122.63 ? 371 TYR A OH  1 
ATOM 555 N N   . LEU A 1 71  ? 15.853  -2.022  13.625  1.00 151.35 ? 372 LEU A N   1 
ATOM 556 C CA  . LEU A 1 71  ? 15.056  -0.893  13.143  1.00 156.60 ? 372 LEU A CA  1 
ATOM 557 C C   . LEU A 1 71  ? 14.769  0.114   14.255  1.00 158.85 ? 372 LEU A C   1 
ATOM 558 O O   . LEU A 1 71  ? 14.464  1.277   13.968  1.00 138.43 ? 372 LEU A O   1 
ATOM 559 C CB  . LEU A 1 71  ? 13.734  -1.369  12.534  1.00 140.19 ? 372 LEU A CB  1 
ATOM 560 C CG  . LEU A 1 71  ? 12.530  -1.395  13.475  1.00 138.14 ? 372 LEU A CG  1 
ATOM 561 C CD1 . LEU A 1 71  ? 11.263  -1.701  12.717  1.00 125.78 ? 372 LEU A CD1 1 
ATOM 562 C CD2 . LEU A 1 71  ? 12.736  -2.408  14.556  1.00 138.53 ? 372 LEU A CD2 1 
ATOM 563 N N   . ASN A 1 72  ? 14.833  -0.330  15.513  1.00 162.88 ? 373 ASN A N   1 
ATOM 564 C CA  . ASN A 1 72  ? 14.858  0.522   16.692  1.00 155.08 ? 373 ASN A CA  1 
ATOM 565 C C   . ASN A 1 72  ? 16.261  1.051   16.974  1.00 157.53 ? 373 ASN A C   1 
ATOM 566 O O   . ASN A 1 72  ? 16.614  1.265   18.142  1.00 168.48 ? 373 ASN A O   1 
ATOM 567 C CB  . ASN A 1 72  ? 14.329  -0.256  17.903  1.00 151.66 ? 373 ASN A CB  1 
ATOM 568 C CG  . ASN A 1 72  ? 13.766  0.657   18.991  1.00 165.23 ? 373 ASN A CG  1 
ATOM 569 O OD1 . ASN A 1 72  ? 12.822  0.287   19.681  1.00 169.77 ? 373 ASN A OD1 1 
ATOM 570 N ND2 . ASN A 1 72  ? 14.344  1.853   19.143  1.00 147.64 ? 373 ASN A ND2 1 
ATOM 571 N N   . HIS A 1 73  ? 17.077  1.245   15.938  1.00 159.93 ? 374 HIS A N   1 
ATOM 572 C CA  . HIS A 1 73  ? 18.441  1.738   16.100  1.00 173.06 ? 374 HIS A CA  1 
ATOM 573 C C   . HIS A 1 73  ? 18.817  2.747   15.007  1.00 167.68 ? 374 HIS A C   1 
ATOM 574 O O   . HIS A 1 73  ? 18.137  2.888   13.990  1.00 151.62 ? 374 HIS A O   1 
ATOM 575 C CB  . HIS A 1 73  ? 19.447  0.571   16.103  1.00 156.07 ? 374 HIS A CB  1 
ATOM 576 C CG  . HIS A 1 73  ? 19.518  -0.197  17.395  1.00 168.52 ? 374 HIS A CG  1 
ATOM 577 N ND1 . HIS A 1 73  ? 19.752  -1.560  17.440  1.00 169.70 ? 374 HIS A ND1 1 
ATOM 578 C CD2 . HIS A 1 73  ? 19.451  0.208   18.688  1.00 171.74 ? 374 HIS A CD2 1 
ATOM 579 C CE1 . HIS A 1 73  ? 19.799  -1.961  18.697  1.00 165.42 ? 374 HIS A CE1 1 
ATOM 580 N NE2 . HIS A 1 73  ? 19.620  -0.907  19.477  1.00 171.08 ? 374 HIS A NE2 1 
ATOM 581 N N   . PRO A 1 80  ? 25.242  -2.980  13.792  1.00 149.58 ? 381 PRO A N   1 
ATOM 582 C CA  . PRO A 1 80  ? 24.346  -3.647  12.824  1.00 156.41 ? 381 PRO A CA  1 
ATOM 583 C C   . PRO A 1 80  ? 24.996  -3.892  11.452  1.00 133.06 ? 381 PRO A C   1 
ATOM 584 O O   . PRO A 1 80  ? 24.433  -3.450  10.429  1.00 107.10 ? 381 PRO A O   1 
ATOM 585 C CB  . PRO A 1 80  ? 23.165  -2.668  12.696  1.00 118.88 ? 381 PRO A CB  1 
ATOM 586 C CG  . PRO A 1 80  ? 23.761  -1.320  13.037  1.00 113.32 ? 381 PRO A CG  1 
ATOM 587 C CD  . PRO A 1 80  ? 24.802  -1.604  14.108  1.00 127.16 ? 381 PRO A CD  1 
ATOM 588 N N   . LYS A 1 81  ? 26.139  -4.596  11.443  1.00 112.55 ? 382 LYS A N   1 
ATOM 589 C CA  . LYS A 1 81  ? 26.914  -4.853  10.221  1.00 124.56 ? 382 LYS A CA  1 
ATOM 590 C C   . LYS A 1 81  ? 26.628  -6.268  9.700   1.00 118.42 ? 382 LYS A C   1 
ATOM 591 O O   . LYS A 1 81  ? 27.412  -7.215  9.864   1.00 92.44  ? 382 LYS A O   1 
ATOM 592 C CB  . LYS A 1 81  ? 28.399  -4.618  10.486  1.00 120.67 ? 382 LYS A CB  1 
ATOM 593 C CG  . LYS A 1 81  ? 28.857  -3.146  10.369  1.00 126.03 ? 382 LYS A CG  1 
ATOM 594 C CD  . LYS A 1 81  ? 28.527  -2.553  9.000   1.00 121.08 ? 382 LYS A CD  1 
ATOM 595 C CE  . LYS A 1 81  ? 29.063  -1.130  8.843   1.00 121.48 ? 382 LYS A CE  1 
ATOM 596 N NZ  . LYS A 1 81  ? 30.570  -1.067  8.785   1.00 118.02 ? 382 LYS A NZ  1 
ATOM 597 N N   . CYS A 1 82  ? 25.480  -6.379  9.026   1.00 121.01 ? 383 CYS A N   1 
ATOM 598 C CA  . CYS A 1 82  ? 24.948  -7.595  8.419   1.00 104.87 ? 383 CYS A CA  1 
ATOM 599 C C   . CYS A 1 82  ? 23.838  -7.166  7.462   1.00 106.36 ? 383 CYS A C   1 
ATOM 600 O O   . CYS A 1 82  ? 23.268  -6.074  7.591   1.00 92.90  ? 383 CYS A O   1 
ATOM 601 C CB  . CYS A 1 82  ? 24.388  -8.566  9.471   1.00 97.42  ? 383 CYS A CB  1 
ATOM 602 S SG  . CYS A 1 82  ? 23.259  -7.816  10.715  1.00 91.02  ? 383 CYS A SG  1 
ATOM 603 N N   . TRP A 1 83  ? 23.484  -8.052  6.535   1.00 96.16  ? 384 TRP A N   1 
ATOM 604 C CA  . TRP A 1 83  ? 22.516  -7.675  5.504   1.00 96.43  ? 384 TRP A CA  1 
ATOM 605 C C   . TRP A 1 83  ? 21.097  -7.619  6.089   1.00 84.77  ? 384 TRP A C   1 
ATOM 606 O O   . TRP A 1 83  ? 20.600  -8.615  6.621   1.00 98.95  ? 384 TRP A O   1 
ATOM 607 C CB  . TRP A 1 83  ? 22.568  -8.664  4.338   1.00 99.04  ? 384 TRP A CB  1 
ATOM 608 C CG  . TRP A 1 83  ? 23.872  -8.796  3.579   1.00 84.26  ? 384 TRP A CG  1 
ATOM 609 C CD1 . TRP A 1 83  ? 24.428  -9.965  3.170   1.00 90.66  ? 384 TRP A CD1 1 
ATOM 610 C CD2 . TRP A 1 83  ? 24.778  -7.761  3.174   1.00 75.97  ? 384 TRP A CD2 1 
ATOM 611 N NE1 . TRP A 1 83  ? 25.605  -9.729  2.508   1.00 104.07 ? 384 TRP A NE1 1 
ATOM 612 C CE2 . TRP A 1 83  ? 25.843  -8.382  2.499   1.00 81.96  ? 384 TRP A CE2 1 
ATOM 613 C CE3 . TRP A 1 83  ? 24.786  -6.381  3.299   1.00 78.92  ? 384 TRP A CE3 1 
ATOM 614 C CZ2 . TRP A 1 83  ? 26.898  -7.671  1.962   1.00 78.12  ? 384 TRP A CZ2 1 
ATOM 615 C CZ3 . TRP A 1 83  ? 25.830  -5.688  2.768   1.00 87.19  ? 384 TRP A CZ3 1 
ATOM 616 C CH2 . TRP A 1 83  ? 26.873  -6.326  2.111   1.00 76.65  ? 384 TRP A CH2 1 
ATOM 617 N N   . LEU A 1 84  ? 20.430  -6.468  5.957   1.00 108.16 ? 385 LEU A N   1 
ATOM 618 C CA  . LEU A 1 84  ? 19.033  -6.315  6.354   1.00 88.22  ? 385 LEU A CA  1 
ATOM 619 C C   . LEU A 1 84  ? 18.073  -6.744  5.266   1.00 70.77  ? 385 LEU A C   1 
ATOM 620 O O   . LEU A 1 84  ? 16.945  -7.103  5.570   1.00 89.33  ? 385 LEU A O   1 
ATOM 621 C CB  . LEU A 1 84  ? 18.758  -4.853  6.711   1.00 71.34  ? 385 LEU A CB  1 
ATOM 622 C CG  . LEU A 1 84  ? 18.989  -4.536  8.180   1.00 68.15  ? 385 LEU A CG  1 
ATOM 623 C CD1 . LEU A 1 84  ? 18.664  -3.116  8.486   1.00 61.35  ? 385 LEU A CD1 1 
ATOM 624 C CD2 . LEU A 1 84  ? 18.207  -5.498  9.026   1.00 87.79  ? 385 LEU A CD2 1 
ATOM 625 N N   . VAL A 1 85  ? 18.498  -6.717  4.018   1.00 72.38  ? 386 VAL A N   1 
ATOM 626 C CA  . VAL A 1 85  ? 17.652  -6.992  2.876   1.00 73.58  ? 386 VAL A CA  1 
ATOM 627 C C   . VAL A 1 85  ? 17.923  -8.409  2.426   1.00 78.84  ? 386 VAL A C   1 
ATOM 628 O O   . VAL A 1 85  ? 19.034  -8.710  1.979   1.00 91.50  ? 386 VAL A O   1 
ATOM 629 C CB  . VAL A 1 85  ? 17.938  -6.013  1.740   1.00 83.30  ? 386 VAL A CB  1 
ATOM 630 C CG1 . VAL A 1 85  ? 17.038  -6.291  0.535   1.00 78.24  ? 386 VAL A CG1 1 
ATOM 631 C CG2 . VAL A 1 85  ? 17.785  -4.578  2.230   1.00 78.06  ? 386 VAL A CG2 1 
ATOM 632 N N   . SER A 1 86  ? 16.929  -9.276  2.531   1.00 83.57  ? 387 SER A N   1 
ATOM 633 C CA  . SER A 1 86  ? 17.079  -10.663 2.105   1.00 95.94  ? 387 SER A CA  1 
ATOM 634 C C   . SER A 1 86  ? 15.995  -11.000 1.089   1.00 100.16 ? 387 SER A C   1 
ATOM 635 O O   . SER A 1 86  ? 15.366  -10.119 0.506   1.00 106.24 ? 387 SER A O   1 
ATOM 636 C CB  . SER A 1 86  ? 17.031  -11.613 3.301   1.00 85.12  ? 387 SER A CB  1 
ATOM 637 O OG  . SER A 1 86  ? 15.805  -11.494 3.979   1.00 100.34 ? 387 SER A OG  1 
ATOM 638 N N   . ASN A 1 87  ? 15.760  -12.296 0.891   1.00 90.49  ? 388 ASN A N   1 
ATOM 639 C CA  . ASN A 1 87  ? 14.712  -12.693 -0.039  1.00 82.78  ? 388 ASN A CA  1 
ATOM 640 C C   . ASN A 1 87  ? 13.317  -12.528 0.545   1.00 104.32 ? 388 ASN A C   1 
ATOM 641 O O   . ASN A 1 87  ? 12.333  -12.578 -0.206  1.00 107.45 ? 388 ASN A O   1 
ATOM 642 C CB  . ASN A 1 87  ? 14.933  -14.125 -0.473  1.00 79.66  ? 388 ASN A CB  1 
ATOM 643 C CG  . ASN A 1 87  ? 16.206  -14.272 -1.255  1.00 109.48 ? 388 ASN A CG  1 
ATOM 644 O OD1 . ASN A 1 87  ? 16.214  -14.197 -2.493  1.00 102.31 ? 388 ASN A OD1 1 
ATOM 645 N ND2 . ASN A 1 87  ? 17.320  -14.453 -0.530  1.00 113.20 ? 388 ASN A ND2 1 
ATOM 646 N N   . GLY A 1 88  ? 13.200  -12.331 1.852   1.00 97.64  ? 389 GLY A N   1 
ATOM 647 C CA  . GLY A 1 88  ? 11.916  -11.992 2.410   1.00 85.77  ? 389 GLY A CA  1 
ATOM 648 C C   . GLY A 1 88  ? 11.636  -10.518 2.414   1.00 96.70  ? 389 GLY A C   1 
ATOM 649 O O   . GLY A 1 88  ? 10.551  -10.095 2.832   1.00 120.31 ? 389 GLY A O   1 
ATOM 650 N N   . SER A 1 89  ? 12.592  -9.709  1.956   1.00 98.91  ? 390 SER A N   1 
ATOM 651 C CA  . SER A 1 89  ? 12.457  -8.255  1.999   1.00 99.67  ? 390 SER A CA  1 
ATOM 652 C C   . SER A 1 89  ? 11.493  -7.709  0.955   1.00 80.46  ? 390 SER A C   1 
ATOM 653 O O   . SER A 1 89  ? 11.237  -6.506  0.955   1.00 97.29  ? 390 SER A O   1 
ATOM 654 C CB  . SER A 1 89  ? 13.829  -7.584  1.832   1.00 82.33  ? 390 SER A CB  1 
ATOM 655 O OG  . SER A 1 89  ? 14.721  -8.013  2.839   1.00 82.73  ? 390 SER A OG  1 
ATOM 656 N N   . TYR A 1 90  ? 10.943  -8.547  0.089   1.00 77.28  ? 391 TYR A N   1 
ATOM 657 C CA  . TYR A 1 90  ? 10.107  -8.033  -0.980  1.00 83.31  ? 391 TYR A CA  1 
ATOM 658 C C   . TYR A 1 90  ? 8.807   -7.465  -0.433  1.00 76.47  ? 391 TYR A C   1 
ATOM 659 O O   . TYR A 1 90  ? 8.300   -7.898  0.601   1.00 88.01  ? 391 TYR A O   1 
ATOM 660 C CB  . TYR A 1 90  ? 9.837   -9.126  -2.009  1.00 85.42  ? 391 TYR A CB  1 
ATOM 661 C CG  . TYR A 1 90  ? 11.072  -9.479  -2.830  1.00 102.44 ? 391 TYR A CG  1 
ATOM 662 C CD1 . TYR A 1 90  ? 11.564  -8.606  -3.796  1.00 93.06  ? 391 TYR A CD1 1 
ATOM 663 C CD2 . TYR A 1 90  ? 11.774  -10.657 -2.609  1.00 98.04  ? 391 TYR A CD2 1 
ATOM 664 C CE1 . TYR A 1 90  ? 12.681  -8.918  -4.520  1.00 75.73  ? 391 TYR A CE1 1 
ATOM 665 C CE2 . TYR A 1 90  ? 12.895  -10.955 -3.331  1.00 71.61  ? 391 TYR A CE2 1 
ATOM 666 C CZ  . TYR A 1 90  ? 13.330  -10.087 -4.275  1.00 68.36  ? 391 TYR A CZ  1 
ATOM 667 O OH  . TYR A 1 90  ? 14.434  -10.398 -5.004  1.00 103.71 ? 391 TYR A OH  1 
ATOM 668 N N   . LEU A 1 91  ? 8.295   -6.447  -1.120  1.00 74.28  ? 392 LEU A N   1 
ATOM 669 C CA  . LEU A 1 91  ? 7.064   -5.788  -0.729  1.00 71.58  ? 392 LEU A CA  1 
ATOM 670 C C   . LEU A 1 91  ? 5.902   -6.430  -1.459  1.00 84.96  ? 392 LEU A C   1 
ATOM 671 O O   . LEU A 1 91  ? 5.993   -6.725  -2.656  1.00 77.38  ? 392 LEU A O   1 
ATOM 672 C CB  . LEU A 1 91  ? 7.108   -4.295  -1.056  1.00 75.61  ? 392 LEU A CB  1 
ATOM 673 C CG  . LEU A 1 91  ? 8.169   -3.383  -0.446  1.00 65.60  ? 392 LEU A CG  1 
ATOM 674 C CD1 . LEU A 1 91  ? 8.229   -2.123  -1.253  1.00 72.49  ? 392 LEU A CD1 1 
ATOM 675 C CD2 . LEU A 1 91  ? 7.855   -3.063  0.998   1.00 67.38  ? 392 LEU A CD2 1 
ATOM 676 N N   . ASN A 1 92  ? 4.807   -6.637  -0.733  1.00 81.30  ? 393 ASN A N   1 
ATOM 677 C CA  . ASN A 1 92  ? 3.625   -7.246  -1.322  1.00 91.23  ? 393 ASN A CA  1 
ATOM 678 C C   . ASN A 1 92  ? 2.787   -6.198  -2.041  1.00 89.38  ? 393 ASN A C   1 
ATOM 679 O O   . ASN A 1 92  ? 2.787   -5.016  -1.683  1.00 93.55  ? 393 ASN A O   1 
ATOM 680 C CB  . ASN A 1 92  ? 2.792   -7.958  -0.256  1.00 92.48  ? 393 ASN A CB  1 
ATOM 681 C CG  . ASN A 1 92  ? 3.528   -9.121  0.371   1.00 82.43  ? 393 ASN A CG  1 
ATOM 682 O OD1 . ASN A 1 92  ? 4.135   -9.929  -0.335  1.00 92.33  ? 393 ASN A OD1 1 
ATOM 683 N ND2 . ASN A 1 92  ? 3.504   -9.203  1.697   1.00 93.88  ? 393 ASN A ND2 1 
ATOM 684 N N   . GLU A 1 93  ? 2.094   -6.647  -3.092  1.00 96.15  ? 394 GLU A N   1 
ATOM 685 C CA  . GLU A 1 93  ? 1.197   -5.763  -3.821  1.00 86.10  ? 394 GLU A CA  1 
ATOM 686 C C   . GLU A 1 93  ? 0.268   -5.113  -2.826  1.00 95.44  ? 394 GLU A C   1 
ATOM 687 O O   . GLU A 1 93  ? -0.223  -5.764  -1.898  1.00 93.92  ? 394 GLU A O   1 
ATOM 688 C CB  . GLU A 1 93  ? 0.398   -6.529  -4.869  1.00 94.90  ? 394 GLU A CB  1 
ATOM 689 C CG  . GLU A 1 93  ? 1.290   -7.083  -5.962  1.00 127.30 ? 394 GLU A CG  1 
ATOM 690 C CD  . GLU A 1 93  ? 0.528   -7.828  -7.043  1.00 141.09 ? 394 GLU A CD  1 
ATOM 691 O OE1 . GLU A 1 93  ? -0.725  -7.714  -7.081  1.00 113.03 ? 394 GLU A OE1 1 
ATOM 692 O OE2 . GLU A 1 93  ? 1.207   -8.548  -7.827  1.00 129.34 ? 394 GLU A OE2 1 
ATOM 693 N N   . THR A 1 94  ? 0.089   -3.814  -2.985  1.00 102.15 ? 395 THR A N   1 
ATOM 694 C CA  . THR A 1 94  ? -0.761  -3.023  -2.112  1.00 101.90 ? 395 THR A CA  1 
ATOM 695 C C   . THR A 1 94  ? -2.059  -2.691  -2.831  1.00 86.73  ? 395 THR A C   1 
ATOM 696 O O   . THR A 1 94  ? -2.047  -2.064  -3.896  1.00 82.74  ? 395 THR A O   1 
ATOM 697 C CB  . THR A 1 94  ? -0.028  -1.759  -1.660  1.00 82.18  ? 395 THR A CB  1 
ATOM 698 O OG1 . THR A 1 94  ? -0.954  -0.840  -1.070  1.00 98.61  ? 395 THR A OG1 1 
ATOM 699 C CG2 . THR A 1 94  ? 0.631   -1.119  -2.803  1.00 99.82  ? 395 THR A CG2 1 
ATOM 700 N N   . HIS A 1 95  ? -3.171  -3.159  -2.264  1.00 84.77  ? 396 HIS A N   1 
ATOM 701 C CA  . HIS A 1 95  ? -4.510  -2.836  -2.737  1.00 94.12  ? 396 HIS A CA  1 
ATOM 702 C C   . HIS A 1 95  ? -5.330  -2.346  -1.558  1.00 94.66  ? 396 HIS A C   1 
ATOM 703 O O   . HIS A 1 95  ? -5.503  -3.072  -0.570  1.00 89.51  ? 396 HIS A O   1 
ATOM 704 C CB  . HIS A 1 95  ? -5.204  -4.038  -3.374  1.00 108.45 ? 396 HIS A CB  1 
ATOM 705 C CG  . HIS A 1 95  ? -4.533  -4.548  -4.610  1.00 109.65 ? 396 HIS A CG  1 
ATOM 706 N ND1 . HIS A 1 95  ? -3.439  -5.380  -4.566  1.00 91.32  ? 396 HIS A ND1 1 
ATOM 707 C CD2 . HIS A 1 95  ? -4.797  -4.326  -5.928  1.00 106.39 ? 396 HIS A CD2 1 
ATOM 708 C CE1 . HIS A 1 95  ? -3.049  -5.653  -5.802  1.00 109.62 ? 396 HIS A CE1 1 
ATOM 709 N NE2 . HIS A 1 95  ? -3.854  -5.025  -6.644  1.00 113.94 ? 396 HIS A NE2 1 
ATOM 710 N N   . PHE A 1 96  ? -5.819  -1.118  -1.655  1.00 100.29 ? 397 PHE A N   1 
ATOM 711 C CA  . PHE A 1 96  ? -6.689  -0.519  -0.668  1.00 79.74  ? 397 PHE A CA  1 
ATOM 712 C C   . PHE A 1 96  ? -8.113  -1.021  -0.854  1.00 85.04  ? 397 PHE A C   1 
ATOM 713 O O   . PHE A 1 96  ? -8.533  -1.373  -1.961  1.00 89.25  ? 397 PHE A O   1 
ATOM 714 C CB  . PHE A 1 96  ? -6.702  1.001   -0.808  1.00 83.34  ? 397 PHE A CB  1 
ATOM 715 C CG  . PHE A 1 96  ? -5.362  1.673   -0.717  1.00 80.71  ? 397 PHE A CG  1 
ATOM 716 C CD1 . PHE A 1 96  ? -4.567  1.536   0.384   1.00 90.38  ? 397 PHE A CD1 1 
ATOM 717 C CD2 . PHE A 1 96  ? -4.901  2.462   -1.757  1.00 83.90  ? 397 PHE A CD2 1 
ATOM 718 C CE1 . PHE A 1 96  ? -3.347  2.191   0.443   1.00 89.13  ? 397 PHE A CE1 1 
ATOM 719 C CE2 . PHE A 1 96  ? -3.675  3.109   -1.691  1.00 73.85  ? 397 PHE A CE2 1 
ATOM 720 C CZ  . PHE A 1 96  ? -2.907  2.974   -0.599  1.00 73.99  ? 397 PHE A CZ  1 
ATOM 721 N N   . SER A 1 97  ? -8.863  -1.014  0.251   1.00 98.19  ? 398 SER A N   1 
ATOM 722 C CA  . SER A 1 97  ? -10.301 -1.266  0.232   1.00 88.62  ? 398 SER A CA  1 
ATOM 723 C C   . SER A 1 97  ? -10.972 -0.414  -0.825  1.00 87.79  ? 398 SER A C   1 
ATOM 724 O O   . SER A 1 97  ? -10.724 0.787   -0.903  1.00 91.97  ? 398 SER A O   1 
ATOM 725 C CB  . SER A 1 97  ? -10.896 -0.940  1.597   1.00 86.95  ? 398 SER A CB  1 
ATOM 726 O OG  . SER A 1 97  ? -10.129 -1.508  2.640   1.00 87.84  ? 398 SER A OG  1 
ATOM 727 N N   . ASP A 1 98  ? -11.846 -1.017  -1.621  1.00 94.17  ? 399 ASP A N   1 
ATOM 728 C CA  . ASP A 1 98  ? -12.496 -0.290  -2.709  1.00 118.91 ? 399 ASP A CA  1 
ATOM 729 C C   . ASP A 1 98  ? -14.024 -0.372  -2.662  1.00 120.50 ? 399 ASP A C   1 
ATOM 730 O O   . ASP A 1 98  ? -14.692 0.083   -3.593  1.00 127.06 ? 399 ASP A O   1 
ATOM 731 C CB  . ASP A 1 98  ? -11.952 -0.796  -4.042  1.00 113.04 ? 399 ASP A CB  1 
ATOM 732 C CG  . ASP A 1 98  ? -11.875 -2.307  -4.084  1.00 140.33 ? 399 ASP A CG  1 
ATOM 733 O OD1 . ASP A 1 98  ? -12.273 -2.934  -3.070  1.00 127.93 ? 399 ASP A OD1 1 
ATOM 734 O OD2 . ASP A 1 98  ? -11.384 -2.858  -5.098  1.00 167.53 ? 399 ASP A OD2 1 
ATOM 735 N N   . ASP A 1 99  ? -14.596 -0.886  -1.576  1.00 101.76 ? 400 ASP A N   1 
ATOM 736 C CA  . ASP A 1 99  ? -16.032 -1.109  -1.501  1.00 97.30  ? 400 ASP A CA  1 
ATOM 737 C C   . ASP A 1 99  ? -16.774 0.194   -1.242  1.00 114.88 ? 400 ASP A C   1 
ATOM 738 O O   . ASP A 1 99  ? -17.927 0.185   -0.790  1.00 111.38 ? 400 ASP A O   1 
ATOM 739 C CB  . ASP A 1 99  ? -16.322 -2.139  -0.412  1.00 102.82 ? 400 ASP A CB  1 
ATOM 740 C CG  . ASP A 1 99  ? -15.974 -1.630  0.986   1.00 125.66 ? 400 ASP A CG  1 
ATOM 741 O OD1 . ASP A 1 99  ? -15.046 -0.792  1.104   1.00 127.23 ? 400 ASP A OD1 1 
ATOM 742 O OD2 . ASP A 1 99  ? -16.598 -2.094  1.967   1.00 126.07 ? 400 ASP A OD2 1 
ATOM 743 N N   . ILE A 1 100 ? -16.113 1.324   -1.514  1.00 135.62 ? 401 ILE A N   1 
ATOM 744 C CA  . ILE A 1 100 ? -16.721 2.629   -1.260  1.00 117.76 ? 401 ILE A CA  1 
ATOM 745 C C   . ILE A 1 100 ? -18.052 2.731   -1.998  1.00 111.66 ? 401 ILE A C   1 
ATOM 746 O O   . ILE A 1 100 ? -19.101 2.950   -1.383  1.00 107.82 ? 401 ILE A O   1 
ATOM 747 C CB  . ILE A 1 100 ? -15.761 3.761   -1.675  1.00 108.20 ? 401 ILE A CB  1 
ATOM 748 C CG1 . ILE A 1 100 ? -14.446 3.698   -0.902  1.00 100.43 ? 401 ILE A CG1 1 
ATOM 749 C CG2 . ILE A 1 100 ? -16.371 5.096   -1.327  1.00 95.11  ? 401 ILE A CG2 1 
ATOM 750 C CD1 . ILE A 1 100 ? -14.434 4.465   0.386   1.00 97.46  ? 401 ILE A CD1 1 
ATOM 751 N N   . GLU A 1 101 ? -18.040 2.510   -3.322  1.00 128.14 ? 402 GLU A N   1 
ATOM 752 C CA  . GLU A 1 101 ? -19.243 2.531   -4.154  1.00 125.23 ? 402 GLU A CA  1 
ATOM 753 C C   . GLU A 1 101 ? -20.239 1.438   -3.794  1.00 121.23 ? 402 GLU A C   1 
ATOM 754 O O   . GLU A 1 101 ? -21.274 1.329   -4.450  1.00 132.57 ? 402 GLU A O   1 
ATOM 755 C CB  . GLU A 1 101 ? -18.878 2.391   -5.639  1.00 132.64 ? 402 GLU A CB  1 
ATOM 756 C CG  . GLU A 1 101 ? -18.316 3.637   -6.300  1.00 121.18 ? 402 GLU A CG  1 
ATOM 757 C CD  . GLU A 1 101 ? -19.392 4.506   -6.944  1.00 139.01 ? 402 GLU A CD  1 
ATOM 758 O OE1 . GLU A 1 101 ? -20.596 4.255   -6.687  1.00 150.49 ? 402 GLU A OE1 1 
ATOM 759 O OE2 . GLU A 1 101 ? -19.025 5.446   -7.694  1.00 127.01 ? 402 GLU A OE2 1 
ATOM 760 N N   . GLN A 1 102 ? -19.953 0.608   -2.796  1.00 114.55 ? 403 GLN A N   1 
ATOM 761 C CA  . GLN A 1 102 ? -20.855 -0.466  -2.408  1.00 115.42 ? 403 GLN A CA  1 
ATOM 762 C C   . GLN A 1 102 ? -21.588 -0.086  -1.128  1.00 118.73 ? 403 GLN A C   1 
ATOM 763 O O   . GLN A 1 102 ? -22.788 0.161   -1.181  1.00 131.02 ? 403 GLN A O   1 
ATOM 764 C CB  . GLN A 1 102 ? -20.103 -1.793  -2.266  1.00 146.83 ? 403 GLN A CB  1 
ATOM 765 C CG  . GLN A 1 102 ? -20.822 -3.031  -2.872  1.00 138.61 ? 403 GLN A CG  1 
ATOM 766 C CD  . GLN A 1 102 ? -21.429 -2.767  -4.251  1.00 152.37 ? 403 GLN A CD  1 
ATOM 767 O OE1 . GLN A 1 102 ? -20.726 -2.417  -5.201  1.00 152.17 ? 403 GLN A OE1 1 
ATOM 768 N NE2 . GLN A 1 102 ? -22.753 -2.920  -4.357  1.00 145.72 ? 403 GLN A NE2 1 
ATOM 769 N N   . GLN A 1 103 ? -20.895 0.004   0.015   1.00 115.56 ? 404 GLN A N   1 
ATOM 770 C CA  . GLN A 1 103 ? -21.579 0.356   1.262   1.00 125.25 ? 404 GLN A CA  1 
ATOM 771 C C   . GLN A 1 103 ? -22.250 1.723   1.210   1.00 113.53 ? 404 GLN A C   1 
ATOM 772 O O   . GLN A 1 103 ? -23.224 1.956   1.931   1.00 115.94 ? 404 GLN A O   1 
ATOM 773 C CB  . GLN A 1 103 ? -20.622 0.256   2.452   1.00 115.79 ? 404 GLN A CB  1 
ATOM 774 C CG  . GLN A 1 103 ? -20.524 -1.161  2.975   1.00 124.91 ? 404 GLN A CG  1 
ATOM 775 C CD  . GLN A 1 103 ? -21.814 -1.575  3.720   1.00 140.08 ? 404 GLN A CD  1 
ATOM 776 O OE1 . GLN A 1 103 ? -22.650 -2.310  3.183   1.00 121.23 ? 404 GLN A OE1 1 
ATOM 777 N NE2 . GLN A 1 103 ? -21.964 -1.110  4.963   1.00 138.18 ? 404 GLN A NE2 1 
ATOM 778 N N   . ALA A 1 104 ? -21.778 2.629   0.359   1.00 113.99 ? 405 ALA A N   1 
ATOM 779 C CA  . ALA A 1 104 ? -22.495 3.886   0.193   1.00 116.06 ? 405 ALA A CA  1 
ATOM 780 C C   . ALA A 1 104 ? -23.850 3.664   -0.469  1.00 119.42 ? 405 ALA A C   1 
ATOM 781 O O   . ALA A 1 104 ? -24.848 4.282   -0.078  1.00 112.42 ? 405 ALA A O   1 
ATOM 782 C CB  . ALA A 1 104 ? -21.658 4.867   -0.621  1.00 121.23 ? 405 ALA A CB  1 
ATOM 783 N N   . ASP A 1 105 ? -23.907 2.796   -1.485  1.00 114.20 ? 406 ASP A N   1 
ATOM 784 C CA  . ASP A 1 105 ? -25.201 2.498   -2.085  1.00 114.94 ? 406 ASP A CA  1 
ATOM 785 C C   . ASP A 1 105 ? -26.116 1.852   -1.058  1.00 113.30 ? 406 ASP A C   1 
ATOM 786 O O   . ASP A 1 105 ? -27.294 2.212   -0.950  1.00 113.99 ? 406 ASP A O   1 
ATOM 787 C CB  . ASP A 1 105 ? -25.048 1.585   -3.300  1.00 120.08 ? 406 ASP A CB  1 
ATOM 788 C CG  . ASP A 1 105 ? -24.315 2.260   -4.457  1.00 143.70 ? 406 ASP A CG  1 
ATOM 789 O OD1 . ASP A 1 105 ? -23.743 3.364   -4.261  1.00 138.78 ? 406 ASP A OD1 1 
ATOM 790 O OD2 . ASP A 1 105 ? -24.360 1.704   -5.578  1.00 151.22 ? 406 ASP A OD2 1 
ATOM 791 N N   . ASN A 1 106 ? -25.572 0.914   -0.272  1.00 113.57 ? 407 ASN A N   1 
ATOM 792 C CA  . ASN A 1 106 ? -26.335 0.288   0.802   1.00 111.94 ? 407 ASN A CA  1 
ATOM 793 C C   . ASN A 1 106 ? -26.837 1.321   1.793   1.00 113.56 ? 407 ASN A C   1 
ATOM 794 O O   . ASN A 1 106 ? -28.035 1.365   2.084   1.00 118.06 ? 407 ASN A O   1 
ATOM 795 C CB  . ASN A 1 106 ? -25.494 -0.759  1.531   1.00 114.25 ? 407 ASN A CB  1 
ATOM 796 C CG  . ASN A 1 106 ? -25.029 -1.905  0.624   1.00 121.11 ? 407 ASN A CG  1 
ATOM 797 O OD1 . ASN A 1 106 ? -24.905 -1.760  -0.598  1.00 117.18 ? 407 ASN A OD1 1 
ATOM 798 N ND2 . ASN A 1 106 ? -24.775 -3.060  1.237   1.00 119.35 ? 407 ASN A ND2 1 
ATOM 799 N N   . MET A 1 107 ? -25.943 2.168   2.306   1.00 114.67 ? 408 MET A N   1 
ATOM 800 C CA  . MET A 1 107 ? -26.323 3.128   3.339   1.00 113.36 ? 408 MET A CA  1 
ATOM 801 C C   . MET A 1 107 ? -27.539 3.937   2.934   1.00 112.04 ? 408 MET A C   1 
ATOM 802 O O   . MET A 1 107 ? -28.478 4.089   3.720   1.00 115.93 ? 408 MET A O   1 
ATOM 803 C CB  . MET A 1 107 ? -25.179 4.082   3.645   1.00 110.19 ? 408 MET A CB  1 
ATOM 804 C CG  . MET A 1 107 ? -25.638 5.301   4.433   1.00 105.93 ? 408 MET A CG  1 
ATOM 805 S SD  . MET A 1 107 ? -24.406 6.596   4.625   1.00 110.01 ? 408 MET A SD  1 
ATOM 806 C CE  . MET A 1 107 ? -23.905 6.887   2.933   1.00 96.68  ? 408 MET A CE  1 
ATOM 807 N N   . ILE A 1 108 ? -27.546 4.479   1.718   1.00 110.90 ? 409 ILE A N   1 
ATOM 808 C CA  . ILE A 1 108 ? -28.628 5.407   1.414   1.00 121.83 ? 409 ILE A CA  1 
ATOM 809 C C   . ILE A 1 108 ? -29.872 4.687   0.908   1.00 127.84 ? 409 ILE A C   1 
ATOM 810 O O   . ILE A 1 108 ? -30.977 5.248   0.973   1.00 122.62 ? 409 ILE A O   1 
ATOM 811 C CB  . ILE A 1 108 ? -28.201 6.508   0.429   1.00 112.48 ? 409 ILE A CB  1 
ATOM 812 C CG1 . ILE A 1 108 ? -27.777 5.952   -0.908  1.00 115.02 ? 409 ILE A CG1 1 
ATOM 813 C CG2 . ILE A 1 108 ? -27.048 7.314   0.991   1.00 115.64 ? 409 ILE A CG2 1 
ATOM 814 C CD1 . ILE A 1 108 ? -27.633 7.061   -1.871  1.00 127.07 ? 409 ILE A CD1 1 
ATOM 815 N N   . THR A 1 109 ? -29.736 3.448   0.433   1.00 129.64 ? 410 THR A N   1 
ATOM 816 C CA  . THR A 1 109 ? -30.927 2.660   0.141   1.00 120.57 ? 410 THR A CA  1 
ATOM 817 C C   . THR A 1 109 ? -31.718 2.391   1.415   1.00 118.68 ? 410 THR A C   1 
ATOM 818 O O   . THR A 1 109 ? -32.936 2.605   1.447   1.00 122.89 ? 410 THR A O   1 
ATOM 819 C CB  . THR A 1 109 ? -30.542 1.369   -0.583  1.00 118.21 ? 410 THR A CB  1 
ATOM 820 O OG1 . THR A 1 109 ? -30.005 1.702   -1.868  1.00 122.32 ? 410 THR A OG1 1 
ATOM 821 C CG2 . THR A 1 109 ? -31.755 0.510   -0.809  1.00 123.05 ? 410 THR A CG2 1 
ATOM 822 N N   . GLU A 1 110 ? -31.041 1.974   2.495   1.00 126.74 ? 411 GLU A N   1 
ATOM 823 C CA  . GLU A 1 110 ? -31.716 1.931   3.791   1.00 133.41 ? 411 GLU A CA  1 
ATOM 824 C C   . GLU A 1 110 ? -32.266 3.290   4.204   1.00 118.80 ? 411 GLU A C   1 
ATOM 825 O O   . GLU A 1 110 ? -33.230 3.350   4.977   1.00 120.34 ? 411 GLU A O   1 
ATOM 826 C CB  . GLU A 1 110 ? -30.796 1.397   4.894   1.00 125.23 ? 411 GLU A CB  1 
ATOM 827 C CG  . GLU A 1 110 ? -30.632 -0.105  4.856   1.00 131.00 ? 411 GLU A CG  1 
ATOM 828 C CD  . GLU A 1 110 ? -29.200 -0.531  4.613   1.00 155.06 ? 411 GLU A CD  1 
ATOM 829 O OE1 . GLU A 1 110 ? -28.281 0.226   4.998   1.00 165.37 ? 411 GLU A OE1 1 
ATOM 830 O OE2 . GLU A 1 110 ? -28.997 -1.616  4.021   1.00 158.74 ? 411 GLU A OE2 1 
ATOM 831 N N   . MET A 1 111 ? -31.694 4.378   3.706   1.00 114.62 ? 412 MET A N   1 
ATOM 832 C CA  . MET A 1 111 ? -32.250 5.683   4.015   1.00 118.56 ? 412 MET A CA  1 
ATOM 833 C C   . MET A 1 111 ? -33.519 5.986   3.225   1.00 125.25 ? 412 MET A C   1 
ATOM 834 O O   . MET A 1 111 ? -34.369 6.742   3.707   1.00 120.95 ? 412 MET A O   1 
ATOM 835 C CB  . MET A 1 111 ? -31.205 6.777   3.781   1.00 113.84 ? 412 MET A CB  1 
ATOM 836 C CG  . MET A 1 111 ? -29.975 6.668   4.677   1.00 110.15 ? 412 MET A CG  1 
ATOM 837 S SD  . MET A 1 111 ? -29.433 8.260   5.354   1.00 106.35 ? 412 MET A SD  1 
ATOM 838 C CE  . MET A 1 111 ? -28.801 9.061   3.891   1.00 100.48 ? 412 MET A CE  1 
ATOM 839 N N   . LEU A 1 112 ? -33.682 5.406   2.039   1.00 129.21 ? 413 LEU A N   1 
ATOM 840 C CA  . LEU A 1 112 ? -34.851 5.722   1.231   1.00 119.54 ? 413 LEU A CA  1 
ATOM 841 C C   . LEU A 1 112 ? -36.056 4.825   1.517   1.00 123.45 ? 413 LEU A C   1 
ATOM 842 O O   . LEU A 1 112 ? -37.184 5.239   1.230   1.00 132.19 ? 413 LEU A O   1 
ATOM 843 C CB  . LEU A 1 112 ? -34.491 5.663   -0.255  1.00 112.28 ? 413 LEU A CB  1 
ATOM 844 C CG  . LEU A 1 112 ? -33.517 6.748   -0.733  1.00 107.77 ? 413 LEU A CG  1 
ATOM 845 C CD1 . LEU A 1 112 ? -33.433 6.791   -2.244  1.00 110.90 ? 413 LEU A CD1 1 
ATOM 846 C CD2 . LEU A 1 112 ? -33.897 8.104   -0.193  1.00 106.08 ? 413 LEU A CD2 1 
ATOM 847 N N   . GLN A 1 113 ? -35.859 3.625   2.094   1.00 136.98 ? 414 GLN A N   1 
ATOM 848 C CA  . GLN A 1 113 ? -36.963 2.722   2.435   1.00 121.53 ? 414 GLN A CA  1 
ATOM 849 C C   . GLN A 1 113 ? -37.721 3.153   3.690   1.00 141.26 ? 414 GLN A C   1 
ATOM 850 O O   . GLN A 1 113 ? -38.611 2.422   4.144   1.00 157.00 ? 414 GLN A O   1 
ATOM 851 C CB  . GLN A 1 113 ? -36.468 1.283   2.627   1.00 123.50 ? 414 GLN A CB  1 
ATOM 852 C CG  . GLN A 1 113 ? -35.412 1.094   3.729   1.00 139.48 ? 414 GLN A CG  1 
ATOM 853 C CD  . GLN A 1 113 ? -34.773 -0.308  3.723   1.00 147.33 ? 414 GLN A CD  1 
ATOM 854 O OE1 . GLN A 1 113 ? -34.749 -1.005  2.697   1.00 138.87 ? 414 GLN A OE1 1 
ATOM 855 N NE2 . GLN A 1 113 ? -34.269 -0.727  4.885   1.00 132.27 ? 414 GLN A NE2 1 
ATOM 856 N N   . LYS A 1 114 ? -37.360 4.291   4.285   1.00 148.17 ? 415 LYS A N   1 
ATOM 857 C CA  . LYS A 1 114 ? -38.216 5.036   5.202   1.00 138.44 ? 415 LYS A CA  1 
ATOM 858 C C   . LYS A 1 114 ? -38.687 6.345   4.584   1.00 141.08 ? 415 LYS A C   1 
ATOM 859 O O   . LYS A 1 114 ? -39.894 6.618   4.561   1.00 132.51 ? 415 LYS A O   1 
ATOM 860 C CB  . LYS A 1 114 ? -37.474 5.310   6.522   1.00 126.95 ? 415 LYS A CB  1 
ATOM 861 C CG  . LYS A 1 114 ? -37.636 4.211   7.574   1.00 124.52 ? 415 LYS A CG  1 
ATOM 862 C CD  . LYS A 1 114 ? -36.678 3.046   7.342   1.00 141.63 ? 415 LYS A CD  1 
ATOM 863 C CE  . LYS A 1 114 ? -36.416 2.266   8.635   1.00 131.54 ? 415 LYS A CE  1 
ATOM 864 N NZ  . LYS A 1 114 ? -37.651 1.743   9.284   1.00 100.02 ? 415 LYS A NZ  1 
ATOM 865 N N   . GLU A 1 115 ? -37.746 7.143   4.059   1.00 147.99 ? 416 GLU A N   1 
ATOM 866 C CA  . GLU A 1 115 ? -38.009 8.379   3.299   1.00 140.17 ? 416 GLU A CA  1 
ATOM 867 C C   . GLU A 1 115 ? -38.721 9.450   4.128   1.00 141.19 ? 416 GLU A C   1 
ATOM 868 O O   . GLU A 1 115 ? -38.330 10.623  4.109   1.00 128.36 ? 416 GLU A O   1 
ATOM 869 C CB  . GLU A 1 115 ? -38.810 8.064   2.016   1.00 139.42 ? 416 GLU A CB  1 
ATOM 870 C CG  . GLU A 1 115 ? -38.896 9.218   1.014   1.00 140.70 ? 416 GLU A CG  1 
ATOM 871 C CD  . GLU A 1 115 ? -40.075 10.152  1.299   1.00 149.46 ? 416 GLU A CD  1 
ATOM 872 O OE1 . GLU A 1 115 ? -41.126 9.642   1.758   1.00 133.89 ? 416 GLU A OE1 1 
ATOM 873 O OE2 . GLU A 1 115 ? -39.941 11.382  1.069   1.00 127.41 ? 416 GLU A OE2 1 
# 
